data_1IVP
# 
_entry.id   1IVP 
# 
_audit_conform.dict_name       mmcif_pdbx.dic 
_audit_conform.dict_version    5.386 
_audit_conform.dict_location   http://mmcif.pdb.org/dictionaries/ascii/mmcif_pdbx.dic 
# 
loop_
_database_2.database_id 
_database_2.database_code 
_database_2.pdbx_database_accession 
_database_2.pdbx_DOI 
PDB   1IVP         pdb_00001ivp 10.2210/pdb1ivp/pdb 
WWPDB D_1000174282 ?            ?                   
# 
loop_
_pdbx_audit_revision_history.ordinal 
_pdbx_audit_revision_history.data_content_type 
_pdbx_audit_revision_history.major_revision 
_pdbx_audit_revision_history.minor_revision 
_pdbx_audit_revision_history.revision_date 
1 'Structure model' 1 0 1993-07-15 
2 'Structure model' 1 1 2008-03-24 
3 'Structure model' 1 2 2011-07-13 
4 'Structure model' 1 3 2012-12-12 
5 'Structure model' 1 4 2017-11-29 
6 'Structure model' 1 5 2024-02-07 
# 
_pdbx_audit_revision_details.ordinal             1 
_pdbx_audit_revision_details.revision_ordinal    1 
_pdbx_audit_revision_details.data_content_type   'Structure model' 
_pdbx_audit_revision_details.provider            repository 
_pdbx_audit_revision_details.type                'Initial release' 
_pdbx_audit_revision_details.description         ? 
_pdbx_audit_revision_details.details             ? 
# 
loop_
_pdbx_audit_revision_group.ordinal 
_pdbx_audit_revision_group.revision_ordinal 
_pdbx_audit_revision_group.data_content_type 
_pdbx_audit_revision_group.group 
1  2 'Structure model' 'Version format compliance' 
2  3 'Structure model' 'Atomic model'              
3  3 'Structure model' 'Database references'       
4  3 'Structure model' 'Derived calculations'      
5  3 'Structure model' 'Non-polymer description'   
6  3 'Structure model' 'Structure summary'         
7  3 'Structure model' 'Version format compliance' 
8  4 'Structure model' Other                       
9  5 'Structure model' 'Derived calculations'      
10 5 'Structure model' Other                       
11 6 'Structure model' 'Data collection'           
12 6 'Structure model' 'Database references'       
13 6 'Structure model' 'Derived calculations'      
14 6 'Structure model' 'Structure summary'         
# 
loop_
_pdbx_audit_revision_category.ordinal 
_pdbx_audit_revision_category.revision_ordinal 
_pdbx_audit_revision_category.data_content_type 
_pdbx_audit_revision_category.category 
1  5 'Structure model' pdbx_database_status 
2  5 'Structure model' struct_conf          
3  5 'Structure model' struct_conf_type     
4  6 'Structure model' chem_comp            
5  6 'Structure model' chem_comp_atom       
6  6 'Structure model' chem_comp_bond       
7  6 'Structure model' database_2           
8  6 'Structure model' entity               
9  6 'Structure model' pdbx_entity_nonpoly  
10 6 'Structure model' struct_ref_seq_dif   
11 6 'Structure model' struct_site          
# 
loop_
_pdbx_audit_revision_item.ordinal 
_pdbx_audit_revision_item.revision_ordinal 
_pdbx_audit_revision_item.data_content_type 
_pdbx_audit_revision_item.item 
1  5 'Structure model' '_pdbx_database_status.process_site'  
2  6 'Structure model' '_chem_comp.name'                     
3  6 'Structure model' '_database_2.pdbx_DOI'                
4  6 'Structure model' '_database_2.pdbx_database_accession' 
5  6 'Structure model' '_entity.pdbx_description'            
6  6 'Structure model' '_pdbx_entity_nonpoly.name'           
7  6 'Structure model' '_struct_ref_seq_dif.details'         
8  6 'Structure model' '_struct_site.pdbx_auth_asym_id'      
9  6 'Structure model' '_struct_site.pdbx_auth_comp_id'      
10 6 'Structure model' '_struct_site.pdbx_auth_seq_id'       
# 
_pdbx_database_status.status_code                     REL 
_pdbx_database_status.entry_id                        1IVP 
_pdbx_database_status.recvd_initial_deposition_date   1993-03-18 
_pdbx_database_status.deposit_site                    ? 
_pdbx_database_status.process_site                    BNL 
_pdbx_database_status.SG_entry                        . 
_pdbx_database_status.pdb_format_compatible           Y 
_pdbx_database_status.status_code_mr                  ? 
_pdbx_database_status.status_code_sf                  ? 
_pdbx_database_status.status_code_cs                  ? 
_pdbx_database_status.methods_development_category    ? 
_pdbx_database_status.status_code_nmr_data            ? 
# 
_pdbx_database_related.db_name        PDB 
_pdbx_database_related.db_id          1IVQ 
_pdbx_database_related.details        . 
_pdbx_database_related.content_type   unspecified 
# 
loop_
_audit_author.name 
_audit_author.pdbx_ordinal 
'Mulichak, A.M.'   1 
'Watenpaugh, K.D.' 2 
# 
_citation.id                        primary 
_citation.title                     
;The crystallographic structure of the protease from human immunodeficiency virus type 2 with two synthetic peptidic transition state analog inhibitors.
;
_citation.journal_abbrev            J.Biol.Chem. 
_citation.journal_volume            268 
_citation.page_first                13103 
_citation.page_last                 13109 
_citation.year                      1993 
_citation.journal_id_ASTM           JBCHA3 
_citation.country                   US 
_citation.journal_id_ISSN           0021-9258 
_citation.journal_id_CSD            0071 
_citation.book_publisher            ? 
_citation.pdbx_database_id_PubMed   8514751 
_citation.pdbx_database_id_DOI      ? 
# 
loop_
_citation_author.citation_id 
_citation_author.name 
_citation_author.ordinal 
_citation_author.identifier_ORCID 
primary 'Mulichak, A.M.'   1 ? 
primary 'Hui, J.O.'        2 ? 
primary 'Tomasselli, A.G.' 3 ? 
primary 'Heinrikson, R.L.' 4 ? 
primary 'Curry, K.A.'      5 ? 
primary 'Tomich, C.S.'     6 ? 
primary 'Thaisrivongs, S.' 7 ? 
primary 'Sawyer, T.K.'     8 ? 
primary 'Watenpaugh, K.D.' 9 ? 
# 
loop_
_entity.id 
_entity.type 
_entity.src_method 
_entity.pdbx_description 
_entity.formula_weight 
_entity.pdbx_number_of_molecules 
_entity.pdbx_ec 
_entity.pdbx_mutation 
_entity.pdbx_fragment 
_entity.details 
1 polymer     man 'HIV-2 PROTEASE' 10712.315 2  ? ? ? ? 
2 non-polymer syn 
;4-[(2R)-3-{[(1S,2S,3R,4S)-1-(cyclohexylmethyl)-2,3-dihydroxy-5-methyl-4-({(1S,2R)-2-methyl-1-[(pyridin-2-ylmethyl)carba moyl]butyl}carbamoyl)hexyl]amino}-2-{[(naphthalen-1-yloxy)acetyl]amino}-3-oxopropyl]-1H-imidazol-3-ium
;
813.016   1  ? ? ? ? 
3 water       nat water 18.015    41 ? ? ? ? 
# 
_entity_poly.entity_id                      1 
_entity_poly.type                           'polypeptide(L)' 
_entity_poly.nstd_linkage                   no 
_entity_poly.nstd_monomer                   no 
_entity_poly.pdbx_seq_one_letter_code       
;PQFSLWKRPVVTAYIEGQPVEVLLDTGADDSIVAGIELGNNYSPKIVGGIGGFINTLEYKNVEIEVLNKKVRATIMTGDT
PINIFGRNILTALGMSLNL
;
_entity_poly.pdbx_seq_one_letter_code_can   
;PQFSLWKRPVVTAYIEGQPVEVLLDTGADDSIVAGIELGNNYSPKIVGGIGGFINTLEYKNVEIEVLNKKVRATIMTGDT
PINIFGRNILTALGMSLNL
;
_entity_poly.pdbx_strand_id                 A,B 
_entity_poly.pdbx_target_identifier         ? 
# 
loop_
_pdbx_entity_nonpoly.entity_id 
_pdbx_entity_nonpoly.name 
_pdbx_entity_nonpoly.comp_id 
2 
;4-[(2R)-3-{[(1S,2S,3R,4S)-1-(cyclohexylmethyl)-2,3-dihydroxy-5-methyl-4-({(1S,2R)-2-methyl-1-[(pyridin-2-ylmethyl)carba moyl]butyl}carbamoyl)hexyl]amino}-2-{[(naphthalen-1-yloxy)acetyl]amino}-3-oxopropyl]-1H-imidazol-3-ium
;
1ZK 
3 water HOH 
# 
loop_
_entity_poly_seq.entity_id 
_entity_poly_seq.num 
_entity_poly_seq.mon_id 
_entity_poly_seq.hetero 
1 1  PRO n 
1 2  GLN n 
1 3  PHE n 
1 4  SER n 
1 5  LEU n 
1 6  TRP n 
1 7  LYS n 
1 8  ARG n 
1 9  PRO n 
1 10 VAL n 
1 11 VAL n 
1 12 THR n 
1 13 ALA n 
1 14 TYR n 
1 15 ILE n 
1 16 GLU n 
1 17 GLY n 
1 18 GLN n 
1 19 PRO n 
1 20 VAL n 
1 21 GLU n 
1 22 VAL n 
1 23 LEU n 
1 24 LEU n 
1 25 ASP n 
1 26 THR n 
1 27 GLY n 
1 28 ALA n 
1 29 ASP n 
1 30 ASP n 
1 31 SER n 
1 32 ILE n 
1 33 VAL n 
1 34 ALA n 
1 35 GLY n 
1 36 ILE n 
1 37 GLU n 
1 38 LEU n 
1 39 GLY n 
1 40 ASN n 
1 41 ASN n 
1 42 TYR n 
1 43 SER n 
1 44 PRO n 
1 45 LYS n 
1 46 ILE n 
1 47 VAL n 
1 48 GLY n 
1 49 GLY n 
1 50 ILE n 
1 51 GLY n 
1 52 GLY n 
1 53 PHE n 
1 54 ILE n 
1 55 ASN n 
1 56 THR n 
1 57 LEU n 
1 58 GLU n 
1 59 TYR n 
1 60 LYS n 
1 61 ASN n 
1 62 VAL n 
1 63 GLU n 
1 64 ILE n 
1 65 GLU n 
1 66 VAL n 
1 67 LEU n 
1 68 ASN n 
1 69 LYS n 
1 70 LYS n 
1 71 VAL n 
1 72 ARG n 
1 73 ALA n 
1 74 THR n 
1 75 ILE n 
1 76 MET n 
1 77 THR n 
1 78 GLY n 
1 79 ASP n 
1 80 THR n 
1 81 PRO n 
1 82 ILE n 
1 83 ASN n 
1 84 ILE n 
1 85 PHE n 
1 86 GLY n 
1 87 ARG n 
1 88 ASN n 
1 89 ILE n 
1 90 LEU n 
1 91 THR n 
1 92 ALA n 
1 93 LEU n 
1 94 GLY n 
1 95 MET n 
1 96 SER n 
1 97 LEU n 
1 98 ASN n 
1 99 LEU n 
# 
_entity_src_gen.entity_id                          1 
_entity_src_gen.pdbx_src_id                        1 
_entity_src_gen.pdbx_alt_source_flag               sample 
_entity_src_gen.pdbx_seq_type                      ? 
_entity_src_gen.pdbx_beg_seq_num                   ? 
_entity_src_gen.pdbx_end_seq_num                   ? 
_entity_src_gen.gene_src_common_name               ? 
_entity_src_gen.gene_src_genus                     Lentivirus 
_entity_src_gen.pdbx_gene_src_gene                 ? 
_entity_src_gen.gene_src_species                   ? 
_entity_src_gen.gene_src_strain                    ? 
_entity_src_gen.gene_src_tissue                    ? 
_entity_src_gen.gene_src_tissue_fraction           ? 
_entity_src_gen.gene_src_details                   ? 
_entity_src_gen.pdbx_gene_src_fragment             ? 
_entity_src_gen.pdbx_gene_src_scientific_name      'Human immunodeficiency virus 2' 
_entity_src_gen.pdbx_gene_src_ncbi_taxonomy_id     11709 
_entity_src_gen.pdbx_gene_src_variant              ? 
_entity_src_gen.pdbx_gene_src_cell_line            ? 
_entity_src_gen.pdbx_gene_src_atcc                 ? 
_entity_src_gen.pdbx_gene_src_organ                ? 
_entity_src_gen.pdbx_gene_src_organelle            ? 
_entity_src_gen.pdbx_gene_src_cell                 ? 
_entity_src_gen.pdbx_gene_src_cellular_location    ? 
_entity_src_gen.host_org_common_name               ? 
_entity_src_gen.pdbx_host_org_scientific_name      'Escherichia coli' 
_entity_src_gen.pdbx_host_org_ncbi_taxonomy_id     562 
_entity_src_gen.host_org_genus                     Escherichia 
_entity_src_gen.pdbx_host_org_gene                 ? 
_entity_src_gen.pdbx_host_org_organ                ? 
_entity_src_gen.host_org_species                   ? 
_entity_src_gen.pdbx_host_org_tissue               ? 
_entity_src_gen.pdbx_host_org_tissue_fraction      ? 
_entity_src_gen.pdbx_host_org_strain               ? 
_entity_src_gen.pdbx_host_org_variant              ? 
_entity_src_gen.pdbx_host_org_cell_line            ? 
_entity_src_gen.pdbx_host_org_atcc                 ? 
_entity_src_gen.pdbx_host_org_culture_collection   ? 
_entity_src_gen.pdbx_host_org_cell                 ? 
_entity_src_gen.pdbx_host_org_organelle            ? 
_entity_src_gen.pdbx_host_org_cellular_location    ? 
_entity_src_gen.pdbx_host_org_vector_type          ? 
_entity_src_gen.pdbx_host_org_vector               ? 
_entity_src_gen.host_org_details                   ? 
_entity_src_gen.expression_system_id               ? 
_entity_src_gen.plasmid_name                       ? 
_entity_src_gen.plasmid_details                    ? 
_entity_src_gen.pdbx_description                   ? 
# 
loop_
_chem_comp.id 
_chem_comp.type 
_chem_comp.mon_nstd_flag 
_chem_comp.name 
_chem_comp.pdbx_synonyms 
_chem_comp.formula 
_chem_comp.formula_weight 
1ZK peptide-like        . 
;4-[(2R)-3-{[(1S,2S,3R,4S)-1-(cyclohexylmethyl)-2,3-dihydroxy-5-methyl-4-({(1S,2R)-2-methyl-1-[(pyridin-2-ylmethyl)carba moyl]butyl}carbamoyl)hexyl]amino}-2-{[(naphthalen-1-yloxy)acetyl]amino}-3-oxopropyl]-1H-imidazol-3-ium
;
U75875 'C45 H62 N7 O7 1' 813.016 
ALA 'L-peptide linking' y ALANINE ?      'C3 H7 N O2'      89.093  
ARG 'L-peptide linking' y ARGININE ?      'C6 H15 N4 O2 1'  175.209 
ASN 'L-peptide linking' y ASPARAGINE ?      'C4 H8 N2 O3'     132.118 
ASP 'L-peptide linking' y 'ASPARTIC ACID' ?      'C4 H7 N O4'      133.103 
GLN 'L-peptide linking' y GLUTAMINE ?      'C5 H10 N2 O3'    146.144 
GLU 'L-peptide linking' y 'GLUTAMIC ACID' ?      'C5 H9 N O4'      147.129 
GLY 'peptide linking'   y GLYCINE ?      'C2 H5 N O2'      75.067  
HOH non-polymer         . WATER ?      'H2 O'            18.015  
ILE 'L-peptide linking' y ISOLEUCINE ?      'C6 H13 N O2'     131.173 
LEU 'L-peptide linking' y LEUCINE ?      'C6 H13 N O2'     131.173 
LYS 'L-peptide linking' y LYSINE ?      'C6 H15 N2 O2 1'  147.195 
MET 'L-peptide linking' y METHIONINE ?      'C5 H11 N O2 S'   149.211 
PHE 'L-peptide linking' y PHENYLALANINE ?      'C9 H11 N O2'     165.189 
PRO 'L-peptide linking' y PROLINE ?      'C5 H9 N O2'      115.130 
SER 'L-peptide linking' y SERINE ?      'C3 H7 N O3'      105.093 
THR 'L-peptide linking' y THREONINE ?      'C4 H9 N O3'      119.119 
TRP 'L-peptide linking' y TRYPTOPHAN ?      'C11 H12 N2 O2'   204.225 
TYR 'L-peptide linking' y TYROSINE ?      'C9 H11 N O3'     181.189 
VAL 'L-peptide linking' y VALINE ?      'C5 H11 N O2'     117.146 
# 
loop_
_pdbx_poly_seq_scheme.asym_id 
_pdbx_poly_seq_scheme.entity_id 
_pdbx_poly_seq_scheme.seq_id 
_pdbx_poly_seq_scheme.mon_id 
_pdbx_poly_seq_scheme.ndb_seq_num 
_pdbx_poly_seq_scheme.pdb_seq_num 
_pdbx_poly_seq_scheme.auth_seq_num 
_pdbx_poly_seq_scheme.pdb_mon_id 
_pdbx_poly_seq_scheme.auth_mon_id 
_pdbx_poly_seq_scheme.pdb_strand_id 
_pdbx_poly_seq_scheme.pdb_ins_code 
_pdbx_poly_seq_scheme.hetero 
A 1 1  PRO 1  1  1  PRO PRO A . n 
A 1 2  GLN 2  2  2  GLN GLN A . n 
A 1 3  PHE 3  3  3  PHE PHE A . n 
A 1 4  SER 4  4  4  SER SER A . n 
A 1 5  LEU 5  5  5  LEU LEU A . n 
A 1 6  TRP 6  6  6  TRP TRP A . n 
A 1 7  LYS 7  7  7  LYS LYS A . n 
A 1 8  ARG 8  8  8  ARG ARG A . n 
A 1 9  PRO 9  9  9  PRO PRO A . n 
A 1 10 VAL 10 10 10 VAL VAL A . n 
A 1 11 VAL 11 11 11 VAL VAL A . n 
A 1 12 THR 12 12 12 THR THR A . n 
A 1 13 ALA 13 13 13 ALA ALA A . n 
A 1 14 TYR 14 14 14 TYR TYR A . n 
A 1 15 ILE 15 15 15 ILE ILE A . n 
A 1 16 GLU 16 16 16 GLU GLU A . n 
A 1 17 GLY 17 17 17 GLY GLY A . n 
A 1 18 GLN 18 18 18 GLN GLN A . n 
A 1 19 PRO 19 19 19 PRO PRO A . n 
A 1 20 VAL 20 20 20 VAL VAL A . n 
A 1 21 GLU 21 21 21 GLU GLU A . n 
A 1 22 VAL 22 22 22 VAL VAL A . n 
A 1 23 LEU 23 23 23 LEU LEU A . n 
A 1 24 LEU 24 24 24 LEU LEU A . n 
A 1 25 ASP 25 25 25 ASP ASP A . n 
A 1 26 THR 26 26 26 THR THR A . n 
A 1 27 GLY 27 27 27 GLY GLY A . n 
A 1 28 ALA 28 28 28 ALA ALA A . n 
A 1 29 ASP 29 29 29 ASP ASP A . n 
A 1 30 ASP 30 30 30 ASP ASP A . n 
A 1 31 SER 31 31 31 SER SER A . n 
A 1 32 ILE 32 32 32 ILE ILE A . n 
A 1 33 VAL 33 33 33 VAL VAL A . n 
A 1 34 ALA 34 34 34 ALA ALA A . n 
A 1 35 GLY 35 35 35 GLY GLY A . n 
A 1 36 ILE 36 36 36 ILE ILE A . n 
A 1 37 GLU 37 37 37 GLU GLU A . n 
A 1 38 LEU 38 38 38 LEU LEU A . n 
A 1 39 GLY 39 39 39 GLY GLY A . n 
A 1 40 ASN 40 40 40 ASN ASN A . n 
A 1 41 ASN 41 41 41 ASN ASN A . n 
A 1 42 TYR 42 42 42 TYR TYR A . n 
A 1 43 SER 43 43 43 SER SER A . n 
A 1 44 PRO 44 44 44 PRO PRO A . n 
A 1 45 LYS 45 45 45 LYS LYS A . n 
A 1 46 ILE 46 46 46 ILE ILE A . n 
A 1 47 VAL 47 47 47 VAL VAL A . n 
A 1 48 GLY 48 48 48 GLY GLY A . n 
A 1 49 GLY 49 49 49 GLY GLY A . n 
A 1 50 ILE 50 50 50 ILE ILE A . n 
A 1 51 GLY 51 51 51 GLY GLY A . n 
A 1 52 GLY 52 52 52 GLY GLY A . n 
A 1 53 PHE 53 53 53 PHE PHE A . n 
A 1 54 ILE 54 54 54 ILE ILE A . n 
A 1 55 ASN 55 55 55 ASN ASN A . n 
A 1 56 THR 56 56 56 THR THR A . n 
A 1 57 LEU 57 57 57 LEU LEU A . n 
A 1 58 GLU 58 58 58 GLU GLU A . n 
A 1 59 TYR 59 59 59 TYR TYR A . n 
A 1 60 LYS 60 60 60 LYS LYS A . n 
A 1 61 ASN 61 61 61 ASN ASN A . n 
A 1 62 VAL 62 62 62 VAL VAL A . n 
A 1 63 GLU 63 63 63 GLU GLU A . n 
A 1 64 ILE 64 64 64 ILE ILE A . n 
A 1 65 GLU 65 65 65 GLU GLU A . n 
A 1 66 VAL 66 66 66 VAL VAL A . n 
A 1 67 LEU 67 67 67 LEU LEU A . n 
A 1 68 ASN 68 68 68 ASN ASN A . n 
A 1 69 LYS 69 69 69 LYS LYS A . n 
A 1 70 LYS 70 70 70 LYS LYS A . n 
A 1 71 VAL 71 71 71 VAL VAL A . n 
A 1 72 ARG 72 72 72 ARG ARG A . n 
A 1 73 ALA 73 73 73 ALA ALA A . n 
A 1 74 THR 74 74 74 THR THR A . n 
A 1 75 ILE 75 75 75 ILE ILE A . n 
A 1 76 MET 76 76 76 MET MET A . n 
A 1 77 THR 77 77 77 THR THR A . n 
A 1 78 GLY 78 78 78 GLY GLY A . n 
A 1 79 ASP 79 79 79 ASP ASP A . n 
A 1 80 THR 80 80 80 THR THR A . n 
A 1 81 PRO 81 81 81 PRO PRO A . n 
A 1 82 ILE 82 82 82 ILE ILE A . n 
A 1 83 ASN 83 83 83 ASN ASN A . n 
A 1 84 ILE 84 84 84 ILE ILE A . n 
A 1 85 PHE 85 85 85 PHE PHE A . n 
A 1 86 GLY 86 86 86 GLY GLY A . n 
A 1 87 ARG 87 87 87 ARG ARG A . n 
A 1 88 ASN 88 88 88 ASN ASN A . n 
A 1 89 ILE 89 89 89 ILE ILE A . n 
A 1 90 LEU 90 90 90 LEU LEU A . n 
A 1 91 THR 91 91 91 THR THR A . n 
A 1 92 ALA 92 92 92 ALA ALA A . n 
A 1 93 LEU 93 93 93 LEU LEU A . n 
A 1 94 GLY 94 94 94 GLY GLY A . n 
A 1 95 MET 95 95 95 MET MET A . n 
A 1 96 SER 96 96 96 SER SER A . n 
A 1 97 LEU 97 97 97 LEU LEU A . n 
A 1 98 ASN 98 98 98 ASN ASN A . n 
A 1 99 LEU 99 99 99 LEU LEU A . n 
B 1 1  PRO 1  1  1  PRO PRO B . n 
B 1 2  GLN 2  2  2  GLN GLN B . n 
B 1 3  PHE 3  3  3  PHE PHE B . n 
B 1 4  SER 4  4  4  SER SER B . n 
B 1 5  LEU 5  5  5  LEU LEU B . n 
B 1 6  TRP 6  6  6  TRP TRP B . n 
B 1 7  LYS 7  7  7  LYS LYS B . n 
B 1 8  ARG 8  8  8  ARG ARG B . n 
B 1 9  PRO 9  9  9  PRO PRO B . n 
B 1 10 VAL 10 10 10 VAL VAL B . n 
B 1 11 VAL 11 11 11 VAL VAL B . n 
B 1 12 THR 12 12 12 THR THR B . n 
B 1 13 ALA 13 13 13 ALA ALA B . n 
B 1 14 TYR 14 14 14 TYR TYR B . n 
B 1 15 ILE 15 15 15 ILE ILE B . n 
B 1 16 GLU 16 16 16 GLU GLU B . n 
B 1 17 GLY 17 17 17 GLY GLY B . n 
B 1 18 GLN 18 18 18 GLN GLN B . n 
B 1 19 PRO 19 19 19 PRO PRO B . n 
B 1 20 VAL 20 20 20 VAL VAL B . n 
B 1 21 GLU 21 21 21 GLU GLU B . n 
B 1 22 VAL 22 22 22 VAL VAL B . n 
B 1 23 LEU 23 23 23 LEU LEU B . n 
B 1 24 LEU 24 24 24 LEU LEU B . n 
B 1 25 ASP 25 25 25 ASP ASP B . n 
B 1 26 THR 26 26 26 THR THR B . n 
B 1 27 GLY 27 27 27 GLY GLY B . n 
B 1 28 ALA 28 28 28 ALA ALA B . n 
B 1 29 ASP 29 29 29 ASP ASP B . n 
B 1 30 ASP 30 30 30 ASP ASP B . n 
B 1 31 SER 31 31 31 SER SER B . n 
B 1 32 ILE 32 32 32 ILE ILE B . n 
B 1 33 VAL 33 33 33 VAL VAL B . n 
B 1 34 ALA 34 34 34 ALA ALA B . n 
B 1 35 GLY 35 35 35 GLY GLY B . n 
B 1 36 ILE 36 36 36 ILE ILE B . n 
B 1 37 GLU 37 37 37 GLU GLU B . n 
B 1 38 LEU 38 38 38 LEU LEU B . n 
B 1 39 GLY 39 39 39 GLY GLY B . n 
B 1 40 ASN 40 40 40 ASN ASN B . n 
B 1 41 ASN 41 41 41 ASN ASN B . n 
B 1 42 TYR 42 42 42 TYR TYR B . n 
B 1 43 SER 43 43 43 SER SER B . n 
B 1 44 PRO 44 44 44 PRO PRO B . n 
B 1 45 LYS 45 45 45 LYS LYS B . n 
B 1 46 ILE 46 46 46 ILE ILE B . n 
B 1 47 VAL 47 47 47 VAL VAL B . n 
B 1 48 GLY 48 48 48 GLY GLY B . n 
B 1 49 GLY 49 49 49 GLY GLY B . n 
B 1 50 ILE 50 50 50 ILE ILE B . n 
B 1 51 GLY 51 51 51 GLY GLY B . n 
B 1 52 GLY 52 52 52 GLY GLY B . n 
B 1 53 PHE 53 53 53 PHE PHE B . n 
B 1 54 ILE 54 54 54 ILE ILE B . n 
B 1 55 ASN 55 55 55 ASN ASN B . n 
B 1 56 THR 56 56 56 THR THR B . n 
B 1 57 LEU 57 57 57 LEU LEU B . n 
B 1 58 GLU 58 58 58 GLU GLU B . n 
B 1 59 TYR 59 59 59 TYR TYR B . n 
B 1 60 LYS 60 60 60 LYS LYS B . n 
B 1 61 ASN 61 61 61 ASN ASN B . n 
B 1 62 VAL 62 62 62 VAL VAL B . n 
B 1 63 GLU 63 63 63 GLU GLU B . n 
B 1 64 ILE 64 64 64 ILE ILE B . n 
B 1 65 GLU 65 65 65 GLU GLU B . n 
B 1 66 VAL 66 66 66 VAL VAL B . n 
B 1 67 LEU 67 67 67 LEU LEU B . n 
B 1 68 ASN 68 68 68 ASN ASN B . n 
B 1 69 LYS 69 69 69 LYS LYS B . n 
B 1 70 LYS 70 70 70 LYS LYS B . n 
B 1 71 VAL 71 71 71 VAL VAL B . n 
B 1 72 ARG 72 72 72 ARG ARG B . n 
B 1 73 ALA 73 73 73 ALA ALA B . n 
B 1 74 THR 74 74 74 THR THR B . n 
B 1 75 ILE 75 75 75 ILE ILE B . n 
B 1 76 MET 76 76 76 MET MET B . n 
B 1 77 THR 77 77 77 THR THR B . n 
B 1 78 GLY 78 78 78 GLY GLY B . n 
B 1 79 ASP 79 79 79 ASP ASP B . n 
B 1 80 THR 80 80 80 THR THR B . n 
B 1 81 PRO 81 81 81 PRO PRO B . n 
B 1 82 ILE 82 82 82 ILE ILE B . n 
B 1 83 ASN 83 83 83 ASN ASN B . n 
B 1 84 ILE 84 84 84 ILE ILE B . n 
B 1 85 PHE 85 85 85 PHE PHE B . n 
B 1 86 GLY 86 86 86 GLY GLY B . n 
B 1 87 ARG 87 87 87 ARG ARG B . n 
B 1 88 ASN 88 88 88 ASN ASN B . n 
B 1 89 ILE 89 89 89 ILE ILE B . n 
B 1 90 LEU 90 90 90 LEU LEU B . n 
B 1 91 THR 91 91 91 THR THR B . n 
B 1 92 ALA 92 92 92 ALA ALA B . n 
B 1 93 LEU 93 93 93 LEU LEU B . n 
B 1 94 GLY 94 94 94 GLY GLY B . n 
B 1 95 MET 95 95 95 MET MET B . n 
B 1 96 SER 96 96 96 SER SER B . n 
B 1 97 LEU 97 97 97 LEU LEU B . n 
B 1 98 ASN 98 98 98 ASN ASN B . n 
B 1 99 LEU 99 99 99 LEU LEU B . n 
# 
loop_
_pdbx_nonpoly_scheme.asym_id 
_pdbx_nonpoly_scheme.entity_id 
_pdbx_nonpoly_scheme.mon_id 
_pdbx_nonpoly_scheme.ndb_seq_num 
_pdbx_nonpoly_scheme.pdb_seq_num 
_pdbx_nonpoly_scheme.auth_seq_num 
_pdbx_nonpoly_scheme.pdb_mon_id 
_pdbx_nonpoly_scheme.auth_mon_id 
_pdbx_nonpoly_scheme.pdb_strand_id 
_pdbx_nonpoly_scheme.pdb_ins_code 
C 2 1ZK 1  100 1   1ZK NOA B . 
D 3 HOH 1  400 400 HOH HOH A . 
D 3 HOH 2  401 401 HOH HOH A . 
D 3 HOH 3  402 402 HOH HOH A . 
D 3 HOH 4  403 403 HOH HOH A . 
D 3 HOH 5  404 404 HOH HOH A . 
D 3 HOH 6  405 405 HOH HOH A . 
D 3 HOH 7  406 406 HOH HOH A . 
D 3 HOH 8  407 407 HOH HOH A . 
D 3 HOH 9  408 408 HOH HOH A . 
D 3 HOH 10 417 417 HOH HOH A . 
D 3 HOH 11 418 418 HOH HOH A . 
D 3 HOH 12 419 419 HOH HOH A . 
D 3 HOH 13 420 420 HOH HOH A . 
D 3 HOH 14 422 422 HOH HOH A . 
D 3 HOH 15 423 423 HOH HOH A . 
D 3 HOH 16 424 424 HOH HOH A . 
D 3 HOH 17 425 425 HOH HOH A . 
D 3 HOH 18 426 426 HOH HOH A . 
D 3 HOH 19 427 427 HOH HOH A . 
D 3 HOH 20 428 428 HOH HOH A . 
D 3 HOH 21 429 429 HOH HOH A . 
D 3 HOH 22 436 436 HOH HOH A . 
D 3 HOH 23 437 437 HOH HOH A . 
D 3 HOH 24 438 438 HOH HOH A . 
E 3 HOH 1  409 409 HOH HOH B . 
E 3 HOH 2  410 410 HOH HOH B . 
E 3 HOH 3  411 411 HOH HOH B . 
E 3 HOH 4  412 412 HOH HOH B . 
E 3 HOH 5  413 413 HOH HOH B . 
E 3 HOH 6  414 414 HOH HOH B . 
E 3 HOH 7  415 415 HOH HOH B . 
E 3 HOH 8  421 421 HOH HOH B . 
E 3 HOH 9  430 430 HOH HOH B . 
E 3 HOH 10 431 431 HOH HOH B . 
E 3 HOH 11 432 432 HOH HOH B . 
E 3 HOH 12 433 433 HOH HOH B . 
E 3 HOH 13 434 434 HOH HOH B . 
E 3 HOH 14 435 435 HOH HOH B . 
E 3 HOH 15 439 439 HOH HOH B . 
E 3 HOH 16 440 440 HOH HOH B . 
E 3 HOH 17 441 441 HOH HOH B . 
# 
loop_
_pdbx_unobs_or_zero_occ_atoms.id 
_pdbx_unobs_or_zero_occ_atoms.PDB_model_num 
_pdbx_unobs_or_zero_occ_atoms.polymer_flag 
_pdbx_unobs_or_zero_occ_atoms.occupancy_flag 
_pdbx_unobs_or_zero_occ_atoms.auth_asym_id 
_pdbx_unobs_or_zero_occ_atoms.auth_comp_id 
_pdbx_unobs_or_zero_occ_atoms.auth_seq_id 
_pdbx_unobs_or_zero_occ_atoms.PDB_ins_code 
_pdbx_unobs_or_zero_occ_atoms.auth_atom_id 
_pdbx_unobs_or_zero_occ_atoms.label_alt_id 
_pdbx_unobs_or_zero_occ_atoms.label_asym_id 
_pdbx_unobs_or_zero_occ_atoms.label_comp_id 
_pdbx_unobs_or_zero_occ_atoms.label_seq_id 
_pdbx_unobs_or_zero_occ_atoms.label_atom_id 
1  1 Y 1 A LYS 7  ? CG  ? A LYS 7  CG  
2  1 Y 1 A LYS 7  ? CD  ? A LYS 7  CD  
3  1 Y 1 A LYS 7  ? CE  ? A LYS 7  CE  
4  1 Y 1 A LYS 7  ? NZ  ? A LYS 7  NZ  
5  1 Y 1 A GLU 21 ? CG  ? A GLU 21 CG  
6  1 Y 1 A GLU 21 ? CD  ? A GLU 21 CD  
7  1 Y 1 A GLU 21 ? OE1 ? A GLU 21 OE1 
8  1 Y 1 A GLU 21 ? OE2 ? A GLU 21 OE2 
9  1 Y 1 A SER 43 ? OG  ? A SER 43 OG  
10 1 Y 1 A LEU 57 ? CD1 ? A LEU 57 CD1 
11 1 Y 1 A LEU 57 ? CD2 ? A LEU 57 CD2 
12 1 Y 1 A ASN 61 ? CG  ? A ASN 61 CG  
13 1 Y 1 A ASN 61 ? OD1 ? A ASN 61 OD1 
14 1 Y 1 A ASN 61 ? ND2 ? A ASN 61 ND2 
15 1 Y 1 B GLU 37 ? CG  ? B GLU 37 CG  
16 1 Y 1 B GLU 37 ? CD  ? B GLU 37 CD  
17 1 Y 1 B GLU 37 ? OE1 ? B GLU 37 OE1 
18 1 Y 1 B GLU 37 ? OE2 ? B GLU 37 OE2 
19 1 Y 1 B ASN 41 ? CG  ? B ASN 41 CG  
20 1 Y 1 B ASN 41 ? OD1 ? B ASN 41 OD1 
21 1 Y 1 B ASN 41 ? ND2 ? B ASN 41 ND2 
22 1 Y 1 B GLU 65 ? CG  ? B GLU 65 CG  
23 1 Y 1 B GLU 65 ? CD  ? B GLU 65 CD  
24 1 Y 1 B GLU 65 ? OE1 ? B GLU 65 OE1 
25 1 Y 1 B GLU 65 ? OE2 ? B GLU 65 OE2 
26 1 Y 1 B VAL 71 ? CG1 ? B VAL 71 CG1 
27 1 Y 1 B VAL 71 ? CG2 ? B VAL 71 CG2 
# 
_software.name             PROLSQ 
_software.classification   refinement 
_software.version          . 
_software.citation_id      ? 
_software.pdbx_ordinal     1 
# 
_cell.entry_id           1IVP 
_cell.length_a           33.190 
_cell.length_b           44.950 
_cell.length_c           135.650 
_cell.angle_alpha        90.00 
_cell.angle_beta         90.00 
_cell.angle_gamma        90.00 
_cell.Z_PDB              8 
_cell.pdbx_unique_axis   ? 
# 
_symmetry.entry_id                         1IVP 
_symmetry.space_group_name_H-M             'P 21 21 21' 
_symmetry.pdbx_full_space_group_name_H-M   ? 
_symmetry.cell_setting                     ? 
_symmetry.Int_Tables_number                19 
# 
_exptl.entry_id          1IVP 
_exptl.method            'X-RAY DIFFRACTION' 
_exptl.crystals_number   ? 
# 
_exptl_crystal.id                    1 
_exptl_crystal.density_meas          ? 
_exptl_crystal.density_Matthews      2.27 
_exptl_crystal.density_percent_sol   45.91 
_exptl_crystal.description           ? 
# 
_diffrn.id                     1 
_diffrn.ambient_temp           ? 
_diffrn.ambient_temp_details   ? 
_diffrn.crystal_id             1 
# 
_diffrn_radiation.diffrn_id                        1 
_diffrn_radiation.wavelength_id                    1 
_diffrn_radiation.pdbx_monochromatic_or_laue_m_l   ? 
_diffrn_radiation.monochromator                    ? 
_diffrn_radiation.pdbx_diffrn_protocol             ? 
_diffrn_radiation.pdbx_scattering_type             x-ray 
# 
_diffrn_radiation_wavelength.id           1 
_diffrn_radiation_wavelength.wavelength   . 
_diffrn_radiation_wavelength.wt           1.0 
# 
_refine.entry_id                                 1IVP 
_refine.ls_number_reflns_obs                     ? 
_refine.ls_number_reflns_all                     ? 
_refine.pdbx_ls_sigma_I                          ? 
_refine.pdbx_ls_sigma_F                          ? 
_refine.pdbx_data_cutoff_high_absF               ? 
_refine.pdbx_data_cutoff_low_absF                ? 
_refine.pdbx_data_cutoff_high_rms_absF           ? 
_refine.ls_d_res_low                             ? 
_refine.ls_d_res_high                            2.5 
_refine.ls_percent_reflns_obs                    ? 
_refine.ls_R_factor_obs                          0.1970000 
_refine.ls_R_factor_all                          ? 
_refine.ls_R_factor_R_work                       ? 
_refine.ls_R_factor_R_free                       ? 
_refine.ls_R_factor_R_free_error                 ? 
_refine.ls_R_factor_R_free_error_details         ? 
_refine.ls_percent_reflns_R_free                 ? 
_refine.ls_number_reflns_R_free                  ? 
_refine.ls_number_parameters                     ? 
_refine.ls_number_restraints                     ? 
_refine.occupancy_min                            ? 
_refine.occupancy_max                            ? 
_refine.B_iso_mean                               ? 
_refine.aniso_B[1][1]                            ? 
_refine.aniso_B[2][2]                            ? 
_refine.aniso_B[3][3]                            ? 
_refine.aniso_B[1][2]                            ? 
_refine.aniso_B[1][3]                            ? 
_refine.aniso_B[2][3]                            ? 
_refine.solvent_model_details                    ? 
_refine.solvent_model_param_ksol                 ? 
_refine.solvent_model_param_bsol                 ? 
_refine.pdbx_ls_cross_valid_method               ? 
_refine.details                                  ? 
_refine.pdbx_starting_model                      ? 
_refine.pdbx_method_to_determine_struct          ? 
_refine.pdbx_isotropic_thermal_model             ? 
_refine.pdbx_stereochemistry_target_values       ? 
_refine.pdbx_stereochem_target_val_spec_case     ? 
_refine.pdbx_R_Free_selection_details            ? 
_refine.pdbx_overall_ESU_R                       ? 
_refine.pdbx_overall_ESU_R_Free                  ? 
_refine.overall_SU_ML                            ? 
_refine.overall_SU_B                             ? 
_refine.pdbx_refine_id                           'X-RAY DIFFRACTION' 
_refine.pdbx_diffrn_id                           1 
_refine.pdbx_TLS_residual_ADP_flag               ? 
_refine.correlation_coeff_Fo_to_Fc               ? 
_refine.correlation_coeff_Fo_to_Fc_free          ? 
_refine.pdbx_solvent_vdw_probe_radii             ? 
_refine.pdbx_solvent_ion_probe_radii             ? 
_refine.pdbx_solvent_shrinkage_radii             ? 
_refine.pdbx_overall_phase_error                 ? 
_refine.overall_SU_R_Cruickshank_DPI             ? 
_refine.pdbx_overall_SU_R_free_Cruickshank_DPI   ? 
_refine.pdbx_overall_SU_R_Blow_DPI               ? 
_refine.pdbx_overall_SU_R_free_Blow_DPI          ? 
# 
_refine_hist.pdbx_refine_id                   'X-RAY DIFFRACTION' 
_refine_hist.cycle_id                         LAST 
_refine_hist.pdbx_number_atoms_protein        1479 
_refine_hist.pdbx_number_atoms_nucleic_acid   0 
_refine_hist.pdbx_number_atoms_ligand         59 
_refine_hist.number_atoms_solvent             41 
_refine_hist.number_atoms_total               1579 
_refine_hist.d_res_high                       2.5 
_refine_hist.d_res_low                        . 
# 
loop_
_refine_ls_restr.type 
_refine_ls_restr.dev_ideal 
_refine_ls_restr.dev_ideal_target 
_refine_ls_restr.weight 
_refine_ls_restr.number 
_refine_ls_restr.pdbx_refine_id 
_refine_ls_restr.pdbx_restraint_function 
p_bond_d            0.015 ? ? ? 'X-RAY DIFFRACTION' ? 
p_angle_d           ?     ? ? ? 'X-RAY DIFFRACTION' ? 
p_angle_deg         ?     ? ? ? 'X-RAY DIFFRACTION' ? 
p_planar_d          ?     ? ? ? 'X-RAY DIFFRACTION' ? 
p_hb_or_metal_coord ?     ? ? ? 'X-RAY DIFFRACTION' ? 
p_mcbond_it         ?     ? ? ? 'X-RAY DIFFRACTION' ? 
p_mcangle_it        ?     ? ? ? 'X-RAY DIFFRACTION' ? 
p_scbond_it         ?     ? ? ? 'X-RAY DIFFRACTION' ? 
p_scangle_it        ?     ? ? ? 'X-RAY DIFFRACTION' ? 
p_plane_restr       ?     ? ? ? 'X-RAY DIFFRACTION' ? 
p_chiral_restr      ?     ? ? ? 'X-RAY DIFFRACTION' ? 
p_singtor_nbd       ?     ? ? ? 'X-RAY DIFFRACTION' ? 
p_multtor_nbd       ?     ? ? ? 'X-RAY DIFFRACTION' ? 
p_xhyhbond_nbd      ?     ? ? ? 'X-RAY DIFFRACTION' ? 
p_xyhbond_nbd       ?     ? ? ? 'X-RAY DIFFRACTION' ? 
p_planar_tor        ?     ? ? ? 'X-RAY DIFFRACTION' ? 
p_staggered_tor     ?     ? ? ? 'X-RAY DIFFRACTION' ? 
p_orthonormal_tor   ?     ? ? ? 'X-RAY DIFFRACTION' ? 
p_transverse_tor    ?     ? ? ? 'X-RAY DIFFRACTION' ? 
p_special_tor       ?     ? ? ? 'X-RAY DIFFRACTION' ? 
# 
_struct_ncs_oper.id             1 
_struct_ncs_oper.code           given 
_struct_ncs_oper.details        ? 
_struct_ncs_oper.matrix[1][1]   0.76565464 
_struct_ncs_oper.matrix[1][2]   -0.44465095 
_struct_ncs_oper.matrix[1][3]   -0.46473033 
_struct_ncs_oper.matrix[2][1]   -0.44385127 
_struct_ncs_oper.matrix[2][2]   -0.88791519 
_struct_ncs_oper.matrix[2][3]   0.11764202 
_struct_ncs_oper.matrix[3][1]   -0.46485500 
_struct_ncs_oper.matrix[3][2]   0.11705467 
_struct_ncs_oper.matrix[3][3]   -0.87773945 
_struct_ncs_oper.vector[1]      -0.02675 
_struct_ncs_oper.vector[2]      -0.06285 
_struct_ncs_oper.vector[3]      -0.06249 
# 
_struct.entry_id                  1IVP 
_struct.title                     
;THE CRYSTALLOGRAPHIC STRUCTURE OF THE PROTEASE FROM HUMAN IMMUNODEFICIENCY VIRUS TYPE 2 WITH TWO SYNTHETIC PEPTIDIC TRANSITION STATE ANALOG INHIBITORS
;
_struct.pdbx_model_details        ? 
_struct.pdbx_CASP_flag            ? 
_struct.pdbx_model_type_details   ? 
# 
_struct_keywords.entry_id        1IVP 
_struct_keywords.pdbx_keywords   'HYDROLASE/HYDROLASE INHIBITOR' 
_struct_keywords.text            'ACID PROTEINASE, HYDROLASE-HYDROLASE INHIBITOR complex' 
# 
loop_
_struct_asym.id 
_struct_asym.pdbx_blank_PDB_chainid_flag 
_struct_asym.pdbx_modified 
_struct_asym.entity_id 
_struct_asym.details 
A N N 1 ? 
B N N 1 ? 
C N N 2 ? 
D N N 3 ? 
E N N 3 ? 
# 
_struct_ref.id                         1 
_struct_ref.db_name                    UNP 
_struct_ref.db_code                    POL_HV2RO 
_struct_ref.entity_id                  1 
_struct_ref.pdbx_db_accession          P04584 
_struct_ref.pdbx_align_begin           1 
_struct_ref.pdbx_seq_one_letter_code   
;TGRFFRTGPLGKEAPQLPRGPSSAGADTNSTPSGSSSGSTGEIYAAREKTERAERETIQGSDRGLTAPRAGGDTIQGATN
RGLAAPQFSLWKRPVVTAYIEGQPVEVLLDTGADDSIVAGIELGNNYSPKIVGGIGGFINTKEYKNVEIEVLNKKVRATI
MTGDTPINIFGRNILTALGMSLNLPVAKVEPIKIMLKPGKDGPKLRQWPLTKEKIEALKEICEKMEKEGQLEEAPPTNPY
NTPTFAIKKKDKNKWRMLIDFRELNKVTQDFTEIQLGIPHPAGLAKKRRITVLDVGDAYFSIPLHEDFRPYTAFTLPSVN
NAEPGKRYIYKVLPQGWKGSPAIFQHTMRQVLEPFRKANKDVIIIQYMDDILIASDRTDLEHDRVVLQLKELLNGLGFST
PDEKFQKDPPYHWMGYELWPTKWKLQKIQLPQKEIWTVNDIQKLVGVLNWAAQLYPGIKTKHLCRLIRGKMTLTEEVQWT
ELAEAELEENRIILSQEQEGHYYQEEKELEATVQKDQENQWTYKIHQEEKILKVGKYAKVKNTHTNGIRLLAQVVQKIGK
EALVIWGRIPKFHLPVEREIWEQWWDNYWQVTWIPDWDFVSTPPLVRLAFNLVGDPIPGAETFYTDGSCNRQSKEGKAGY
VTDRGKDKVKKLEQTTNQQAELEAFAMALTDSGPKVNIIVDSQYVMGISASQPTESESKIVNQIIEEMIKKEAIYVAWVP
AHKGIGGNQEVDHLVSQGIRQVLFLEKIEPAQEEHEKYHSNVKELSHKFGIPNLVARQIVNSCAQCQQKGEAIHGQVNAE
LGTWQMDCTHLEGKIIIVAVHVASGFIEAEVIPQESGRQTALFLLKLASRWPITHLHTDNGANFTSQEVKMVAWWIGIEQ
SFGVPYNPQSQGVVEAMNHHLKNQISRIREQANTIETIVLMAIHCMNFKRRGGIGDMTPSERLINMITTEQEIQFLQAKN
SKLKDFRVYFREGRDQLWKGPGELLWKGEGAVLVKVGTDIKIIPRRKAKIIRDYGGRQEMDSGSHLEGAREDGEMA
;
_struct_ref.pdbx_db_isoform            ? 
# 
loop_
_struct_ref_seq.align_id 
_struct_ref_seq.ref_id 
_struct_ref_seq.pdbx_PDB_id_code 
_struct_ref_seq.pdbx_strand_id 
_struct_ref_seq.seq_align_beg 
_struct_ref_seq.pdbx_seq_align_beg_ins_code 
_struct_ref_seq.seq_align_end 
_struct_ref_seq.pdbx_seq_align_end_ins_code 
_struct_ref_seq.pdbx_db_accession 
_struct_ref_seq.db_align_beg 
_struct_ref_seq.pdbx_db_align_beg_ins_code 
_struct_ref_seq.db_align_end 
_struct_ref_seq.pdbx_db_align_end_ins_code 
_struct_ref_seq.pdbx_auth_seq_align_beg 
_struct_ref_seq.pdbx_auth_seq_align_end 
1 1 1IVP A 1 ? 99 ? P04584 86 ? 184 ? 1 99 
2 1 1IVP B 1 ? 99 ? P04584 86 ? 184 ? 1 99 
# 
loop_
_struct_ref_seq_dif.align_id 
_struct_ref_seq_dif.pdbx_pdb_id_code 
_struct_ref_seq_dif.mon_id 
_struct_ref_seq_dif.pdbx_pdb_strand_id 
_struct_ref_seq_dif.seq_num 
_struct_ref_seq_dif.pdbx_pdb_ins_code 
_struct_ref_seq_dif.pdbx_seq_db_name 
_struct_ref_seq_dif.pdbx_seq_db_accession_code 
_struct_ref_seq_dif.db_mon_id 
_struct_ref_seq_dif.pdbx_seq_db_seq_num 
_struct_ref_seq_dif.details 
_struct_ref_seq_dif.pdbx_auth_seq_num 
_struct_ref_seq_dif.pdbx_ordinal 
1 1IVP LEU A 57 ? UNP P04584 LYS 142 conflict 57 1 
2 1IVP LEU B 57 ? UNP P04584 LYS 142 conflict 57 2 
# 
_pdbx_struct_assembly.id                   1 
_pdbx_struct_assembly.details              author_and_software_defined_assembly 
_pdbx_struct_assembly.method_details       PISA 
_pdbx_struct_assembly.oligomeric_details   dimeric 
_pdbx_struct_assembly.oligomeric_count     2 
# 
loop_
_pdbx_struct_assembly_prop.biol_id 
_pdbx_struct_assembly_prop.type 
_pdbx_struct_assembly_prop.value 
_pdbx_struct_assembly_prop.details 
1 'ABSA (A^2)' 5290 ? 
1 MORE         -23  ? 
1 'SSA (A^2)'  9300 ? 
# 
_pdbx_struct_assembly_gen.assembly_id       1 
_pdbx_struct_assembly_gen.oper_expression   1 
_pdbx_struct_assembly_gen.asym_id_list      A,B,C,D,E 
# 
_pdbx_struct_oper_list.id                   1 
_pdbx_struct_oper_list.type                 'identity operation' 
_pdbx_struct_oper_list.name                 1_555 
_pdbx_struct_oper_list.symmetry_operation   x,y,z 
_pdbx_struct_oper_list.matrix[1][1]         1.0000000000 
_pdbx_struct_oper_list.matrix[1][2]         0.0000000000 
_pdbx_struct_oper_list.matrix[1][3]         0.0000000000 
_pdbx_struct_oper_list.vector[1]            0.0000000000 
_pdbx_struct_oper_list.matrix[2][1]         0.0000000000 
_pdbx_struct_oper_list.matrix[2][2]         1.0000000000 
_pdbx_struct_oper_list.matrix[2][3]         0.0000000000 
_pdbx_struct_oper_list.vector[2]            0.0000000000 
_pdbx_struct_oper_list.matrix[3][1]         0.0000000000 
_pdbx_struct_oper_list.matrix[3][2]         0.0000000000 
_pdbx_struct_oper_list.matrix[3][3]         1.0000000000 
_pdbx_struct_oper_list.vector[3]            0.0000000000 
# 
_struct_biol.id                    1 
_struct_biol.details               
;THE NON-CRYSTALLOGRAPHIC C(2) SYMMETRY RELATING THE TWO
MONOMERS OF THE PROTEASE DIMER IS GIVEN ON THE MTRIX
RECORDS BELOW.  THIS TRANSFORMATION WILL YIELD APPROXIMATE
COORDINATES FOR CHAIN B WHEN APPLIED TO CHAIN A.
;
_struct_biol.pdbx_parent_biol_id   ? 
# 
loop_
_struct_conf.conf_type_id 
_struct_conf.id 
_struct_conf.pdbx_PDB_helix_id 
_struct_conf.beg_label_comp_id 
_struct_conf.beg_label_asym_id 
_struct_conf.beg_label_seq_id 
_struct_conf.pdbx_beg_PDB_ins_code 
_struct_conf.end_label_comp_id 
_struct_conf.end_label_asym_id 
_struct_conf.end_label_seq_id 
_struct_conf.pdbx_end_PDB_ins_code 
_struct_conf.beg_auth_comp_id 
_struct_conf.beg_auth_asym_id 
_struct_conf.beg_auth_seq_id 
_struct_conf.end_auth_comp_id 
_struct_conf.end_auth_asym_id 
_struct_conf.end_auth_seq_id 
_struct_conf.pdbx_PDB_helix_class 
_struct_conf.details 
_struct_conf.pdbx_PDB_helix_length 
HELX_P HELX_P1 A1 GLY A 86 ? LEU A 93 ? GLY A 86 LEU A 93 1 ? 8 
HELX_P HELX_P2 B1 GLY B 86 ? LEU B 93 ? GLY B 86 LEU B 93 1 ? 8 
# 
_struct_conf_type.id          HELX_P 
_struct_conf_type.criteria    ? 
_struct_conf_type.reference   ? 
# 
loop_
_struct_sheet.id 
_struct_sheet.type 
_struct_sheet.number_strands 
_struct_sheet.details 
B1 ? 4 ? 
B2 ? 4 ? 
B3 ? 4 ? 
# 
loop_
_struct_sheet_order.sheet_id 
_struct_sheet_order.range_id_1 
_struct_sheet_order.range_id_2 
_struct_sheet_order.offset 
_struct_sheet_order.sense 
B1 1 2 ? anti-parallel 
B1 2 3 ? anti-parallel 
B1 3 4 ? anti-parallel 
B2 1 2 ? anti-parallel 
B2 2 3 ? anti-parallel 
B2 3 4 ? anti-parallel 
B3 1 2 ? anti-parallel 
B3 2 3 ? anti-parallel 
B3 3 4 ? anti-parallel 
# 
loop_
_struct_sheet_range.sheet_id 
_struct_sheet_range.id 
_struct_sheet_range.beg_label_comp_id 
_struct_sheet_range.beg_label_asym_id 
_struct_sheet_range.beg_label_seq_id 
_struct_sheet_range.pdbx_beg_PDB_ins_code 
_struct_sheet_range.end_label_comp_id 
_struct_sheet_range.end_label_asym_id 
_struct_sheet_range.end_label_seq_id 
_struct_sheet_range.pdbx_end_PDB_ins_code 
_struct_sheet_range.beg_auth_comp_id 
_struct_sheet_range.beg_auth_asym_id 
_struct_sheet_range.beg_auth_seq_id 
_struct_sheet_range.end_auth_comp_id 
_struct_sheet_range.end_auth_asym_id 
_struct_sheet_range.end_auth_seq_id 
B1 1 PRO A 1  ? PHE A 3  ? PRO A 1  PHE A 3  
B1 2 SER B 96 ? LEU B 99 ? SER B 96 LEU B 99 
B1 3 SER A 96 ? LEU A 99 ? SER A 96 LEU A 99 
B1 4 PRO B 1  ? PHE B 3  ? PRO B 1  PHE B 3  
B2 1 GLN A 18 ? VAL A 20 ? GLN A 18 VAL A 20 
B2 2 ALA A 13 ? ILE A 15 ? ALA A 13 ILE A 15 
B2 3 GLU A 63 ? VAL A 66 ? GLU A 63 VAL A 66 
B2 4 LYS A 69 ? VAL A 71 ? LYS A 69 VAL A 71 
B3 1 GLN B 18 ? VAL B 20 ? GLN B 18 VAL B 20 
B3 2 ALA B 13 ? ILE B 15 ? ALA B 13 ILE B 15 
B3 3 GLU B 63 ? VAL B 66 ? GLU B 63 VAL B 66 
B3 4 LYS B 69 ? VAL B 71 ? LYS B 69 VAL B 71 
# 
loop_
_pdbx_struct_sheet_hbond.sheet_id 
_pdbx_struct_sheet_hbond.range_id_1 
_pdbx_struct_sheet_hbond.range_id_2 
_pdbx_struct_sheet_hbond.range_1_label_atom_id 
_pdbx_struct_sheet_hbond.range_1_label_comp_id 
_pdbx_struct_sheet_hbond.range_1_label_asym_id 
_pdbx_struct_sheet_hbond.range_1_label_seq_id 
_pdbx_struct_sheet_hbond.range_1_PDB_ins_code 
_pdbx_struct_sheet_hbond.range_1_auth_atom_id 
_pdbx_struct_sheet_hbond.range_1_auth_comp_id 
_pdbx_struct_sheet_hbond.range_1_auth_asym_id 
_pdbx_struct_sheet_hbond.range_1_auth_seq_id 
_pdbx_struct_sheet_hbond.range_2_label_atom_id 
_pdbx_struct_sheet_hbond.range_2_label_comp_id 
_pdbx_struct_sheet_hbond.range_2_label_asym_id 
_pdbx_struct_sheet_hbond.range_2_label_seq_id 
_pdbx_struct_sheet_hbond.range_2_PDB_ins_code 
_pdbx_struct_sheet_hbond.range_2_auth_atom_id 
_pdbx_struct_sheet_hbond.range_2_auth_comp_id 
_pdbx_struct_sheet_hbond.range_2_auth_asym_id 
_pdbx_struct_sheet_hbond.range_2_auth_seq_id 
B1 1 2 O PHE A 3  ? O PHE A 3  N LEU B 97 ? N LEU B 97 
B1 2 3 O ASN B 98 ? O ASN B 98 N SER A 96 ? N SER A 96 
B1 3 4 O LEU A 97 ? O LEU A 97 N PHE B 3  ? N PHE B 3  
B2 1 2 O VAL A 20 ? O VAL A 20 N ALA A 13 ? N ALA A 13 
B2 2 3 O TYR A 14 ? O TYR A 14 N GLU A 65 ? N GLU A 65 
B2 3 4 O ILE A 64 ? O ILE A 64 N VAL A 71 ? N VAL A 71 
B3 1 2 O VAL B 20 ? O VAL B 20 N ALA B 13 ? N ALA B 13 
B3 2 3 O TYR B 14 ? O TYR B 14 N GLU B 65 ? N GLU B 65 
B3 3 4 O ILE B 64 ? O ILE B 64 N VAL B 71 ? N VAL B 71 
# 
_struct_site.id                   AC1 
_struct_site.pdbx_evidence_code   Software 
_struct_site.pdbx_auth_asym_id    B 
_struct_site.pdbx_auth_comp_id    1ZK 
_struct_site.pdbx_auth_seq_id     100 
_struct_site.pdbx_auth_ins_code   ? 
_struct_site.pdbx_num_residues    20 
_struct_site.details              'BINDING SITE FOR RESIDUE 1ZK B 100' 
# 
loop_
_struct_site_gen.id 
_struct_site_gen.site_id 
_struct_site_gen.pdbx_num_res 
_struct_site_gen.label_comp_id 
_struct_site_gen.label_asym_id 
_struct_site_gen.label_seq_id 
_struct_site_gen.pdbx_auth_ins_code 
_struct_site_gen.auth_comp_id 
_struct_site_gen.auth_asym_id 
_struct_site_gen.auth_seq_id 
_struct_site_gen.label_atom_id 
_struct_site_gen.label_alt_id 
_struct_site_gen.symmetry 
_struct_site_gen.details 
1  AC1 20 ARG A 8  ? ARG A 8   . ? 1_555 ? 
2  AC1 20 ASP A 25 ? ASP A 25  . ? 1_555 ? 
3  AC1 20 GLY A 27 ? GLY A 27  . ? 1_555 ? 
4  AC1 20 ALA A 28 ? ALA A 28  . ? 1_555 ? 
5  AC1 20 ASP A 29 ? ASP A 29  . ? 1_555 ? 
6  AC1 20 GLY A 48 ? GLY A 48  . ? 1_555 ? 
7  AC1 20 PRO A 81 ? PRO A 81  . ? 1_555 ? 
8  AC1 20 ILE A 82 ? ILE A 82  . ? 1_555 ? 
9  AC1 20 ILE A 84 ? ILE A 84  . ? 1_555 ? 
10 AC1 20 ARG B 8  ? ARG B 8   . ? 1_555 ? 
11 AC1 20 ASP B 25 ? ASP B 25  . ? 1_555 ? 
12 AC1 20 GLY B 27 ? GLY B 27  . ? 1_555 ? 
13 AC1 20 ALA B 28 ? ALA B 28  . ? 1_555 ? 
14 AC1 20 ASP B 29 ? ASP B 29  . ? 1_555 ? 
15 AC1 20 ASP B 30 ? ASP B 30  . ? 1_555 ? 
16 AC1 20 VAL B 47 ? VAL B 47  . ? 1_555 ? 
17 AC1 20 GLY B 48 ? GLY B 48  . ? 1_555 ? 
18 AC1 20 GLY B 49 ? GLY B 49  . ? 1_555 ? 
19 AC1 20 ILE B 84 ? ILE B 84  . ? 1_555 ? 
20 AC1 20 HOH E .  ? HOH B 435 . ? 1_555 ? 
# 
_pdbx_validate_close_contact.id               1 
_pdbx_validate_close_contact.PDB_model_num    1 
_pdbx_validate_close_contact.auth_atom_id_1   O 
_pdbx_validate_close_contact.auth_asym_id_1   B 
_pdbx_validate_close_contact.auth_comp_id_1   SER 
_pdbx_validate_close_contact.auth_seq_id_1    4 
_pdbx_validate_close_contact.PDB_ins_code_1   ? 
_pdbx_validate_close_contact.label_alt_id_1   ? 
_pdbx_validate_close_contact.auth_atom_id_2   O 
_pdbx_validate_close_contact.auth_asym_id_2   B 
_pdbx_validate_close_contact.auth_comp_id_2   HOH 
_pdbx_validate_close_contact.auth_seq_id_2    409 
_pdbx_validate_close_contact.PDB_ins_code_2   ? 
_pdbx_validate_close_contact.label_alt_id_2   ? 
_pdbx_validate_close_contact.dist             1.99 
# 
loop_
_pdbx_validate_rmsd_angle.id 
_pdbx_validate_rmsd_angle.PDB_model_num 
_pdbx_validate_rmsd_angle.auth_atom_id_1 
_pdbx_validate_rmsd_angle.auth_asym_id_1 
_pdbx_validate_rmsd_angle.auth_comp_id_1 
_pdbx_validate_rmsd_angle.auth_seq_id_1 
_pdbx_validate_rmsd_angle.PDB_ins_code_1 
_pdbx_validate_rmsd_angle.label_alt_id_1 
_pdbx_validate_rmsd_angle.auth_atom_id_2 
_pdbx_validate_rmsd_angle.auth_asym_id_2 
_pdbx_validate_rmsd_angle.auth_comp_id_2 
_pdbx_validate_rmsd_angle.auth_seq_id_2 
_pdbx_validate_rmsd_angle.PDB_ins_code_2 
_pdbx_validate_rmsd_angle.label_alt_id_2 
_pdbx_validate_rmsd_angle.auth_atom_id_3 
_pdbx_validate_rmsd_angle.auth_asym_id_3 
_pdbx_validate_rmsd_angle.auth_comp_id_3 
_pdbx_validate_rmsd_angle.auth_seq_id_3 
_pdbx_validate_rmsd_angle.PDB_ins_code_3 
_pdbx_validate_rmsd_angle.label_alt_id_3 
_pdbx_validate_rmsd_angle.angle_value 
_pdbx_validate_rmsd_angle.angle_target_value 
_pdbx_validate_rmsd_angle.angle_deviation 
_pdbx_validate_rmsd_angle.angle_standard_deviation 
_pdbx_validate_rmsd_angle.linker_flag 
1  1 O   A SER 4  ? ? C  A SER 4  ? ? N   A LEU 5  ? ? 133.20 122.70 10.50  1.60 Y 
2  1 CB  A LEU 5  ? ? CA A LEU 5  ? ? C   A LEU 5  ? ? 127.06 110.20 16.86  1.90 N 
3  1 CB  A ASP 25 ? ? CG A ASP 25 ? ? OD2 A ASP 25 ? ? 124.18 118.30 5.88   0.90 N 
4  1 CA  A ASP 29 ? ? CB A ASP 29 ? ? CG  A ASP 29 ? ? 128.47 113.40 15.07  2.20 N 
5  1 CB  A ASP 29 ? ? CG A ASP 29 ? ? OD2 A ASP 29 ? ? 123.89 118.30 5.59   0.90 N 
6  1 CB  A ASP 30 ? ? CG A ASP 30 ? ? OD2 A ASP 30 ? ? 108.72 118.30 -9.58  0.90 N 
7  1 N   A GLY 39 ? ? CA A GLY 39 ? ? C   A GLY 39 ? ? 130.31 113.10 17.21  2.50 N 
8  1 N   A ASN 68 ? ? CA A ASN 68 ? ? CB  A ASN 68 ? ? 99.77  110.60 -10.83 1.80 N 
9  1 NE  A ARG 72 ? ? CZ A ARG 72 ? ? NH1 A ARG 72 ? ? 126.82 120.30 6.52   0.50 N 
10 1 CA  A LEU 97 ? ? CB A LEU 97 ? ? CG  A LEU 97 ? ? 142.45 115.30 27.15  2.30 N 
11 1 CB  B LEU 5  ? ? CA B LEU 5  ? ? C   B LEU 5  ? ? 125.20 110.20 15.00  1.90 N 
12 1 CB  B TYR 14 ? ? CG B TYR 14 ? ? CD2 B TYR 14 ? ? 114.33 121.00 -6.67  0.60 N 
13 1 CB  B TYR 14 ? ? CG B TYR 14 ? ? CD1 B TYR 14 ? ? 129.63 121.00 8.63   0.60 N 
14 1 N   B GLU 16 ? ? CA B GLU 16 ? ? CB  B GLU 16 ? ? 127.12 110.60 16.52  1.80 N 
15 1 OE1 B GLU 16 ? ? CD B GLU 16 ? ? OE2 B GLU 16 ? ? 138.15 123.30 14.85  1.20 N 
16 1 CA  B ASP 25 ? ? CB B ASP 25 ? ? CG  B ASP 25 ? ? 130.67 113.40 17.27  2.20 N 
17 1 CB  B ASP 25 ? ? CG B ASP 25 ? ? OD2 B ASP 25 ? ? 126.52 118.30 8.22   0.90 N 
18 1 CB  B ASP 29 ? ? CG B ASP 29 ? ? OD1 B ASP 29 ? ? 130.80 118.30 12.50  0.90 N 
19 1 CB  B ASP 29 ? ? CG B ASP 29 ? ? OD2 B ASP 29 ? ? 111.66 118.30 -6.64  0.90 N 
20 1 C   B ASP 29 ? ? N  B ASP 30 ? ? CA  B ASP 30 ? ? 137.33 121.70 15.63  2.50 Y 
21 1 CB  B ASP 30 ? ? CG B ASP 30 ? ? OD1 B ASP 30 ? ? 111.63 118.30 -6.67  0.90 N 
22 1 CB  B ASP 30 ? ? CG B ASP 30 ? ? OD2 B ASP 30 ? ? 126.20 118.30 7.90   0.90 N 
23 1 OE1 B GLU 58 ? ? CD B GLU 58 ? ? OE2 B GLU 58 ? ? 115.79 123.30 -7.51  1.20 N 
24 1 CG  B GLU 58 ? ? CD B GLU 58 ? ? OE1 B GLU 58 ? ? 137.49 118.30 19.19  2.00 N 
25 1 N   B LYS 69 ? ? CA B LYS 69 ? ? CB  B LYS 69 ? ? 121.47 110.60 10.87  1.80 N 
26 1 NE  B ARG 72 ? ? CZ B ARG 72 ? ? NH1 B ARG 72 ? ? 125.62 120.30 5.32   0.50 N 
27 1 NE  B ARG 72 ? ? CZ B ARG 72 ? ? NH2 B ARG 72 ? ? 113.42 120.30 -6.88  0.50 N 
28 1 CB  B ASP 79 ? ? CG B ASP 79 ? ? OD1 B ASP 79 ? ? 125.06 118.30 6.76   0.90 N 
29 1 CB  B ASP 79 ? ? CG B ASP 79 ? ? OD2 B ASP 79 ? ? 111.17 118.30 -7.13  0.90 N 
30 1 NE  B ARG 87 ? ? CZ B ARG 87 ? ? NH1 B ARG 87 ? ? 125.50 120.30 5.20   0.50 N 
31 1 CA  B THR 91 ? ? CB B THR 91 ? ? CG2 B THR 91 ? ? 121.82 112.40 9.42   1.40 N 
32 1 CA  B LEU 93 ? ? CB B LEU 93 ? ? CG  B LEU 93 ? ? 132.69 115.30 17.39  2.30 N 
33 1 CA  B LEU 97 ? ? CB B LEU 97 ? ? CG  B LEU 97 ? ? 130.37 115.30 15.07  2.30 N 
# 
loop_
_pdbx_validate_torsion.id 
_pdbx_validate_torsion.PDB_model_num 
_pdbx_validate_torsion.auth_comp_id 
_pdbx_validate_torsion.auth_asym_id 
_pdbx_validate_torsion.auth_seq_id 
_pdbx_validate_torsion.PDB_ins_code 
_pdbx_validate_torsion.label_alt_id 
_pdbx_validate_torsion.phi 
_pdbx_validate_torsion.psi 
1 1 PRO A 9  ? ? -66.49  55.01 
2 1 GLU A 16 ? ? 56.77   71.73 
3 1 ASN A 61 ? ? 26.78   50.54 
4 1 ASN B 41 ? ? -111.60 57.98 
5 1 ASP B 79 ? ? -69.26  66.95 
# 
_pdbx_molecule_features.prd_id    PRD_000403 
_pdbx_molecule_features.name      'Noa-His-Cha.psi.[CHOHCHOH]Val-Ile-Amp, U75875' 
_pdbx_molecule_features.type      Peptide-like 
_pdbx_molecule_features.class     Inhibitor 
_pdbx_molecule_features.details   ? 
# 
_pdbx_molecule.instance_id   1 
_pdbx_molecule.prd_id        PRD_000403 
_pdbx_molecule.asym_id       C 
# 
_pdbx_entry_details.entry_id                 1IVP 
_pdbx_entry_details.compound_details         ? 
_pdbx_entry_details.source_details           ? 
_pdbx_entry_details.nonpolymer_details       
;COMPONENT CAV 3 OF THE INHIBITOR 1ZK B 100 IS THE DIPEPTIDE ISOSTERE
CYCLOHEXYL ALANINE PSI(CHOH-CHOH)VALINE.  THE VALINE HAS
A C-OH GROUP IN PLACE OF THE USUAL MAIN CHAIN N ATOM.
COMPONENT APY 5 WAS IDENTIFIED AS AMP IN THE PAPER CITED ON THE
JRNL RECORDS ABOVE.
;
_pdbx_entry_details.sequence_details         ? 
_pdbx_entry_details.has_ligand_of_interest   ? 
# 
loop_
_chem_comp_atom.comp_id 
_chem_comp_atom.atom_id 
_chem_comp_atom.type_symbol 
_chem_comp_atom.pdbx_aromatic_flag 
_chem_comp_atom.pdbx_stereo_config 
_chem_comp_atom.pdbx_ordinal 
1ZK C     C N N 1   
1ZK CA    C N N 2   
1ZK C1    C Y N 3   
1ZK C2    C Y N 4   
1ZK C3    C Y N 5   
1ZK C4    C Y N 6   
1ZK C4A   C Y N 7   
1ZK C5    C Y N 8   
1ZK C6    C Y N 9   
1ZK C7    C Y N 10  
1ZK C8    C Y N 11  
1ZK C1A   C Y N 12  
1ZK O     O N N 13  
1ZK O1    O N N 14  
1ZK N     N N N 15  
1ZK CA1   C N S 16  
1ZK C9    C N N 17  
1ZK O2    O N N 18  
1ZK CB    C N N 19  
1ZK CG    C Y N 20  
1ZK ND1   N Y N 21  
1ZK CD2   C Y N 22  
1ZK CE1   C Y N 23  
1ZK NE2   N Y N 24  
1ZK N1    N N N 25  
1ZK CA2   C N S 26  
1ZK CB1   C N N 27  
1ZK CG1   C N N 28  
1ZK CD1   C N N 29  
1ZK CD21  C N N 30  
1ZK CE11  C N N 31  
1ZK CE2   C N N 32  
1ZK CZ    C N N 33  
1ZK CH    C N R 34  
1ZK OH    O N N 35  
1ZK CB11  C N R 36  
1ZK "CA'" C N R 37  
1ZK "CB'" C N N 38  
1ZK CG11  C N N 39  
1ZK CG2   C N N 40  
1ZK OB1   O N N 41  
1ZK CC    C N N 42  
1ZK O3    O N N 43  
1ZK N2    N N N 44  
1ZK CA3   C N S 45  
1ZK CD    C N N 46  
1ZK O4    O N N 47  
1ZK CB2   C N S 48  
1ZK CG12  C N N 49  
1ZK CG21  C N N 50  
1ZK CD11  C N N 51  
1ZK N3    N N N 52  
1ZK CM    C N N 53  
1ZK C21   C Y N 54  
1ZK C31   C Y N 55  
1ZK C41   C Y N 56  
1ZK C51   C Y N 57  
1ZK C61   C Y N 58  
1ZK N11   N Y N 59  
1ZK HA1   H N N 60  
1ZK HA2   H N N 61  
1ZK H2    H N N 62  
1ZK H3    H N N 63  
1ZK H4    H N N 64  
1ZK H5    H N N 65  
1ZK H6    H N N 66  
1ZK H7    H N N 67  
1ZK H8    H N N 68  
1ZK H     H N N 69  
1ZK HA    H N N 70  
1ZK HB2   H N N 71  
1ZK HB3   H N N 72  
1ZK HD1   H N N 73  
1ZK HD2   H N N 74  
1ZK HE1   H N N 75  
1ZK HE2   H N N 76  
1ZK H1    H N N 77  
1ZK HA3   H N N 78  
1ZK HB21  H N N 79  
1ZK HB31  H N N 80  
1ZK HG    H N N 81  
1ZK HD12  H N N 82  
1ZK HD13  H N N 83  
1ZK HD23  H N N 84  
1ZK HD22  H N N 85  
1ZK HE12  H N N 86  
1ZK HE13  H N N 87  
1ZK HE23  H N N 88  
1ZK HE22  H N N 89  
1ZK HZ2   H N N 90  
1ZK HZ3   H N N 91  
1ZK HH    H N N 92  
1ZK HO    H N N 93  
1ZK HB1   H N N 94  
1ZK "HA'" H N N 95  
1ZK "HB'" H N N 96  
1ZK HG11  H N N 97  
1ZK HG12  H N N 98  
1ZK HG13  H N N 99  
1ZK HG21  H N N 100 
1ZK HG22  H N N 101 
1ZK HG23  H N N 102 
1ZK HOB1  H N N 103 
1ZK H9    H N N 104 
1ZK HA4   H N N 105 
1ZK HB    H N N 106 
1ZK HG14  H N N 107 
1ZK HG15  H N N 108 
1ZK HG24  H N N 109 
1ZK HG25  H N N 110 
1ZK HG26  H N N 111 
1ZK HD11  H N N 112 
1ZK HD14  H N N 113 
1ZK HD15  H N N 114 
1ZK HN1   H N N 115 
1ZK HM1   H N N 116 
1ZK HM2   H N N 117 
1ZK H31   H N N 118 
1ZK H41   H N N 119 
1ZK H51   H N N 120 
1ZK H61   H N N 121 
ALA N     N N N 122 
ALA CA    C N S 123 
ALA C     C N N 124 
ALA O     O N N 125 
ALA CB    C N N 126 
ALA OXT   O N N 127 
ALA H     H N N 128 
ALA H2    H N N 129 
ALA HA    H N N 130 
ALA HB1   H N N 131 
ALA HB2   H N N 132 
ALA HB3   H N N 133 
ALA HXT   H N N 134 
ARG N     N N N 135 
ARG CA    C N S 136 
ARG C     C N N 137 
ARG O     O N N 138 
ARG CB    C N N 139 
ARG CG    C N N 140 
ARG CD    C N N 141 
ARG NE    N N N 142 
ARG CZ    C N N 143 
ARG NH1   N N N 144 
ARG NH2   N N N 145 
ARG OXT   O N N 146 
ARG H     H N N 147 
ARG H2    H N N 148 
ARG HA    H N N 149 
ARG HB2   H N N 150 
ARG HB3   H N N 151 
ARG HG2   H N N 152 
ARG HG3   H N N 153 
ARG HD2   H N N 154 
ARG HD3   H N N 155 
ARG HE    H N N 156 
ARG HH11  H N N 157 
ARG HH12  H N N 158 
ARG HH21  H N N 159 
ARG HH22  H N N 160 
ARG HXT   H N N 161 
ASN N     N N N 162 
ASN CA    C N S 163 
ASN C     C N N 164 
ASN O     O N N 165 
ASN CB    C N N 166 
ASN CG    C N N 167 
ASN OD1   O N N 168 
ASN ND2   N N N 169 
ASN OXT   O N N 170 
ASN H     H N N 171 
ASN H2    H N N 172 
ASN HA    H N N 173 
ASN HB2   H N N 174 
ASN HB3   H N N 175 
ASN HD21  H N N 176 
ASN HD22  H N N 177 
ASN HXT   H N N 178 
ASP N     N N N 179 
ASP CA    C N S 180 
ASP C     C N N 181 
ASP O     O N N 182 
ASP CB    C N N 183 
ASP CG    C N N 184 
ASP OD1   O N N 185 
ASP OD2   O N N 186 
ASP OXT   O N N 187 
ASP H     H N N 188 
ASP H2    H N N 189 
ASP HA    H N N 190 
ASP HB2   H N N 191 
ASP HB3   H N N 192 
ASP HD2   H N N 193 
ASP HXT   H N N 194 
GLN N     N N N 195 
GLN CA    C N S 196 
GLN C     C N N 197 
GLN O     O N N 198 
GLN CB    C N N 199 
GLN CG    C N N 200 
GLN CD    C N N 201 
GLN OE1   O N N 202 
GLN NE2   N N N 203 
GLN OXT   O N N 204 
GLN H     H N N 205 
GLN H2    H N N 206 
GLN HA    H N N 207 
GLN HB2   H N N 208 
GLN HB3   H N N 209 
GLN HG2   H N N 210 
GLN HG3   H N N 211 
GLN HE21  H N N 212 
GLN HE22  H N N 213 
GLN HXT   H N N 214 
GLU N     N N N 215 
GLU CA    C N S 216 
GLU C     C N N 217 
GLU O     O N N 218 
GLU CB    C N N 219 
GLU CG    C N N 220 
GLU CD    C N N 221 
GLU OE1   O N N 222 
GLU OE2   O N N 223 
GLU OXT   O N N 224 
GLU H     H N N 225 
GLU H2    H N N 226 
GLU HA    H N N 227 
GLU HB2   H N N 228 
GLU HB3   H N N 229 
GLU HG2   H N N 230 
GLU HG3   H N N 231 
GLU HE2   H N N 232 
GLU HXT   H N N 233 
GLY N     N N N 234 
GLY CA    C N N 235 
GLY C     C N N 236 
GLY O     O N N 237 
GLY OXT   O N N 238 
GLY H     H N N 239 
GLY H2    H N N 240 
GLY HA2   H N N 241 
GLY HA3   H N N 242 
GLY HXT   H N N 243 
HOH O     O N N 244 
HOH H1    H N N 245 
HOH H2    H N N 246 
ILE N     N N N 247 
ILE CA    C N S 248 
ILE C     C N N 249 
ILE O     O N N 250 
ILE CB    C N S 251 
ILE CG1   C N N 252 
ILE CG2   C N N 253 
ILE CD1   C N N 254 
ILE OXT   O N N 255 
ILE H     H N N 256 
ILE H2    H N N 257 
ILE HA    H N N 258 
ILE HB    H N N 259 
ILE HG12  H N N 260 
ILE HG13  H N N 261 
ILE HG21  H N N 262 
ILE HG22  H N N 263 
ILE HG23  H N N 264 
ILE HD11  H N N 265 
ILE HD12  H N N 266 
ILE HD13  H N N 267 
ILE HXT   H N N 268 
LEU N     N N N 269 
LEU CA    C N S 270 
LEU C     C N N 271 
LEU O     O N N 272 
LEU CB    C N N 273 
LEU CG    C N N 274 
LEU CD1   C N N 275 
LEU CD2   C N N 276 
LEU OXT   O N N 277 
LEU H     H N N 278 
LEU H2    H N N 279 
LEU HA    H N N 280 
LEU HB2   H N N 281 
LEU HB3   H N N 282 
LEU HG    H N N 283 
LEU HD11  H N N 284 
LEU HD12  H N N 285 
LEU HD13  H N N 286 
LEU HD21  H N N 287 
LEU HD22  H N N 288 
LEU HD23  H N N 289 
LEU HXT   H N N 290 
LYS N     N N N 291 
LYS CA    C N S 292 
LYS C     C N N 293 
LYS O     O N N 294 
LYS CB    C N N 295 
LYS CG    C N N 296 
LYS CD    C N N 297 
LYS CE    C N N 298 
LYS NZ    N N N 299 
LYS OXT   O N N 300 
LYS H     H N N 301 
LYS H2    H N N 302 
LYS HA    H N N 303 
LYS HB2   H N N 304 
LYS HB3   H N N 305 
LYS HG2   H N N 306 
LYS HG3   H N N 307 
LYS HD2   H N N 308 
LYS HD3   H N N 309 
LYS HE2   H N N 310 
LYS HE3   H N N 311 
LYS HZ1   H N N 312 
LYS HZ2   H N N 313 
LYS HZ3   H N N 314 
LYS HXT   H N N 315 
MET N     N N N 316 
MET CA    C N S 317 
MET C     C N N 318 
MET O     O N N 319 
MET CB    C N N 320 
MET CG    C N N 321 
MET SD    S N N 322 
MET CE    C N N 323 
MET OXT   O N N 324 
MET H     H N N 325 
MET H2    H N N 326 
MET HA    H N N 327 
MET HB2   H N N 328 
MET HB3   H N N 329 
MET HG2   H N N 330 
MET HG3   H N N 331 
MET HE1   H N N 332 
MET HE2   H N N 333 
MET HE3   H N N 334 
MET HXT   H N N 335 
PHE N     N N N 336 
PHE CA    C N S 337 
PHE C     C N N 338 
PHE O     O N N 339 
PHE CB    C N N 340 
PHE CG    C Y N 341 
PHE CD1   C Y N 342 
PHE CD2   C Y N 343 
PHE CE1   C Y N 344 
PHE CE2   C Y N 345 
PHE CZ    C Y N 346 
PHE OXT   O N N 347 
PHE H     H N N 348 
PHE H2    H N N 349 
PHE HA    H N N 350 
PHE HB2   H N N 351 
PHE HB3   H N N 352 
PHE HD1   H N N 353 
PHE HD2   H N N 354 
PHE HE1   H N N 355 
PHE HE2   H N N 356 
PHE HZ    H N N 357 
PHE HXT   H N N 358 
PRO N     N N N 359 
PRO CA    C N S 360 
PRO C     C N N 361 
PRO O     O N N 362 
PRO CB    C N N 363 
PRO CG    C N N 364 
PRO CD    C N N 365 
PRO OXT   O N N 366 
PRO H     H N N 367 
PRO HA    H N N 368 
PRO HB2   H N N 369 
PRO HB3   H N N 370 
PRO HG2   H N N 371 
PRO HG3   H N N 372 
PRO HD2   H N N 373 
PRO HD3   H N N 374 
PRO HXT   H N N 375 
SER N     N N N 376 
SER CA    C N S 377 
SER C     C N N 378 
SER O     O N N 379 
SER CB    C N N 380 
SER OG    O N N 381 
SER OXT   O N N 382 
SER H     H N N 383 
SER H2    H N N 384 
SER HA    H N N 385 
SER HB2   H N N 386 
SER HB3   H N N 387 
SER HG    H N N 388 
SER HXT   H N N 389 
THR N     N N N 390 
THR CA    C N S 391 
THR C     C N N 392 
THR O     O N N 393 
THR CB    C N R 394 
THR OG1   O N N 395 
THR CG2   C N N 396 
THR OXT   O N N 397 
THR H     H N N 398 
THR H2    H N N 399 
THR HA    H N N 400 
THR HB    H N N 401 
THR HG1   H N N 402 
THR HG21  H N N 403 
THR HG22  H N N 404 
THR HG23  H N N 405 
THR HXT   H N N 406 
TRP N     N N N 407 
TRP CA    C N S 408 
TRP C     C N N 409 
TRP O     O N N 410 
TRP CB    C N N 411 
TRP CG    C Y N 412 
TRP CD1   C Y N 413 
TRP CD2   C Y N 414 
TRP NE1   N Y N 415 
TRP CE2   C Y N 416 
TRP CE3   C Y N 417 
TRP CZ2   C Y N 418 
TRP CZ3   C Y N 419 
TRP CH2   C Y N 420 
TRP OXT   O N N 421 
TRP H     H N N 422 
TRP H2    H N N 423 
TRP HA    H N N 424 
TRP HB2   H N N 425 
TRP HB3   H N N 426 
TRP HD1   H N N 427 
TRP HE1   H N N 428 
TRP HE3   H N N 429 
TRP HZ2   H N N 430 
TRP HZ3   H N N 431 
TRP HH2   H N N 432 
TRP HXT   H N N 433 
TYR N     N N N 434 
TYR CA    C N S 435 
TYR C     C N N 436 
TYR O     O N N 437 
TYR CB    C N N 438 
TYR CG    C Y N 439 
TYR CD1   C Y N 440 
TYR CD2   C Y N 441 
TYR CE1   C Y N 442 
TYR CE2   C Y N 443 
TYR CZ    C Y N 444 
TYR OH    O N N 445 
TYR OXT   O N N 446 
TYR H     H N N 447 
TYR H2    H N N 448 
TYR HA    H N N 449 
TYR HB2   H N N 450 
TYR HB3   H N N 451 
TYR HD1   H N N 452 
TYR HD2   H N N 453 
TYR HE1   H N N 454 
TYR HE2   H N N 455 
TYR HH    H N N 456 
TYR HXT   H N N 457 
VAL N     N N N 458 
VAL CA    C N S 459 
VAL C     C N N 460 
VAL O     O N N 461 
VAL CB    C N N 462 
VAL CG1   C N N 463 
VAL CG2   C N N 464 
VAL OXT   O N N 465 
VAL H     H N N 466 
VAL H2    H N N 467 
VAL HA    H N N 468 
VAL HB    H N N 469 
VAL HG11  H N N 470 
VAL HG12  H N N 471 
VAL HG13  H N N 472 
VAL HG21  H N N 473 
VAL HG22  H N N 474 
VAL HG23  H N N 475 
VAL HXT   H N N 476 
# 
loop_
_chem_comp_bond.comp_id 
_chem_comp_bond.atom_id_1 
_chem_comp_bond.atom_id_2 
_chem_comp_bond.value_order 
_chem_comp_bond.pdbx_aromatic_flag 
_chem_comp_bond.pdbx_stereo_config 
_chem_comp_bond.pdbx_ordinal 
1ZK C     CA    sing N N 1   
1ZK C     O     doub N N 2   
1ZK CA    O1    sing N N 3   
1ZK CA    HA1   sing N N 4   
1ZK CA    HA2   sing N N 5   
1ZK C1    C2    doub Y N 6   
1ZK C1    C1A   sing Y N 7   
1ZK C1    O1    sing N N 8   
1ZK C2    C3    sing Y N 9   
1ZK C2    H2    sing N N 10  
1ZK C3    C4    doub Y N 11  
1ZK C3    H3    sing N N 12  
1ZK C4    C4A   sing Y N 13  
1ZK C4    H4    sing N N 14  
1ZK C4A   C5    doub Y N 15  
1ZK C4A   C1A   sing Y N 16  
1ZK C5    C6    sing Y N 17  
1ZK C5    H5    sing N N 18  
1ZK C6    C7    doub Y N 19  
1ZK C6    H6    sing N N 20  
1ZK C7    C8    sing Y N 21  
1ZK C7    H7    sing N N 22  
1ZK C8    C1A   doub Y N 23  
1ZK C8    H8    sing N N 24  
1ZK N     CA1   sing N N 25  
1ZK N     H     sing N N 26  
1ZK CA1   C9    sing N N 27  
1ZK CA1   CB    sing N N 28  
1ZK CA1   HA    sing N N 29  
1ZK C9    O2    doub N N 30  
1ZK CB    CG    sing N N 31  
1ZK CB    HB2   sing N N 32  
1ZK CB    HB3   sing N N 33  
1ZK CG    ND1   sing Y N 34  
1ZK CG    CD2   doub Y N 35  
1ZK ND1   CE1   doub Y N 36  
1ZK ND1   HD1   sing N N 37  
1ZK CD2   NE2   sing Y N 38  
1ZK CD2   HD2   sing N N 39  
1ZK CE1   NE2   sing Y N 40  
1ZK CE1   HE1   sing N N 41  
1ZK NE2   HE2   sing N N 42  
1ZK N1    CA2   sing N N 43  
1ZK N1    H1    sing N N 44  
1ZK CA2   CB1   sing N N 45  
1ZK CA2   CH    sing N N 46  
1ZK CA2   HA3   sing N N 47  
1ZK CB1   CG1   sing N N 48  
1ZK CB1   HB21  sing N N 49  
1ZK CB1   HB31  sing N N 50  
1ZK CG1   CD1   sing N N 51  
1ZK CG1   CD21  sing N N 52  
1ZK CG1   HG    sing N N 53  
1ZK CD1   CE11  sing N N 54  
1ZK CD1   HD12  sing N N 55  
1ZK CD1   HD13  sing N N 56  
1ZK CD21  CE2   sing N N 57  
1ZK CD21  HD23  sing N N 58  
1ZK CD21  HD22  sing N N 59  
1ZK CE11  CZ    sing N N 60  
1ZK CE11  HE12  sing N N 61  
1ZK CE11  HE13  sing N N 62  
1ZK CE2   CZ    sing N N 63  
1ZK CE2   HE23  sing N N 64  
1ZK CE2   HE22  sing N N 65  
1ZK CZ    HZ2   sing N N 66  
1ZK CZ    HZ3   sing N N 67  
1ZK CH    OH    sing N N 68  
1ZK CH    CB11  sing N N 69  
1ZK CH    HH    sing N N 70  
1ZK OH    HO    sing N N 71  
1ZK CB11  "CA'" sing N N 72  
1ZK CB11  OB1   sing N N 73  
1ZK CB11  HB1   sing N N 74  
1ZK "CA'" "CB'" sing N N 75  
1ZK "CA'" CC    sing N N 76  
1ZK "CA'" "HA'" sing N N 77  
1ZK "CB'" CG11  sing N N 78  
1ZK "CB'" CG2   sing N N 79  
1ZK "CB'" "HB'" sing N N 80  
1ZK CG11  HG11  sing N N 81  
1ZK CG11  HG12  sing N N 82  
1ZK CG11  HG13  sing N N 83  
1ZK CG2   HG21  sing N N 84  
1ZK CG2   HG22  sing N N 85  
1ZK CG2   HG23  sing N N 86  
1ZK OB1   HOB1  sing N N 87  
1ZK CC    O3    doub N N 88  
1ZK N2    CA3   sing N N 89  
1ZK N2    H9    sing N N 90  
1ZK CA3   CD    sing N N 91  
1ZK CA3   CB2   sing N N 92  
1ZK CA3   HA4   sing N N 93  
1ZK CD    O4    doub N N 94  
1ZK CB2   CG12  sing N N 95  
1ZK CB2   CG21  sing N N 96  
1ZK CB2   HB    sing N N 97  
1ZK CG12  CD11  sing N N 98  
1ZK CG12  HG14  sing N N 99  
1ZK CG12  HG15  sing N N 100 
1ZK CG21  HG24  sing N N 101 
1ZK CG21  HG25  sing N N 102 
1ZK CG21  HG26  sing N N 103 
1ZK CD11  HD11  sing N N 104 
1ZK CD11  HD14  sing N N 105 
1ZK CD11  HD15  sing N N 106 
1ZK N3    CM    sing N N 107 
1ZK N3    HN1   sing N N 108 
1ZK CM    C21   sing N N 109 
1ZK CM    HM1   sing N N 110 
1ZK CM    HM2   sing N N 111 
1ZK C21   C31   sing Y N 112 
1ZK C21   N11   doub Y N 113 
1ZK C31   C41   doub Y N 114 
1ZK C31   H31   sing N N 115 
1ZK C41   C51   sing Y N 116 
1ZK C41   H41   sing N N 117 
1ZK C51   C61   doub Y N 118 
1ZK C51   H51   sing N N 119 
1ZK C61   N11   sing Y N 120 
1ZK C61   H61   sing N N 121 
1ZK C     N     sing N N 122 
1ZK C9    N1    sing N N 123 
1ZK CC    N2    sing N N 124 
1ZK CD    N3    sing N N 125 
ALA N     CA    sing N N 126 
ALA N     H     sing N N 127 
ALA N     H2    sing N N 128 
ALA CA    C     sing N N 129 
ALA CA    CB    sing N N 130 
ALA CA    HA    sing N N 131 
ALA C     O     doub N N 132 
ALA C     OXT   sing N N 133 
ALA CB    HB1   sing N N 134 
ALA CB    HB2   sing N N 135 
ALA CB    HB3   sing N N 136 
ALA OXT   HXT   sing N N 137 
ARG N     CA    sing N N 138 
ARG N     H     sing N N 139 
ARG N     H2    sing N N 140 
ARG CA    C     sing N N 141 
ARG CA    CB    sing N N 142 
ARG CA    HA    sing N N 143 
ARG C     O     doub N N 144 
ARG C     OXT   sing N N 145 
ARG CB    CG    sing N N 146 
ARG CB    HB2   sing N N 147 
ARG CB    HB3   sing N N 148 
ARG CG    CD    sing N N 149 
ARG CG    HG2   sing N N 150 
ARG CG    HG3   sing N N 151 
ARG CD    NE    sing N N 152 
ARG CD    HD2   sing N N 153 
ARG CD    HD3   sing N N 154 
ARG NE    CZ    sing N N 155 
ARG NE    HE    sing N N 156 
ARG CZ    NH1   sing N N 157 
ARG CZ    NH2   doub N N 158 
ARG NH1   HH11  sing N N 159 
ARG NH1   HH12  sing N N 160 
ARG NH2   HH21  sing N N 161 
ARG NH2   HH22  sing N N 162 
ARG OXT   HXT   sing N N 163 
ASN N     CA    sing N N 164 
ASN N     H     sing N N 165 
ASN N     H2    sing N N 166 
ASN CA    C     sing N N 167 
ASN CA    CB    sing N N 168 
ASN CA    HA    sing N N 169 
ASN C     O     doub N N 170 
ASN C     OXT   sing N N 171 
ASN CB    CG    sing N N 172 
ASN CB    HB2   sing N N 173 
ASN CB    HB3   sing N N 174 
ASN CG    OD1   doub N N 175 
ASN CG    ND2   sing N N 176 
ASN ND2   HD21  sing N N 177 
ASN ND2   HD22  sing N N 178 
ASN OXT   HXT   sing N N 179 
ASP N     CA    sing N N 180 
ASP N     H     sing N N 181 
ASP N     H2    sing N N 182 
ASP CA    C     sing N N 183 
ASP CA    CB    sing N N 184 
ASP CA    HA    sing N N 185 
ASP C     O     doub N N 186 
ASP C     OXT   sing N N 187 
ASP CB    CG    sing N N 188 
ASP CB    HB2   sing N N 189 
ASP CB    HB3   sing N N 190 
ASP CG    OD1   doub N N 191 
ASP CG    OD2   sing N N 192 
ASP OD2   HD2   sing N N 193 
ASP OXT   HXT   sing N N 194 
GLN N     CA    sing N N 195 
GLN N     H     sing N N 196 
GLN N     H2    sing N N 197 
GLN CA    C     sing N N 198 
GLN CA    CB    sing N N 199 
GLN CA    HA    sing N N 200 
GLN C     O     doub N N 201 
GLN C     OXT   sing N N 202 
GLN CB    CG    sing N N 203 
GLN CB    HB2   sing N N 204 
GLN CB    HB3   sing N N 205 
GLN CG    CD    sing N N 206 
GLN CG    HG2   sing N N 207 
GLN CG    HG3   sing N N 208 
GLN CD    OE1   doub N N 209 
GLN CD    NE2   sing N N 210 
GLN NE2   HE21  sing N N 211 
GLN NE2   HE22  sing N N 212 
GLN OXT   HXT   sing N N 213 
GLU N     CA    sing N N 214 
GLU N     H     sing N N 215 
GLU N     H2    sing N N 216 
GLU CA    C     sing N N 217 
GLU CA    CB    sing N N 218 
GLU CA    HA    sing N N 219 
GLU C     O     doub N N 220 
GLU C     OXT   sing N N 221 
GLU CB    CG    sing N N 222 
GLU CB    HB2   sing N N 223 
GLU CB    HB3   sing N N 224 
GLU CG    CD    sing N N 225 
GLU CG    HG2   sing N N 226 
GLU CG    HG3   sing N N 227 
GLU CD    OE1   doub N N 228 
GLU CD    OE2   sing N N 229 
GLU OE2   HE2   sing N N 230 
GLU OXT   HXT   sing N N 231 
GLY N     CA    sing N N 232 
GLY N     H     sing N N 233 
GLY N     H2    sing N N 234 
GLY CA    C     sing N N 235 
GLY CA    HA2   sing N N 236 
GLY CA    HA3   sing N N 237 
GLY C     O     doub N N 238 
GLY C     OXT   sing N N 239 
GLY OXT   HXT   sing N N 240 
HOH O     H1    sing N N 241 
HOH O     H2    sing N N 242 
ILE N     CA    sing N N 243 
ILE N     H     sing N N 244 
ILE N     H2    sing N N 245 
ILE CA    C     sing N N 246 
ILE CA    CB    sing N N 247 
ILE CA    HA    sing N N 248 
ILE C     O     doub N N 249 
ILE C     OXT   sing N N 250 
ILE CB    CG1   sing N N 251 
ILE CB    CG2   sing N N 252 
ILE CB    HB    sing N N 253 
ILE CG1   CD1   sing N N 254 
ILE CG1   HG12  sing N N 255 
ILE CG1   HG13  sing N N 256 
ILE CG2   HG21  sing N N 257 
ILE CG2   HG22  sing N N 258 
ILE CG2   HG23  sing N N 259 
ILE CD1   HD11  sing N N 260 
ILE CD1   HD12  sing N N 261 
ILE CD1   HD13  sing N N 262 
ILE OXT   HXT   sing N N 263 
LEU N     CA    sing N N 264 
LEU N     H     sing N N 265 
LEU N     H2    sing N N 266 
LEU CA    C     sing N N 267 
LEU CA    CB    sing N N 268 
LEU CA    HA    sing N N 269 
LEU C     O     doub N N 270 
LEU C     OXT   sing N N 271 
LEU CB    CG    sing N N 272 
LEU CB    HB2   sing N N 273 
LEU CB    HB3   sing N N 274 
LEU CG    CD1   sing N N 275 
LEU CG    CD2   sing N N 276 
LEU CG    HG    sing N N 277 
LEU CD1   HD11  sing N N 278 
LEU CD1   HD12  sing N N 279 
LEU CD1   HD13  sing N N 280 
LEU CD2   HD21  sing N N 281 
LEU CD2   HD22  sing N N 282 
LEU CD2   HD23  sing N N 283 
LEU OXT   HXT   sing N N 284 
LYS N     CA    sing N N 285 
LYS N     H     sing N N 286 
LYS N     H2    sing N N 287 
LYS CA    C     sing N N 288 
LYS CA    CB    sing N N 289 
LYS CA    HA    sing N N 290 
LYS C     O     doub N N 291 
LYS C     OXT   sing N N 292 
LYS CB    CG    sing N N 293 
LYS CB    HB2   sing N N 294 
LYS CB    HB3   sing N N 295 
LYS CG    CD    sing N N 296 
LYS CG    HG2   sing N N 297 
LYS CG    HG3   sing N N 298 
LYS CD    CE    sing N N 299 
LYS CD    HD2   sing N N 300 
LYS CD    HD3   sing N N 301 
LYS CE    NZ    sing N N 302 
LYS CE    HE2   sing N N 303 
LYS CE    HE3   sing N N 304 
LYS NZ    HZ1   sing N N 305 
LYS NZ    HZ2   sing N N 306 
LYS NZ    HZ3   sing N N 307 
LYS OXT   HXT   sing N N 308 
MET N     CA    sing N N 309 
MET N     H     sing N N 310 
MET N     H2    sing N N 311 
MET CA    C     sing N N 312 
MET CA    CB    sing N N 313 
MET CA    HA    sing N N 314 
MET C     O     doub N N 315 
MET C     OXT   sing N N 316 
MET CB    CG    sing N N 317 
MET CB    HB2   sing N N 318 
MET CB    HB3   sing N N 319 
MET CG    SD    sing N N 320 
MET CG    HG2   sing N N 321 
MET CG    HG3   sing N N 322 
MET SD    CE    sing N N 323 
MET CE    HE1   sing N N 324 
MET CE    HE2   sing N N 325 
MET CE    HE3   sing N N 326 
MET OXT   HXT   sing N N 327 
PHE N     CA    sing N N 328 
PHE N     H     sing N N 329 
PHE N     H2    sing N N 330 
PHE CA    C     sing N N 331 
PHE CA    CB    sing N N 332 
PHE CA    HA    sing N N 333 
PHE C     O     doub N N 334 
PHE C     OXT   sing N N 335 
PHE CB    CG    sing N N 336 
PHE CB    HB2   sing N N 337 
PHE CB    HB3   sing N N 338 
PHE CG    CD1   doub Y N 339 
PHE CG    CD2   sing Y N 340 
PHE CD1   CE1   sing Y N 341 
PHE CD1   HD1   sing N N 342 
PHE CD2   CE2   doub Y N 343 
PHE CD2   HD2   sing N N 344 
PHE CE1   CZ    doub Y N 345 
PHE CE1   HE1   sing N N 346 
PHE CE2   CZ    sing Y N 347 
PHE CE2   HE2   sing N N 348 
PHE CZ    HZ    sing N N 349 
PHE OXT   HXT   sing N N 350 
PRO N     CA    sing N N 351 
PRO N     CD    sing N N 352 
PRO N     H     sing N N 353 
PRO CA    C     sing N N 354 
PRO CA    CB    sing N N 355 
PRO CA    HA    sing N N 356 
PRO C     O     doub N N 357 
PRO C     OXT   sing N N 358 
PRO CB    CG    sing N N 359 
PRO CB    HB2   sing N N 360 
PRO CB    HB3   sing N N 361 
PRO CG    CD    sing N N 362 
PRO CG    HG2   sing N N 363 
PRO CG    HG3   sing N N 364 
PRO CD    HD2   sing N N 365 
PRO CD    HD3   sing N N 366 
PRO OXT   HXT   sing N N 367 
SER N     CA    sing N N 368 
SER N     H     sing N N 369 
SER N     H2    sing N N 370 
SER CA    C     sing N N 371 
SER CA    CB    sing N N 372 
SER CA    HA    sing N N 373 
SER C     O     doub N N 374 
SER C     OXT   sing N N 375 
SER CB    OG    sing N N 376 
SER CB    HB2   sing N N 377 
SER CB    HB3   sing N N 378 
SER OG    HG    sing N N 379 
SER OXT   HXT   sing N N 380 
THR N     CA    sing N N 381 
THR N     H     sing N N 382 
THR N     H2    sing N N 383 
THR CA    C     sing N N 384 
THR CA    CB    sing N N 385 
THR CA    HA    sing N N 386 
THR C     O     doub N N 387 
THR C     OXT   sing N N 388 
THR CB    OG1   sing N N 389 
THR CB    CG2   sing N N 390 
THR CB    HB    sing N N 391 
THR OG1   HG1   sing N N 392 
THR CG2   HG21  sing N N 393 
THR CG2   HG22  sing N N 394 
THR CG2   HG23  sing N N 395 
THR OXT   HXT   sing N N 396 
TRP N     CA    sing N N 397 
TRP N     H     sing N N 398 
TRP N     H2    sing N N 399 
TRP CA    C     sing N N 400 
TRP CA    CB    sing N N 401 
TRP CA    HA    sing N N 402 
TRP C     O     doub N N 403 
TRP C     OXT   sing N N 404 
TRP CB    CG    sing N N 405 
TRP CB    HB2   sing N N 406 
TRP CB    HB3   sing N N 407 
TRP CG    CD1   doub Y N 408 
TRP CG    CD2   sing Y N 409 
TRP CD1   NE1   sing Y N 410 
TRP CD1   HD1   sing N N 411 
TRP CD2   CE2   doub Y N 412 
TRP CD2   CE3   sing Y N 413 
TRP NE1   CE2   sing Y N 414 
TRP NE1   HE1   sing N N 415 
TRP CE2   CZ2   sing Y N 416 
TRP CE3   CZ3   doub Y N 417 
TRP CE3   HE3   sing N N 418 
TRP CZ2   CH2   doub Y N 419 
TRP CZ2   HZ2   sing N N 420 
TRP CZ3   CH2   sing Y N 421 
TRP CZ3   HZ3   sing N N 422 
TRP CH2   HH2   sing N N 423 
TRP OXT   HXT   sing N N 424 
TYR N     CA    sing N N 425 
TYR N     H     sing N N 426 
TYR N     H2    sing N N 427 
TYR CA    C     sing N N 428 
TYR CA    CB    sing N N 429 
TYR CA    HA    sing N N 430 
TYR C     O     doub N N 431 
TYR C     OXT   sing N N 432 
TYR CB    CG    sing N N 433 
TYR CB    HB2   sing N N 434 
TYR CB    HB3   sing N N 435 
TYR CG    CD1   doub Y N 436 
TYR CG    CD2   sing Y N 437 
TYR CD1   CE1   sing Y N 438 
TYR CD1   HD1   sing N N 439 
TYR CD2   CE2   doub Y N 440 
TYR CD2   HD2   sing N N 441 
TYR CE1   CZ    doub Y N 442 
TYR CE1   HE1   sing N N 443 
TYR CE2   CZ    sing Y N 444 
TYR CE2   HE2   sing N N 445 
TYR CZ    OH    sing N N 446 
TYR OH    HH    sing N N 447 
TYR OXT   HXT   sing N N 448 
VAL N     CA    sing N N 449 
VAL N     H     sing N N 450 
VAL N     H2    sing N N 451 
VAL CA    C     sing N N 452 
VAL CA    CB    sing N N 453 
VAL CA    HA    sing N N 454 
VAL C     O     doub N N 455 
VAL C     OXT   sing N N 456 
VAL CB    CG1   sing N N 457 
VAL CB    CG2   sing N N 458 
VAL CB    HB    sing N N 459 
VAL CG1   HG11  sing N N 460 
VAL CG1   HG12  sing N N 461 
VAL CG1   HG13  sing N N 462 
VAL CG2   HG21  sing N N 463 
VAL CG2   HG22  sing N N 464 
VAL CG2   HG23  sing N N 465 
VAL OXT   HXT   sing N N 466 
# 
_atom_sites.entry_id                    1IVP 
_atom_sites.fract_transf_matrix[1][1]   -0.01769665 
_atom_sites.fract_transf_matrix[1][2]   0.00375639 
_atom_sites.fract_transf_matrix[1][3]   0.02409429 
_atom_sites.fract_transf_matrix[2][1]   -0.01799758 
_atom_sites.fract_transf_matrix[2][2]   -0.00136661 
_atom_sites.fract_transf_matrix[2][3]   -0.01300571 
_atom_sites.fract_transf_matrix[3][1]   -0.00017516 
_atom_sites.fract_transf_matrix[3][2]   -0.00730045 
_atom_sites.fract_transf_matrix[3][3]   0.00100951 
_atom_sites.fract_transf_vector[1]      0.153403 
_atom_sites.fract_transf_vector[2]      0.463295 
_atom_sites.fract_transf_vector[3]      0.146499 
# 
loop_
_atom_sites_footnote.id 
_atom_sites_footnote.text 
1 'SEE REMARK 5 ABOVE.' 
2 'SEE REMARK 6 ABOVE.' 
# 
loop_
_atom_type.symbol 
C 
N 
O 
S 
# 
loop_
_atom_site.group_PDB 
_atom_site.id 
_atom_site.type_symbol 
_atom_site.label_atom_id 
_atom_site.label_alt_id 
_atom_site.label_comp_id 
_atom_site.label_asym_id 
_atom_site.label_entity_id 
_atom_site.label_seq_id 
_atom_site.pdbx_PDB_ins_code 
_atom_site.Cartn_x 
_atom_site.Cartn_y 
_atom_site.Cartn_z 
_atom_site.occupancy 
_atom_site.B_iso_or_equiv 
_atom_site.pdbx_formal_charge 
_atom_site.auth_seq_id 
_atom_site.auth_comp_id 
_atom_site.auth_asym_id 
_atom_site.auth_atom_id 
_atom_site.pdbx_PDB_model_num 
ATOM   1    N N     . PRO A 1 1  ? -15.734 -1.551  11.073  1.00 26.73 ? 1   PRO A N     1 
ATOM   2    C CA    . PRO A 1 1  ? -14.752 -0.555  11.487  1.00 26.20 ? 1   PRO A CA    1 
ATOM   3    C C     . PRO A 1 1  ? -14.178 0.361   10.391  1.00 26.20 ? 1   PRO A C     1 
ATOM   4    O O     . PRO A 1 1  ? -13.910 -0.012  9.242   1.00 25.55 ? 1   PRO A O     1 
ATOM   5    C CB    . PRO A 1 1  ? -13.591 -1.382  12.065  1.00 26.25 ? 1   PRO A CB    1 
ATOM   6    C CG    . PRO A 1 1  ? -13.886 -2.824  11.793  1.00 26.40 ? 1   PRO A CG    1 
ATOM   7    C CD    . PRO A 1 1  ? -15.034 -2.839  10.788  1.00 26.69 ? 1   PRO A CD    1 
ATOM   8    N N     . GLN A 1 2  ? -13.967 1.586   10.844  1.00 25.59 ? 2   GLN A N     1 
ATOM   9    C CA    . GLN A 1 2  ? -13.383 2.720   10.157  1.00 25.09 ? 2   GLN A CA    1 
ATOM   10   C C     . GLN A 1 2  ? -11.866 2.585   10.467  1.00 24.52 ? 2   GLN A C     1 
ATOM   11   O O     . GLN A 1 2  ? -11.410 1.980   11.461  1.00 24.64 ? 2   GLN A O     1 
ATOM   12   C CB    . GLN A 1 2  ? -13.731 4.060   10.807  1.00 25.72 ? 2   GLN A CB    1 
ATOM   13   C CG    . GLN A 1 2  ? -13.994 5.224   9.862   1.00 26.39 ? 2   GLN A CG    1 
ATOM   14   C CD    . GLN A 1 2  ? -15.481 5.363   9.590   1.00 26.82 ? 2   GLN A CD    1 
ATOM   15   O OE1   . GLN A 1 2  ? -16.039 6.204   8.890   1.00 27.05 ? 2   GLN A OE1   1 
ATOM   16   N NE2   . GLN A 1 2  ? -16.239 4.461   10.235  1.00 27.91 ? 2   GLN A NE2   1 
ATOM   17   N N     . PHE A 1 3  ? -11.124 3.214   9.591   1.00 23.16 ? 3   PHE A N     1 
ATOM   18   C CA    . PHE A 1 3  ? -9.654  3.195   9.721   1.00 22.03 ? 3   PHE A CA    1 
ATOM   19   C C     . PHE A 1 3  ? -9.066  4.577   9.439   1.00 21.08 ? 3   PHE A C     1 
ATOM   20   O O     . PHE A 1 3  ? -9.212  5.092   8.342   1.00 21.29 ? 3   PHE A O     1 
ATOM   21   C CB    . PHE A 1 3  ? -9.038  2.094   8.873   1.00 21.90 ? 3   PHE A CB    1 
ATOM   22   C CG    . PHE A 1 3  ? -8.727  0.830   9.615   1.00 21.58 ? 3   PHE A CG    1 
ATOM   23   C CD1   . PHE A 1 3  ? -7.560  0.790   10.377  1.00 21.68 ? 3   PHE A CD1   1 
ATOM   24   C CD2   . PHE A 1 3  ? -9.561  -0.269  9.544   1.00 21.49 ? 3   PHE A CD2   1 
ATOM   25   C CE1   . PHE A 1 3  ? -7.245  -0.357  11.090  1.00 22.09 ? 3   PHE A CE1   1 
ATOM   26   C CE2   . PHE A 1 3  ? -9.259  -1.439  10.245  1.00 21.82 ? 3   PHE A CE2   1 
ATOM   27   C CZ    . PHE A 1 3  ? -8.096  -1.472  11.022  1.00 21.90 ? 3   PHE A CZ    1 
ATOM   28   N N     . SER A 1 4  ? -8.461  5.114   10.461  1.00 19.66 ? 4   SER A N     1 
ATOM   29   C CA    . SER A 1 4  ? -7.811  6.410   10.402  1.00 18.77 ? 4   SER A CA    1 
ATOM   30   C C     . SER A 1 4  ? -6.468  6.007   9.773   1.00 18.23 ? 4   SER A C     1 
ATOM   31   O O     . SER A 1 4  ? -6.005  4.880   10.141  1.00 18.64 ? 4   SER A O     1 
ATOM   32   C CB    . SER A 1 4  ? -7.551  7.118   11.732  1.00 19.11 ? 4   SER A CB    1 
ATOM   33   O OG    . SER A 1 4  ? -8.709  7.865   12.090  1.00 19.35 ? 4   SER A OG    1 
ATOM   34   N N     . LEU A 1 5  ? -6.004  6.963   8.983   1.00 15.79 ? 5   LEU A N     1 
ATOM   35   C CA    . LEU A 1 5  ? -4.692  6.639   8.357   1.00 14.50 ? 5   LEU A CA    1 
ATOM   36   C C     . LEU A 1 5  ? -3.638  7.423   9.069   1.00 13.72 ? 5   LEU A C     1 
ATOM   37   O O     . LEU A 1 5  ? -2.512  7.514   8.598   1.00 13.06 ? 5   LEU A O     1 
ATOM   38   C CB    . LEU A 1 5  ? -4.988  6.641   6.845   1.00 14.33 ? 5   LEU A CB    1 
ATOM   39   C CG    . LEU A 1 5  ? -6.023  5.591   6.374   1.00 14.21 ? 5   LEU A CG    1 
ATOM   40   C CD1   . LEU A 1 5  ? -6.540  5.711   4.955   1.00 13.06 ? 5   LEU A CD1   1 
ATOM   41   C CD2   . LEU A 1 5  ? -5.392  4.193   6.492   1.00 13.57 ? 5   LEU A CD2   1 
ATOM   42   N N     . TRP A 1 6  ? -3.902  7.976   10.235  1.00 14.33 ? 6   TRP A N     1 
ATOM   43   C CA    . TRP A 1 6  ? -2.940  8.766   11.047  1.00 14.58 ? 6   TRP A CA    1 
ATOM   44   C C     . TRP A 1 6  ? -1.792  7.889   11.534  1.00 14.74 ? 6   TRP A C     1 
ATOM   45   O O     . TRP A 1 6  ? -0.619  8.244   11.705  1.00 15.60 ? 6   TRP A O     1 
ATOM   46   C CB    . TRP A 1 6  ? -3.577  9.482   12.219  1.00 15.23 ? 6   TRP A CB    1 
ATOM   47   C CG    . TRP A 1 6  ? -4.642  10.442  11.811  1.00 15.84 ? 6   TRP A CG    1 
ATOM   48   C CD1   . TRP A 1 6  ? -5.978  10.222  11.824  1.00 16.01 ? 6   TRP A CD1   1 
ATOM   49   C CD2   . TRP A 1 6  ? -4.431  11.764  11.273  1.00 16.02 ? 6   TRP A CD2   1 
ATOM   50   N NE1   . TRP A 1 6  ? -6.612  11.357  11.354  1.00 16.99 ? 6   TRP A NE1   1 
ATOM   51   C CE2   . TRP A 1 6  ? -5.681  12.293  10.973  1.00 16.13 ? 6   TRP A CE2   1 
ATOM   52   C CE3   . TRP A 1 6  ? -3.290  12.528  11.013  1.00 16.26 ? 6   TRP A CE3   1 
ATOM   53   C CZ2   . TRP A 1 6  ? -5.855  13.570  10.463  1.00 16.52 ? 6   TRP A CZ2   1 
ATOM   54   C CZ3   . TRP A 1 6  ? -3.465  13.785  10.493  1.00 16.24 ? 6   TRP A CZ3   1 
ATOM   55   C CH2   . TRP A 1 6  ? -4.713  14.316  10.220  1.00 16.32 ? 6   TRP A CH2   1 
ATOM   56   N N     . LYS A 1 7  ? -2.212  6.656   11.770  1.00 15.01 ? 7   LYS A N     1 
ATOM   57   C CA    . LYS A 1 7  ? -1.342  5.540   12.201  1.00 13.88 ? 7   LYS A CA    1 
ATOM   58   C C     . LYS A 1 7  ? -1.472  4.512   11.067  1.00 13.50 ? 7   LYS A C     1 
ATOM   59   O O     . LYS A 1 7  ? -2.404  4.574   10.232  1.00 11.65 ? 7   LYS A O     1 
ATOM   60   C CB    . LYS A 1 7  ? -1.685  5.055   13.580  1.00 13.90 ? 7   LYS A CB    1 
ATOM   61   N N     . ARG A 1 8  ? -0.453  3.658   11.024  1.00 12.97 ? 8   ARG A N     1 
ATOM   62   C CA    . ARG A 1 8  ? -0.431  2.573   10.010  1.00 12.90 ? 8   ARG A CA    1 
ATOM   63   C C     . ARG A 1 8  ? -1.580  1.614   10.396  1.00 12.70 ? 8   ARG A C     1 
ATOM   64   O O     . ARG A 1 8  ? -1.535  1.221   11.553  1.00 12.22 ? 8   ARG A O     1 
ATOM   65   C CB    . ARG A 1 8  ? 0.887   1.826   10.104  1.00 12.58 ? 8   ARG A CB    1 
ATOM   66   C CG    . ARG A 1 8  ? 2.004   2.359   9.237   1.00 12.17 ? 8   ARG A CG    1 
ATOM   67   C CD    . ARG A 1 8  ? 3.252   1.684   9.668   1.00 12.49 ? 8   ARG A CD    1 
ATOM   68   N NE    . ARG A 1 8  ? 4.376   2.313   9.027   1.00 13.28 ? 8   ARG A NE    1 
ATOM   69   C CZ    . ARG A 1 8  ? 5.652   2.084   9.311   1.00 14.10 ? 8   ARG A CZ    1 
ATOM   70   N NH1   . ARG A 1 8  ? 5.995   1.211   10.255  1.00 14.77 ? 8   ARG A NH1   1 
ATOM   71   N NH2   . ARG A 1 8  ? 6.614   2.733   8.633   1.00 14.27 ? 8   ARG A NH2   1 
ATOM   72   N N     . PRO A 1 9  ? -2.474  1.342   9.487   1.00 12.67 ? 9   PRO A N     1 
ATOM   73   C CA    . PRO A 1 9  ? -3.609  0.486   9.713   1.00 13.45 ? 9   PRO A CA    1 
ATOM   74   C C     . PRO A 1 9  ? -3.323  -0.990  9.967   1.00 14.15 ? 9   PRO A C     1 
ATOM   75   O O     . PRO A 1 9  ? -3.930  -1.807  9.274   1.00 14.09 ? 9   PRO A O     1 
ATOM   76   C CB    . PRO A 1 9  ? -4.448  0.591   8.410   1.00 13.45 ? 9   PRO A CB    1 
ATOM   77   C CG    . PRO A 1 9  ? -3.529  1.120   7.354   1.00 12.91 ? 9   PRO A CG    1 
ATOM   78   C CD    . PRO A 1 9  ? -2.433  1.870   8.104   1.00 13.04 ? 9   PRO A CD    1 
ATOM   79   N N     . VAL A 1 10 ? -2.518  -1.331  10.918  1.00 14.88 ? 10  VAL A N     1 
ATOM   80   C CA    . VAL A 1 10 ? -2.089  -2.647  11.348  1.00 15.89 ? 10  VAL A CA    1 
ATOM   81   C C     . VAL A 1 10 ? -3.118  -3.248  12.288  1.00 16.82 ? 10  VAL A C     1 
ATOM   82   O O     . VAL A 1 10 ? -3.439  -2.612  13.290  1.00 18.33 ? 10  VAL A O     1 
ATOM   83   C CB    . VAL A 1 10 ? -0.751  -2.499  12.104  1.00 15.67 ? 10  VAL A CB    1 
ATOM   84   C CG1   . VAL A 1 10 ? -0.530  -3.627  13.104  1.00 16.39 ? 10  VAL A CG1   1 
ATOM   85   C CG2   . VAL A 1 10 ? 0.403   -2.397  11.158  1.00 15.44 ? 10  VAL A CG2   1 
ATOM   86   N N     . VAL A 1 11 ? -3.600  -4.419  11.984  1.00 17.96 ? 11  VAL A N     1 
ATOM   87   C CA    . VAL A 1 11 ? -4.624  -5.179  12.749  1.00 17.88 ? 11  VAL A CA    1 
ATOM   88   C C     . VAL A 1 11 ? -3.950  -6.532  12.932  1.00 18.80 ? 11  VAL A C     1 
ATOM   89   O O     . VAL A 1 11 ? -2.935  -6.811  12.239  1.00 19.06 ? 11  VAL A O     1 
ATOM   90   C CB    . VAL A 1 11 ? -5.818  -5.308  11.780  1.00 17.93 ? 11  VAL A CB    1 
ATOM   91   C CG1   . VAL A 1 11 ? -5.866  -6.636  11.065  1.00 16.92 ? 11  VAL A CG1   1 
ATOM   92   C CG2   . VAL A 1 11 ? -7.094  -4.750  12.363  1.00 17.89 ? 11  VAL A CG2   1 
ATOM   93   N N     . THR A 1 12 ? -4.508  -7.321  13.804  1.00 20.09 ? 12  THR A N     1 
ATOM   94   C CA    . THR A 1 12 ? -3.966  -8.678  14.116  1.00 20.44 ? 12  THR A CA    1 
ATOM   95   C C     . THR A 1 12 ? -4.745  -9.793  13.460  1.00 20.14 ? 12  THR A C     1 
ATOM   96   O O     . THR A 1 12 ? -5.986  -9.792  13.664  1.00 20.75 ? 12  THR A O     1 
ATOM   97   C CB    . THR A 1 12 ? -4.022  -8.804  15.711  1.00 20.77 ? 12  THR A CB    1 
ATOM   98   O OG1   . THR A 1 12 ? -4.870  -7.711  16.208  1.00 20.84 ? 12  THR A OG1   1 
ATOM   99   C CG2   . THR A 1 12 ? -2.668  -8.840  16.406  1.00 20.97 ? 12  THR A CG2   1 
ATOM   100  N N     . ALA A 1 13 ? -4.132  -10.720 12.764  1.00 20.42 ? 13  ALA A N     1 
ATOM   101  C CA    . ALA A 1 13 ? -4.893  -11.826 12.133  1.00 20.99 ? 13  ALA A CA    1 
ATOM   102  C C     . ALA A 1 13 ? -4.460  -13.203 12.631  1.00 21.38 ? 13  ALA A C     1 
ATOM   103  O O     . ALA A 1 13 ? -3.334  -13.359 13.143  1.00 22.17 ? 13  ALA A O     1 
ATOM   104  C CB    . ALA A 1 13 ? -4.830  -11.765 10.579  1.00 19.88 ? 13  ALA A CB    1 
ATOM   105  N N     . TYR A 1 14 ? -5.315  -14.206 12.454  1.00 21.39 ? 14  TYR A N     1 
ATOM   106  C CA    . TYR A 1 14 ? -4.980  -15.575 12.830  1.00 21.88 ? 14  TYR A CA    1 
ATOM   107  C C     . TYR A 1 14 ? -4.762  -16.360 11.534  1.00 22.25 ? 14  TYR A C     1 
ATOM   108  O O     . TYR A 1 14 ? -5.801  -16.662 10.948  1.00 22.90 ? 14  TYR A O     1 
ATOM   109  C CB    . TYR A 1 14 ? -6.034  -16.338 13.641  1.00 21.77 ? 14  TYR A CB    1 
ATOM   110  C CG    . TYR A 1 14 ? -6.186  -15.915 15.069  1.00 21.27 ? 14  TYR A CG    1 
ATOM   111  C CD1   . TYR A 1 14 ? -5.275  -16.294 16.036  1.00 21.56 ? 14  TYR A CD1   1 
ATOM   112  C CD2   . TYR A 1 14 ? -7.262  -15.120 15.442  1.00 21.66 ? 14  TYR A CD2   1 
ATOM   113  C CE1   . TYR A 1 14 ? -5.419  -15.896 17.375  1.00 22.38 ? 14  TYR A CE1   1 
ATOM   114  C CE2   . TYR A 1 14 ? -7.444  -14.705 16.761  1.00 22.52 ? 14  TYR A CE2   1 
ATOM   115  C CZ    . TYR A 1 14 ? -6.504  -15.098 17.726  1.00 22.64 ? 14  TYR A CZ    1 
ATOM   116  O OH    . TYR A 1 14 ? -6.666  -14.727 19.037  1.00 23.43 ? 14  TYR A OH    1 
ATOM   117  N N     . ILE A 1 15 ? -3.545  -16.642 11.120  1.00 23.03 ? 15  ILE A N     1 
ATOM   118  C CA    . ILE A 1 15 ? -3.433  -17.381 9.870   1.00 24.00 ? 15  ILE A CA    1 
ATOM   119  C C     . ILE A 1 15 ? -3.394  -18.866 10.200  1.00 25.49 ? 15  ILE A C     1 
ATOM   120  O O     . ILE A 1 15 ? -2.330  -19.468 10.407  1.00 26.62 ? 15  ILE A O     1 
ATOM   121  C CB    . ILE A 1 15 ? -2.329  -16.887 8.895   1.00 23.62 ? 15  ILE A CB    1 
ATOM   122  C CG1   . ILE A 1 15 ? -2.744  -15.459 8.464   1.00 22.90 ? 15  ILE A CG1   1 
ATOM   123  C CG2   . ILE A 1 15 ? -2.138  -17.892 7.724   1.00 23.09 ? 15  ILE A CG2   1 
ATOM   124  C CD1   . ILE A 1 15 ? -1.858  -14.681 7.500   1.00 21.93 ? 15  ILE A CD1   1 
ATOM   125  N N     . GLU A 1 16 ? -4.616  -19.380 10.234  1.00 26.67 ? 16  GLU A N     1 
ATOM   126  C CA    . GLU A 1 16 ? -4.848  -20.806 10.511  1.00 26.81 ? 16  GLU A CA    1 
ATOM   127  C C     . GLU A 1 16 ? -4.227  -21.181 11.839  1.00 26.07 ? 16  GLU A C     1 
ATOM   128  O O     . GLU A 1 16 ? -3.211  -21.884 11.895  1.00 26.25 ? 16  GLU A O     1 
ATOM   129  C CB    . GLU A 1 16 ? -4.165  -21.675 9.436   1.00 27.78 ? 16  GLU A CB    1 
ATOM   130  C CG    . GLU A 1 16 ? -5.017  -22.058 8.226   1.00 28.29 ? 16  GLU A CG    1 
ATOM   131  C CD    . GLU A 1 16 ? -4.391  -23.124 7.382   1.00 28.81 ? 16  GLU A CD    1 
ATOM   132  O OE1   . GLU A 1 16 ? -3.953  -24.171 7.844   1.00 29.41 ? 16  GLU A OE1   1 
ATOM   133  O OE2   . GLU A 1 16 ? -4.360  -22.737 6.191   1.00 29.15 ? 16  GLU A OE2   1 
ATOM   134  N N     . GLY A 1 17 ? -4.891  -20.681 12.850  1.00 25.86 ? 17  GLY A N     1 
ATOM   135  C CA    . GLY A 1 17 ? -4.477  -20.923 14.234  1.00 25.28 ? 17  GLY A CA    1 
ATOM   136  C C     . GLY A 1 17 ? -3.303  -20.053 14.635  1.00 24.73 ? 17  GLY A C     1 
ATOM   137  O O     . GLY A 1 17 ? -3.260  -19.706 15.840  1.00 25.64 ? 17  GLY A O     1 
ATOM   138  N N     . GLN A 1 18 ? -2.445  -19.744 13.689  1.00 23.84 ? 18  GLN A N     1 
ATOM   139  C CA    . GLN A 1 18 ? -1.251  -18.905 13.973  1.00 23.25 ? 18  GLN A CA    1 
ATOM   140  C C     . GLN A 1 18 ? -1.570  -17.413 13.987  1.00 22.81 ? 18  GLN A C     1 
ATOM   141  O O     . GLN A 1 18 ? -1.927  -16.882 12.917  1.00 23.47 ? 18  GLN A O     1 
ATOM   142  C CB    . GLN A 1 18 ? -0.189  -19.195 12.902  1.00 22.26 ? 18  GLN A CB    1 
ATOM   143  C CG    . GLN A 1 18 ? 0.228   -20.639 12.931  1.00 21.80 ? 18  GLN A CG    1 
ATOM   144  C CD    . GLN A 1 18 ? 1.113   -21.151 11.804  1.00 21.66 ? 18  GLN A CD    1 
ATOM   145  O OE1   . GLN A 1 18 ? 2.344   -21.261 11.919  1.00 20.68 ? 18  GLN A OE1   1 
ATOM   146  N NE2   . GLN A 1 18 ? 0.376   -21.488 10.729  1.00 20.60 ? 18  GLN A NE2   1 
ATOM   147  N N     . PRO A 1 19 ? -1.449  -16.781 15.146  1.00 22.64 ? 19  PRO A N     1 
ATOM   148  C CA    . PRO A 1 19 ? -1.715  -15.339 15.318  1.00 21.84 ? 19  PRO A CA    1 
ATOM   149  C C     . PRO A 1 19 ? -0.587  -14.539 14.655  1.00 21.53 ? 19  PRO A C     1 
ATOM   150  O O     . PRO A 1 19 ? 0.596   -14.922 14.731  1.00 21.95 ? 19  PRO A O     1 
ATOM   151  C CB    . PRO A 1 19 ? -1.652  -15.067 16.809  1.00 21.76 ? 19  PRO A CB    1 
ATOM   152  C CG    . PRO A 1 19 ? -1.634  -16.432 17.431  1.00 21.99 ? 19  PRO A CG    1 
ATOM   153  C CD    . PRO A 1 19 ? -1.030  -17.391 16.422  1.00 22.03 ? 19  PRO A CD    1 
ATOM   154  N N     . VAL A 1 20 ? -0.999  -13.467 14.002  1.00 20.33 ? 20  VAL A N     1 
ATOM   155  C CA    . VAL A 1 20 ? -0.073  -12.573 13.294  1.00 19.38 ? 20  VAL A CA    1 
ATOM   156  C C     . VAL A 1 20 ? -0.645  -11.182 13.072  1.00 18.82 ? 20  VAL A C     1 
ATOM   157  O O     . VAL A 1 20 ? -1.866  -10.976 12.856  1.00 19.07 ? 20  VAL A O     1 
ATOM   158  C CB    . VAL A 1 20 ? 0.337   -13.389 12.042  1.00 19.99 ? 20  VAL A CB    1 
ATOM   159  C CG1   . VAL A 1 20 ? 0.167   -12.646 10.723  1.00 19.26 ? 20  VAL A CG1   1 
ATOM   160  C CG2   . VAL A 1 20 ? 1.761   -13.943 12.247  1.00 19.85 ? 20  VAL A CG2   1 
ATOM   161  N N     . GLU A 1 21 ? 0.250   -10.209 13.116  1.00 17.44 ? 21  GLU A N     1 
ATOM   162  C CA    . GLU A 1 21 ? -0.108  -8.786  12.911  1.00 16.51 ? 21  GLU A CA    1 
ATOM   163  C C     . GLU A 1 21 ? 0.137   -8.459  11.435  1.00 15.08 ? 21  GLU A C     1 
ATOM   164  O O     . GLU A 1 21 ? 1.223   -8.781  10.939  1.00 15.56 ? 21  GLU A O     1 
ATOM   165  C CB    . GLU A 1 21 ? 0.578   -7.780  13.812  1.00 15.78 ? 21  GLU A CB    1 
ATOM   166  N N     . VAL A 1 22 ? -0.865  -7.883  10.791  1.00 13.61 ? 22  VAL A N     1 
ATOM   167  C CA    . VAL A 1 22 ? -0.768  -7.539  9.358   1.00 11.17 ? 22  VAL A CA    1 
ATOM   168  C C     . VAL A 1 22 ? -1.231  -6.106  9.085   1.00 10.29 ? 22  VAL A C     1 
ATOM   169  O O     . VAL A 1 22 ? -2.029  -5.532  9.842   1.00 9.70  ? 22  VAL A O     1 
ATOM   170  C CB    . VAL A 1 22 ? -1.651  -8.592  8.649   1.00 10.83 ? 22  VAL A CB    1 
ATOM   171  C CG1   . VAL A 1 22 ? -1.256  -9.997  9.065   1.00 10.73 ? 22  VAL A CG1   1 
ATOM   172  C CG2   . VAL A 1 22 ? -3.114  -8.330  8.926   1.00 10.95 ? 22  VAL A CG2   1 
ATOM   173  N N     . LEU A 1 23 ? -0.735  -5.571  7.985   1.00 8.73  ? 23  LEU A N     1 
ATOM   174  C CA    . LEU A 1 23 ? -1.060  -4.227  7.520   1.00 8.03  ? 23  LEU A CA    1 
ATOM   175  C C     . LEU A 1 23 ? -2.077  -4.336  6.371   1.00 8.11  ? 23  LEU A C     1 
ATOM   176  O O     . LEU A 1 23 ? -1.931  -5.097  5.402   1.00 8.18  ? 23  LEU A O     1 
ATOM   177  C CB    . LEU A 1 23 ? 0.240   -3.532  7.159   1.00 7.70  ? 23  LEU A CB    1 
ATOM   178  C CG    . LEU A 1 23 ? 0.405   -2.118  6.619   1.00 7.21  ? 23  LEU A CG    1 
ATOM   179  C CD1   . LEU A 1 23 ? 0.484   -1.124  7.770   1.00 6.98  ? 23  LEU A CD1   1 
ATOM   180  C CD2   . LEU A 1 23 ? 1.752   -2.047  5.875   1.00 5.71  ? 23  LEU A CD2   1 
ATOM   181  N N     . LEU A 1 24 ? -3.157  -3.579  6.485   1.00 7.46  ? 24  LEU A N     1 
ATOM   182  C CA    . LEU A 1 24 ? -4.217  -3.474  5.489   1.00 7.57  ? 24  LEU A CA    1 
ATOM   183  C C     . LEU A 1 24 ? -3.637  -2.533  4.425   1.00 8.22  ? 24  LEU A C     1 
ATOM   184  O O     . LEU A 1 24 ? -3.619  -1.310  4.645   1.00 8.91  ? 24  LEU A O     1 
ATOM   185  C CB    . LEU A 1 24 ? -5.495  -2.994  6.182   1.00 7.27  ? 24  LEU A CB    1 
ATOM   186  C CG    . LEU A 1 24 ? -6.291  -4.027  6.924   1.00 7.37  ? 24  LEU A CG    1 
ATOM   187  C CD1   . LEU A 1 24 ? -5.321  -4.986  7.624   1.00 8.28  ? 24  LEU A CD1   1 
ATOM   188  C CD2   . LEU A 1 24 ? -7.216  -3.516  8.017   1.00 6.87  ? 24  LEU A CD2   1 
ATOM   189  N N     . ASP A 1 25 ? -3.184  -3.067  3.298   1.00 8.39  ? 25  ASP A N     1 
ATOM   190  C CA    . ASP A 1 25 ? -2.573  -2.282  2.235   1.00 7.41  ? 25  ASP A CA    1 
ATOM   191  C C     . ASP A 1 25 ? -3.273  -2.324  0.883   1.00 6.95  ? 25  ASP A C     1 
ATOM   192  O O     . ASP A 1 25 ? -3.021  -3.307  0.142   1.00 6.29  ? 25  ASP A O     1 
ATOM   193  C CB    . ASP A 1 25 ? -1.146  -2.894  1.967   1.00 8.85  ? 25  ASP A CB    1 
ATOM   194  C CG    . ASP A 1 25 ? -0.186  -2.077  1.107   1.00 8.61  ? 25  ASP A CG    1 
ATOM   195  O OD1   . ASP A 1 25 ? -0.687  -1.251  0.319   1.00 8.78  ? 25  ASP A OD1   1 
ATOM   196  O OD2   . ASP A 1 25 ? 1.056   -2.148  1.184   1.00 9.03  ? 25  ASP A OD2   1 
ATOM   197  N N     . THR A 1 26 ? -3.940  -1.258  0.558   1.00 5.56  ? 26  THR A N     1 
ATOM   198  C CA    . THR A 1 26 ? -4.674  -1.033  -0.665  1.00 5.17  ? 26  THR A CA    1 
ATOM   199  C C     . THR A 1 26 ? -3.808  -0.783  -1.900  1.00 5.87  ? 26  THR A C     1 
ATOM   200  O O     . THR A 1 26 ? -4.367  -0.384  -2.946  1.00 5.36  ? 26  THR A O     1 
ATOM   201  C CB    . THR A 1 26 ? -5.687  0.177   -0.558  1.00 5.35  ? 26  THR A CB    1 
ATOM   202  O OG1   . THR A 1 26 ? -4.886  1.403   -0.471  1.00 5.78  ? 26  THR A OG1   1 
ATOM   203  C CG2   . THR A 1 26 ? -6.708  0.096   0.573   1.00 5.08  ? 26  THR A CG2   1 
ATOM   204  N N     . GLY A 1 27 ? -2.504  -1.010  -1.783  1.00 5.78  ? 27  GLY A N     1 
ATOM   205  C CA    . GLY A 1 27 ? -1.530  -0.814  -2.822  1.00 4.37  ? 27  GLY A CA    1 
ATOM   206  C C     . GLY A 1 27 ? -0.621  -2.013  -3.054  1.00 5.36  ? 27  GLY A C     1 
ATOM   207  O O     . GLY A 1 27 ? 0.500   -1.908  -3.574  1.00 5.17  ? 27  GLY A O     1 
ATOM   208  N N     . ALA A 1 28 ? -1.136  -3.161  -2.683  1.00 5.85  ? 28  ALA A N     1 
ATOM   209  C CA    . ALA A 1 28 ? -0.683  -4.532  -2.729  1.00 6.24  ? 28  ALA A CA    1 
ATOM   210  C C     . ALA A 1 28 ? -1.724  -5.380  -3.507  1.00 7.45  ? 28  ALA A C     1 
ATOM   211  O O     . ALA A 1 28 ? -2.943  -5.339  -3.198  1.00 5.99  ? 28  ALA A O     1 
ATOM   212  C CB    . ALA A 1 28 ? -0.492  -5.195  -1.345  1.00 5.03  ? 28  ALA A CB    1 
ATOM   213  N N     . ASP A 1 29 ? -1.183  -6.152  -4.486  1.00 9.10  ? 29  ASP A N     1 
ATOM   214  C CA    . ASP A 1 29 ? -2.082  -7.010  -5.277  1.00 10.41 ? 29  ASP A CA    1 
ATOM   215  C C     . ASP A 1 29 ? -2.250  -8.301  -4.443  1.00 12.64 ? 29  ASP A C     1 
ATOM   216  O O     . ASP A 1 29 ? -3.341  -8.961  -4.363  1.00 13.61 ? 29  ASP A O     1 
ATOM   217  C CB    . ASP A 1 29 ? -1.661  -7.198  -6.687  1.00 11.20 ? 29  ASP A CB    1 
ATOM   218  C CG    . ASP A 1 29 ? -1.368  -6.153  -7.719  1.00 11.66 ? 29  ASP A CG    1 
ATOM   219  O OD1   . ASP A 1 29 ? -1.266  -4.962  -7.362  1.00 11.86 ? 29  ASP A OD1   1 
ATOM   220  O OD2   . ASP A 1 29 ? -1.181  -6.404  -8.940  1.00 11.61 ? 29  ASP A OD2   1 
ATOM   221  N N     . ASP A 1 30 ? -1.163  -8.602  -3.724  1.00 12.87 ? 30  ASP A N     1 
ATOM   222  C CA    . ASP A 1 30 ? -1.010  -9.761  -2.876  1.00 12.45 ? 30  ASP A CA    1 
ATOM   223  C C     . ASP A 1 30 ? -0.562  -9.574  -1.447  1.00 13.45 ? 30  ASP A C     1 
ATOM   224  O O     . ASP A 1 30 ? -0.064  -8.503  -1.008  1.00 14.81 ? 30  ASP A O     1 
ATOM   225  C CB    . ASP A 1 30 ? 0.115   -10.572 -3.570  1.00 13.51 ? 30  ASP A CB    1 
ATOM   226  C CG    . ASP A 1 30 ? -0.243  -10.807 -5.030  1.00 13.74 ? 30  ASP A CG    1 
ATOM   227  O OD1   . ASP A 1 30 ? -1.305  -11.362 -5.385  1.00 13.76 ? 30  ASP A OD1   1 
ATOM   228  O OD2   . ASP A 1 30 ? 0.671   -10.352 -5.744  1.00 14.24 ? 30  ASP A OD2   1 
ATOM   229  N N     . SER A 1 31 ? -0.707  -10.680 -0.707  1.00 12.78 ? 31  SER A N     1 
ATOM   230  C CA    . SER A 1 31 ? -0.405  -10.788 0.716   1.00 12.41 ? 31  SER A CA    1 
ATOM   231  C C     . SER A 1 31 ? 0.833   -11.623 0.960   1.00 12.57 ? 31  SER A C     1 
ATOM   232  O O     . SER A 1 31 ? 0.906   -12.776 0.494   1.00 13.35 ? 31  SER A O     1 
ATOM   233  C CB    . SER A 1 31 ? -1.593  -11.310 1.525   1.00 12.06 ? 31  SER A CB    1 
ATOM   234  O OG    . SER A 1 31 ? -2.786  -10.874 0.881   1.00 11.40 ? 31  SER A OG    1 
ATOM   235  N N     . ILE A 1 32 ? 1.725   -11.008 1.716   1.00 12.80 ? 32  ILE A N     1 
ATOM   236  C CA    . ILE A 1 32 ? 3.014   -11.644 2.044   1.00 12.94 ? 32  ILE A CA    1 
ATOM   237  C C     . ILE A 1 32 ? 3.213   -11.631 3.555   1.00 14.08 ? 32  ILE A C     1 
ATOM   238  O O     . ILE A 1 32 ? 3.204   -10.550 4.133   1.00 14.23 ? 32  ILE A O     1 
ATOM   239  C CB    . ILE A 1 32 ? 4.191   -10.916 1.293   1.00 12.66 ? 32  ILE A CB    1 
ATOM   240  C CG1   . ILE A 1 32 ? 3.728   -10.897 -0.182  1.00 11.88 ? 32  ILE A CG1   1 
ATOM   241  C CG2   . ILE A 1 32 ? 5.566   -11.573 1.603   1.00 11.92 ? 32  ILE A CG2   1 
ATOM   242  C CD1   . ILE A 1 32 ? 4.699   -10.484 -1.266  1.00 11.91 ? 32  ILE A CD1   1 
ATOM   243  N N     . VAL A 1 33 ? 3.348   -12.838 4.078   1.00 14.55 ? 33  VAL A N     1 
ATOM   244  C CA    . VAL A 1 33 ? 3.550   -13.043 5.501   1.00 15.29 ? 33  VAL A CA    1 
ATOM   245  C C     . VAL A 1 33 ? 4.895   -13.750 5.645   1.00 16.67 ? 33  VAL A C     1 
ATOM   246  O O     . VAL A 1 33 ? 5.191   -14.664 4.854   1.00 17.41 ? 33  VAL A O     1 
ATOM   247  C CB    . VAL A 1 33 ? 2.324   -13.824 6.006   1.00 15.61 ? 33  VAL A CB    1 
ATOM   248  C CG1   . VAL A 1 33 ? 2.434   -14.285 7.445   1.00 14.32 ? 33  VAL A CG1   1 
ATOM   249  C CG2   . VAL A 1 33 ? 1.055   -13.009 5.731   1.00 14.73 ? 33  VAL A CG2   1 
ATOM   250  N N     . ALA A 1 34 ? 5.686   -13.316 6.610   1.00 17.77 ? 34  ALA A N     1 
ATOM   251  C CA    . ALA A 1 34 ? 6.990   -13.920 6.890   1.00 18.93 ? 34  ALA A CA    1 
ATOM   252  C C     . ALA A 1 34 ? 6.660   -15.107 7.809   1.00 19.74 ? 34  ALA A C     1 
ATOM   253  O O     . ALA A 1 34 ? 5.511   -15.344 8.177   1.00 20.44 ? 34  ALA A O     1 
ATOM   254  C CB    . ALA A 1 34 ? 7.911   -12.926 7.575   1.00 17.76 ? 34  ALA A CB    1 
ATOM   255  N N     . GLY A 1 35 ? 7.672   -15.814 8.223   1.00 21.13 ? 35  GLY A N     1 
ATOM   256  C CA    . GLY A 1 35 ? 7.712   -16.913 9.100   1.00 22.78 ? 35  GLY A CA    1 
ATOM   257  C C     . GLY A 1 35 ? 6.525   -17.446 9.873   1.00 24.28 ? 35  GLY A C     1 
ATOM   258  O O     . GLY A 1 35 ? 6.391   -17.277 11.099  1.00 24.47 ? 35  GLY A O     1 
ATOM   259  N N     . ILE A 1 36 ? 5.664   -18.153 9.173   1.00 24.71 ? 36  ILE A N     1 
ATOM   260  C CA    . ILE A 1 36 ? 4.469   -18.863 9.557   1.00 25.16 ? 36  ILE A CA    1 
ATOM   261  C C     . ILE A 1 36 ? 4.668   -20.205 8.763   1.00 25.32 ? 36  ILE A C     1 
ATOM   262  O O     . ILE A 1 36 ? 5.307   -20.177 7.681   1.00 25.02 ? 36  ILE A O     1 
ATOM   263  C CB    . ILE A 1 36 ? 3.066   -18.331 9.146   1.00 25.45 ? 36  ILE A CB    1 
ATOM   264  C CG1   . ILE A 1 36 ? 3.109   -17.873 7.659   1.00 25.36 ? 36  ILE A CG1   1 
ATOM   265  C CG2   . ILE A 1 36 ? 2.333   -17.275 9.995   1.00 25.94 ? 36  ILE A CG2   1 
ATOM   266  C CD1   . ILE A 1 36 ? 1.653   -17.775 7.109   1.00 25.57 ? 36  ILE A CD1   1 
ATOM   267  N N     . GLU A 1 37 ? 4.103   -21.235 9.356   1.00 24.62 ? 37  GLU A N     1 
ATOM   268  C CA    . GLU A 1 37 ? 4.243   -22.537 8.690   1.00 24.74 ? 37  GLU A CA    1 
ATOM   269  C C     . GLU A 1 37 ? 2.903   -22.931 8.109   1.00 24.54 ? 37  GLU A C     1 
ATOM   270  O O     . GLU A 1 37 ? 1.942   -23.074 8.854   1.00 24.30 ? 37  GLU A O     1 
ATOM   271  C CB    . GLU A 1 37 ? 4.886   -23.551 9.597   1.00 25.21 ? 37  GLU A CB    1 
ATOM   272  C CG    . GLU A 1 37 ? 5.332   -24.827 8.869   1.00 26.17 ? 37  GLU A CG    1 
ATOM   273  C CD    . GLU A 1 37 ? 6.366   -24.574 7.809   1.00 26.27 ? 37  GLU A CD    1 
ATOM   274  O OE1   . GLU A 1 37 ? 7.347   -23.887 8.089   1.00 27.38 ? 37  GLU A OE1   1 
ATOM   275  O OE2   . GLU A 1 37 ? 6.124   -25.130 6.720   1.00 25.99 ? 37  GLU A OE2   1 
ATOM   276  N N     . LEU A 1 38 ? 2.884   -23.078 6.791   1.00 24.62 ? 38  LEU A N     1 
ATOM   277  C CA    . LEU A 1 38 ? 1.747   -23.393 5.961   1.00 24.22 ? 38  LEU A CA    1 
ATOM   278  C C     . LEU A 1 38 ? 1.811   -24.715 5.225   1.00 24.54 ? 38  LEU A C     1 
ATOM   279  O O     . LEU A 1 38 ? 0.826   -25.074 4.526   1.00 24.16 ? 38  LEU A O     1 
ATOM   280  C CB    . LEU A 1 38 ? 1.553   -22.210 4.976   1.00 23.81 ? 38  LEU A CB    1 
ATOM   281  C CG    . LEU A 1 38 ? 1.271   -20.853 5.611   1.00 23.56 ? 38  LEU A CG    1 
ATOM   282  C CD1   . LEU A 1 38 ? 0.664   -19.893 4.606   1.00 23.04 ? 38  LEU A CD1   1 
ATOM   283  C CD2   . LEU A 1 38 ? 0.322   -21.083 6.788   1.00 23.58 ? 38  LEU A CD2   1 
ATOM   284  N N     . GLY A 1 39 ? 2.927   -25.420 5.328   1.00 25.03 ? 39  GLY A N     1 
ATOM   285  C CA    . GLY A 1 39 ? 3.032   -26.715 4.676   1.00 25.43 ? 39  GLY A CA    1 
ATOM   286  C C     . GLY A 1 39 ? 3.913   -27.163 3.571   1.00 25.84 ? 39  GLY A C     1 
ATOM   287  O O     . GLY A 1 39 ? 5.143   -27.012 3.535   1.00 26.43 ? 39  GLY A O     1 
ATOM   288  N N     . ASN A 1 40 ? 3.277   -27.798 2.589   1.00 26.76 ? 40  ASN A N     1 
ATOM   289  C CA    . ASN A 1 40 ? 3.850   -28.390 1.401   1.00 26.46 ? 40  ASN A CA    1 
ATOM   290  C C     . ASN A 1 40 ? 3.310   -28.129 0.017   1.00 26.75 ? 40  ASN A C     1 
ATOM   291  O O     . ASN A 1 40 ? 4.092   -28.318 -0.968  1.00 27.15 ? 40  ASN A O     1 
ATOM   292  C CB    . ASN A 1 40 ? 3.856   -29.915 1.632   1.00 27.66 ? 40  ASN A CB    1 
ATOM   293  C CG    . ASN A 1 40 ? 5.309   -30.336 1.814   1.00 28.50 ? 40  ASN A CG    1 
ATOM   294  O OD1   . ASN A 1 40 ? 6.042   -30.121 0.811   1.00 28.97 ? 40  ASN A OD1   1 
ATOM   295  N ND2   . ASN A 1 40 ? 5.616   -30.877 2.983   1.00 28.62 ? 40  ASN A ND2   1 
ATOM   296  N N     . ASN A 1 41 ? 2.062   -27.746 -0.088  1.00 26.18 ? 41  ASN A N     1 
ATOM   297  C CA    . ASN A 1 41 ? 1.486   -27.470 -1.413  1.00 25.61 ? 41  ASN A CA    1 
ATOM   298  C C     . ASN A 1 41 ? 1.866   -26.051 -1.840  1.00 24.89 ? 41  ASN A C     1 
ATOM   299  O O     . ASN A 1 41 ? 0.962   -25.222 -1.986  1.00 24.13 ? 41  ASN A O     1 
ATOM   300  C CB    . ASN A 1 41 ? 0.008   -27.769 -1.474  1.00 26.72 ? 41  ASN A CB    1 
ATOM   301  C CG    . ASN A 1 41 ? -0.476  -29.138 -1.886  1.00 27.19 ? 41  ASN A CG    1 
ATOM   302  O OD1   . ASN A 1 41 ? -0.048  -29.792 -2.865  1.00 28.04 ? 41  ASN A OD1   1 
ATOM   303  N ND2   . ASN A 1 41 ? -1.454  -29.676 -1.165  1.00 27.54 ? 41  ASN A ND2   1 
ATOM   304  N N     . TYR A 1 42 ? 3.151   -25.835 -2.065  1.00 24.16 ? 42  TYR A N     1 
ATOM   305  C CA    . TYR A 1 42 ? 3.692   -24.539 -2.496  1.00 23.59 ? 42  TYR A CA    1 
ATOM   306  C C     . TYR A 1 42 ? 4.376   -24.609 -3.864  1.00 22.56 ? 42  TYR A C     1 
ATOM   307  O O     . TYR A 1 42 ? 4.854   -25.600 -4.389  1.00 23.33 ? 42  TYR A O     1 
ATOM   308  C CB    . TYR A 1 42 ? 4.721   -23.937 -1.498  1.00 23.46 ? 42  TYR A CB    1 
ATOM   309  C CG    . TYR A 1 42 ? 5.958   -24.813 -1.531  1.00 23.54 ? 42  TYR A CG    1 
ATOM   310  C CD1   . TYR A 1 42 ? 6.959   -24.657 -2.491  1.00 23.26 ? 42  TYR A CD1   1 
ATOM   311  C CD2   . TYR A 1 42 ? 6.067   -25.843 -0.601  1.00 23.73 ? 42  TYR A CD2   1 
ATOM   312  C CE1   . TYR A 1 42 ? 8.061   -25.508 -2.524  1.00 23.53 ? 42  TYR A CE1   1 
ATOM   313  C CE2   . TYR A 1 42 ? 7.180   -26.698 -0.613  1.00 23.66 ? 42  TYR A CE2   1 
ATOM   314  C CZ    . TYR A 1 42 ? 8.163   -26.511 -1.566  1.00 23.16 ? 42  TYR A CZ    1 
ATOM   315  O OH    . TYR A 1 42 ? 9.236   -27.359 -1.498  1.00 23.77 ? 42  TYR A OH    1 
ATOM   316  N N     . SER A 1 43 ? 4.464   -23.460 -4.461  1.00 21.65 ? 43  SER A N     1 
ATOM   317  C CA    . SER A 1 43 ? 5.011   -23.062 -5.735  1.00 20.39 ? 43  SER A CA    1 
ATOM   318  C C     . SER A 1 43 ? 5.756   -21.755 -5.446  1.00 19.91 ? 43  SER A C     1 
ATOM   319  O O     . SER A 1 43 ? 5.200   -20.840 -4.822  1.00 20.59 ? 43  SER A O     1 
ATOM   320  C CB    . SER A 1 43 ? 3.920   -22.805 -6.767  1.00 20.37 ? 43  SER A CB    1 
ATOM   321  N N     . PRO A 1 44 ? 6.998   -21.747 -5.858  1.00 19.54 ? 44  PRO A N     1 
ATOM   322  C CA    . PRO A 1 44 ? 7.830   -20.544 -5.660  1.00 19.13 ? 44  PRO A CA    1 
ATOM   323  C C     . PRO A 1 44 ? 7.414   -19.505 -6.710  1.00 18.81 ? 44  PRO A C     1 
ATOM   324  O O     . PRO A 1 44 ? 7.251   -19.890 -7.895  1.00 18.82 ? 44  PRO A O     1 
ATOM   325  C CB    . PRO A 1 44 ? 9.259   -21.020 -5.926  1.00 18.66 ? 44  PRO A CB    1 
ATOM   326  C CG    . PRO A 1 44 ? 9.171   -22.488 -6.253  1.00 18.80 ? 44  PRO A CG    1 
ATOM   327  C CD    . PRO A 1 44 ? 7.719   -22.814 -6.571  1.00 18.83 ? 44  PRO A CD    1 
ATOM   328  N N     . LYS A 1 45 ? 7.301   -18.265 -6.269  1.00 18.20 ? 45  LYS A N     1 
ATOM   329  C CA    . LYS A 1 45 ? 6.996   -17.099 -7.101  1.00 17.76 ? 45  LYS A CA    1 
ATOM   330  C C     . LYS A 1 45 ? 7.886   -15.909 -6.660  1.00 17.17 ? 45  LYS A C     1 
ATOM   331  O O     . LYS A 1 45 ? 8.420   -15.924 -5.543  1.00 16.61 ? 45  LYS A O     1 
ATOM   332  C CB    . LYS A 1 45 ? 5.618   -16.488 -7.080  1.00 17.49 ? 45  LYS A CB    1 
ATOM   333  C CG    . LYS A 1 45 ? 4.417   -17.312 -7.378  1.00 18.58 ? 45  LYS A CG    1 
ATOM   334  C CD    . LYS A 1 45 ? 4.356   -18.092 -8.668  1.00 19.21 ? 45  LYS A CD    1 
ATOM   335  C CE    . LYS A 1 45 ? 3.099   -18.969 -8.606  1.00 20.51 ? 45  LYS A CE    1 
ATOM   336  N NZ    . LYS A 1 45 ? 3.043   -19.895 -9.765  1.00 21.36 ? 45  LYS A NZ    1 
ATOM   337  N N     . ILE A 1 46 ? 7.969   -14.908 -7.555  1.00 16.50 ? 46  ILE A N     1 
ATOM   338  C CA    . ILE A 1 46 ? 8.723   -13.707 -7.203  1.00 15.60 ? 46  ILE A CA    1 
ATOM   339  C C     . ILE A 1 46 ? 7.715   -12.552 -7.289  1.00 15.29 ? 46  ILE A C     1 
ATOM   340  O O     . ILE A 1 46 ? 6.865   -12.502 -8.191  1.00 15.20 ? 46  ILE A O     1 
ATOM   341  C CB    . ILE A 1 46 ? 9.987   -13.310 -8.029  1.00 16.70 ? 46  ILE A CB    1 
ATOM   342  C CG1   . ILE A 1 46 ? 9.464   -12.646 -9.335  1.00 16.51 ? 46  ILE A CG1   1 
ATOM   343  C CG2   . ILE A 1 46 ? 11.008  -14.451 -8.281  1.00 15.53 ? 46  ILE A CG2   1 
ATOM   344  C CD1   . ILE A 1 46 ? 10.610  -12.241 -10.317 1.00 17.67 ? 46  ILE A CD1   1 
ATOM   345  N N     . VAL A 1 47 ? 7.849   -11.669 -6.314  1.00 14.57 ? 47  VAL A N     1 
ATOM   346  C CA    . VAL A 1 47 ? 7.082   -10.437 -6.175  1.00 12.69 ? 47  VAL A CA    1 
ATOM   347  C C     . VAL A 1 47 ? 8.052   -9.257  -6.264  1.00 12.77 ? 47  VAL A C     1 
ATOM   348  O O     . VAL A 1 47 ? 9.257   -9.302  -6.034  1.00 12.34 ? 47  VAL A O     1 
ATOM   349  C CB    . VAL A 1 47 ? 6.183   -10.478 -4.937  1.00 12.58 ? 47  VAL A CB    1 
ATOM   350  C CG1   . VAL A 1 47 ? 4.940   -11.351 -5.019  1.00 11.61 ? 47  VAL A CG1   1 
ATOM   351  C CG2   . VAL A 1 47 ? 6.973   -10.817 -3.688  1.00 12.29 ? 47  VAL A CG2   1 
ATOM   352  N N     . GLY A 1 48 ? 7.517   -8.110  -6.614  1.00 13.56 ? 48  GLY A N     1 
ATOM   353  C CA    . GLY A 1 48 ? 8.085   -6.802  -6.781  1.00 13.88 ? 48  GLY A CA    1 
ATOM   354  C C     . GLY A 1 48 ? 7.362   -5.681  -6.012  1.00 15.04 ? 48  GLY A C     1 
ATOM   355  O O     . GLY A 1 48 ? 6.160   -5.753  -5.693  1.00 14.07 ? 48  GLY A O     1 
ATOM   356  N N     . GLY A 1 49 ? 8.170   -4.643  -5.801  1.00 15.09 ? 49  GLY A N     1 
ATOM   357  C CA    . GLY A 1 49 ? 7.845   -3.395  -5.097  1.00 16.64 ? 49  GLY A CA    1 
ATOM   358  C C     . GLY A 1 49 ? 8.931   -2.354  -5.353  1.00 16.70 ? 49  GLY A C     1 
ATOM   359  O O     . GLY A 1 49 ? 9.701   -2.711  -6.276  1.00 18.37 ? 49  GLY A O     1 
ATOM   360  N N     . ILE A 1 50 ? 9.088   -1.257  -4.661  1.00 16.46 ? 50  ILE A N     1 
ATOM   361  C CA    . ILE A 1 50 ? 10.119  -0.233  -4.897  1.00 15.98 ? 50  ILE A CA    1 
ATOM   362  C C     . ILE A 1 50 ? 11.606  -0.594  -4.861  1.00 15.79 ? 50  ILE A C     1 
ATOM   363  O O     . ILE A 1 50 ? 12.399  -0.003  -5.669  1.00 15.35 ? 50  ILE A O     1 
ATOM   364  C CB    . ILE A 1 50 ? 9.840   1.127   -4.121  1.00 15.14 ? 50  ILE A CB    1 
ATOM   365  C CG1   . ILE A 1 50 ? 9.833   0.902   -2.604  1.00 15.07 ? 50  ILE A CG1   1 
ATOM   366  C CG2   . ILE A 1 50 ? 8.604   1.968   -4.487  1.00 14.79 ? 50  ILE A CG2   1 
ATOM   367  C CD1   . ILE A 1 50 ? 11.253  1.102   -1.989  1.00 16.43 ? 50  ILE A CD1   1 
ATOM   368  N N     . GLY A 1 51 ? 12.126  -1.468  -4.013  1.00 15.70 ? 51  GLY A N     1 
ATOM   369  C CA    . GLY A 1 51 ? 13.590  -1.757  -4.065  1.00 14.65 ? 51  GLY A CA    1 
ATOM   370  C C     . GLY A 1 51 ? 13.981  -2.783  -5.119  1.00 14.23 ? 51  GLY A C     1 
ATOM   371  O O     . GLY A 1 51 ? 15.139  -2.992  -5.558  1.00 14.85 ? 51  GLY A O     1 
ATOM   372  N N     . GLY A 1 52 ? 13.028  -3.540  -5.579  1.00 14.04 ? 52  GLY A N     1 
ATOM   373  C CA    . GLY A 1 52 ? 13.132  -4.591  -6.553  1.00 14.12 ? 52  GLY A CA    1 
ATOM   374  C C     . GLY A 1 52 ? 12.025  -5.635  -6.395  1.00 14.67 ? 52  GLY A C     1 
ATOM   375  O O     . GLY A 1 52 ? 10.835  -5.338  -6.274  1.00 13.92 ? 52  GLY A O     1 
ATOM   376  N N     . PHE A 1 53 ? 12.501  -6.857  -6.480  1.00 15.44 ? 53  PHE A N     1 
ATOM   377  C CA    . PHE A 1 53 ? 11.888  -8.165  -6.485  1.00 15.88 ? 53  PHE A CA    1 
ATOM   378  C C     . PHE A 1 53 ? 12.381  -9.144  -5.404  1.00 16.68 ? 53  PHE A C     1 
ATOM   379  O O     . PHE A 1 53 ? 13.609  -9.257  -5.312  1.00 17.87 ? 53  PHE A O     1 
ATOM   380  C CB    . PHE A 1 53 ? 12.255  -8.886  -7.823  1.00 14.69 ? 53  PHE A CB    1 
ATOM   381  C CG    . PHE A 1 53 ? 11.458  -8.350  -8.981  1.00 14.73 ? 53  PHE A CG    1 
ATOM   382  C CD1   . PHE A 1 53 ? 10.145  -8.714  -9.164  1.00 13.90 ? 53  PHE A CD1   1 
ATOM   383  C CD2   . PHE A 1 53 ? 12.023  -7.425  -9.871  1.00 14.49 ? 53  PHE A CD2   1 
ATOM   384  C CE1   . PHE A 1 53 ? 9.382   -8.179  -10.179 1.00 14.17 ? 53  PHE A CE1   1 
ATOM   385  C CE2   . PHE A 1 53 ? 11.266  -6.874  -10.901 1.00 14.45 ? 53  PHE A CE2   1 
ATOM   386  C CZ    . PHE A 1 53 ? 9.916   -7.252  -11.063 1.00 14.15 ? 53  PHE A CZ    1 
ATOM   387  N N     . ILE A 1 54 ? 11.461  -9.829  -4.774  1.00 16.62 ? 54  ILE A N     1 
ATOM   388  C CA    . ILE A 1 54 ? 11.682  -10.875 -3.753  1.00 16.85 ? 54  ILE A CA    1 
ATOM   389  C C     . ILE A 1 54 ? 11.174  -12.218 -4.268  1.00 16.57 ? 54  ILE A C     1 
ATOM   390  O O     . ILE A 1 54 ? 10.392  -12.278 -5.227  1.00 16.08 ? 54  ILE A O     1 
ATOM   391  C CB    . ILE A 1 54 ? 10.993  -10.352 -2.433  1.00 16.76 ? 54  ILE A CB    1 
ATOM   392  C CG1   . ILE A 1 54 ? 12.096  -9.630  -1.625  1.00 16.35 ? 54  ILE A CG1   1 
ATOM   393  C CG2   . ILE A 1 54 ? 10.095  -11.289 -1.624  1.00 16.32 ? 54  ILE A CG2   1 
ATOM   394  C CD1   . ILE A 1 54 ? 11.536  -8.650  -0.559  1.00 16.20 ? 54  ILE A CD1   1 
ATOM   395  N N     . ASN A 1 55 ? 11.656  -13.314 -3.712  1.00 17.23 ? 55  ASN A N     1 
ATOM   396  C CA    . ASN A 1 55 ? 11.258  -14.707 -4.051  1.00 16.87 ? 55  ASN A CA    1 
ATOM   397  C C     . ASN A 1 55 ? 10.202  -15.057 -2.972  1.00 16.51 ? 55  ASN A C     1 
ATOM   398  O O     . ASN A 1 55 ? 10.403  -14.699 -1.793  1.00 15.48 ? 55  ASN A O     1 
ATOM   399  C CB    . ASN A 1 55 ? 12.344  -15.767 -4.098  1.00 17.52 ? 55  ASN A CB    1 
ATOM   400  C CG    . ASN A 1 55 ? 13.439  -15.635 -5.126  1.00 19.12 ? 55  ASN A CG    1 
ATOM   401  O OD1   . ASN A 1 55 ? 13.240  -15.167 -6.276  1.00 19.36 ? 55  ASN A OD1   1 
ATOM   402  N ND2   . ASN A 1 55 ? 14.707  -16.012 -4.796  1.00 19.86 ? 55  ASN A ND2   1 
ATOM   403  N N     . THR A 1 56 ? 9.151   -15.715 -3.410  1.00 16.31 ? 56  THR A N     1 
ATOM   404  C CA    . THR A 1 56 ? 8.072   -16.119 -2.484  1.00 16.20 ? 56  THR A CA    1 
ATOM   405  C C     . THR A 1 56 ? 7.670   -17.578 -2.750  1.00 16.19 ? 56  THR A C     1 
ATOM   406  O O     . THR A 1 56 ? 8.096   -18.243 -3.696  1.00 14.60 ? 56  THR A O     1 
ATOM   407  C CB    . THR A 1 56 ? 6.875   -15.097 -2.499  1.00 16.55 ? 56  THR A CB    1 
ATOM   408  O OG1   . THR A 1 56 ? 6.310   -15.025 -3.863  1.00 16.97 ? 56  THR A OG1   1 
ATOM   409  C CG2   . THR A 1 56 ? 7.198   -13.666 -2.031  1.00 15.68 ? 56  THR A CG2   1 
ATOM   410  N N     . LEU A 1 57 ? 6.851   -18.061 -1.838  1.00 16.97 ? 57  LEU A N     1 
ATOM   411  C CA    . LEU A 1 57 ? 6.208   -19.340 -1.682  1.00 17.08 ? 57  LEU A CA    1 
ATOM   412  C C     . LEU A 1 57 ? 4.683   -19.123 -1.664  1.00 17.11 ? 57  LEU A C     1 
ATOM   413  O O     . LEU A 1 57 ? 4.173   -18.688 -0.635  1.00 16.61 ? 57  LEU A O     1 
ATOM   414  C CB    . LEU A 1 57 ? 6.455   -20.141 -0.417  1.00 17.62 ? 57  LEU A CB    1 
ATOM   415  C CG    . LEU A 1 57 ? 7.781   -20.796 -0.101  1.00 18.08 ? 57  LEU A CG    1 
ATOM   416  N N     . GLU A 1 58 ? 4.072   -19.458 -2.768  1.00 17.67 ? 58  GLU A N     1 
ATOM   417  C CA    . GLU A 1 58 ? 2.626   -19.319 -2.944  1.00 18.34 ? 58  GLU A CA    1 
ATOM   418  C C     . GLU A 1 58 ? 1.843   -20.553 -2.509  1.00 18.97 ? 58  GLU A C     1 
ATOM   419  O O     . GLU A 1 58 ? 2.033   -21.698 -2.989  1.00 19.15 ? 58  GLU A O     1 
ATOM   420  C CB    . GLU A 1 58 ? 2.353   -19.137 -4.427  1.00 19.06 ? 58  GLU A CB    1 
ATOM   421  C CG    . GLU A 1 58 ? 1.042   -19.519 -5.068  1.00 19.78 ? 58  GLU A CG    1 
ATOM   422  C CD    . GLU A 1 58 ? 0.032   -18.495 -5.392  1.00 19.62 ? 58  GLU A CD    1 
ATOM   423  O OE1   . GLU A 1 58 ? -0.682  -17.904 -4.618  1.00 20.71 ? 58  GLU A OE1   1 
ATOM   424  O OE2   . GLU A 1 58 ? -0.121  -18.255 -6.601  1.00 20.30 ? 58  GLU A OE2   1 
ATOM   425  N N     . TYR A 1 59 ? 0.950   -20.287 -1.574  1.00 18.78 ? 59  TYR A N     1 
ATOM   426  C CA    . TYR A 1 59 ? 0.027   -21.246 -0.998  1.00 18.76 ? 59  TYR A CA    1 
ATOM   427  C C     . TYR A 1 59 ? -1.380  -20.701 -1.323  1.00 19.60 ? 59  TYR A C     1 
ATOM   428  O O     . TYR A 1 59 ? -1.683  -19.488 -1.281  1.00 19.14 ? 59  TYR A O     1 
ATOM   429  C CB    . TYR A 1 59 ? 0.243   -21.466 0.497   1.00 18.31 ? 59  TYR A CB    1 
ATOM   430  C CG    . TYR A 1 59 ? 1.568   -21.948 1.003   1.00 17.63 ? 59  TYR A CG    1 
ATOM   431  C CD1   . TYR A 1 59 ? 2.601   -21.061 1.286   1.00 17.33 ? 59  TYR A CD1   1 
ATOM   432  C CD2   . TYR A 1 59 ? 1.838   -23.297 1.216   1.00 17.56 ? 59  TYR A CD2   1 
ATOM   433  C CE1   . TYR A 1 59 ? 3.821   -21.486 1.803   1.00 17.16 ? 59  TYR A CE1   1 
ATOM   434  C CE2   . TYR A 1 59 ? 3.055   -23.772 1.705   1.00 16.97 ? 59  TYR A CE2   1 
ATOM   435  C CZ    . TYR A 1 59 ? 4.047   -22.856 2.006   1.00 17.09 ? 59  TYR A CZ    1 
ATOM   436  O OH    . TYR A 1 59 ? 5.237   -23.279 2.503   1.00 15.90 ? 59  TYR A OH    1 
ATOM   437  N N     . LYS A 1 60 ? -2.256  -21.641 -1.640  1.00 19.90 ? 60  LYS A N     1 
ATOM   438  C CA    . LYS A 1 60 ? -3.642  -21.320 -1.991  1.00 20.00 ? 60  LYS A CA    1 
ATOM   439  C C     . LYS A 1 60 ? -4.617  -21.679 -0.890  1.00 20.74 ? 60  LYS A C     1 
ATOM   440  O O     . LYS A 1 60 ? -4.349  -22.359 0.112   1.00 20.71 ? 60  LYS A O     1 
ATOM   441  C CB    . LYS A 1 60 ? -3.977  -21.932 -3.344  1.00 20.28 ? 60  LYS A CB    1 
ATOM   442  C CG    . LYS A 1 60 ? -2.978  -21.503 -4.436  1.00 20.28 ? 60  LYS A CG    1 
ATOM   443  C CD    . LYS A 1 60 ? -3.532  -21.798 -5.818  1.00 20.50 ? 60  LYS A CD    1 
ATOM   444  C CE    . LYS A 1 60 ? -3.453  -20.579 -6.721  1.00 20.68 ? 60  LYS A CE    1 
ATOM   445  N NZ    . LYS A 1 60 ? -4.613  -20.669 -7.659  1.00 21.07 ? 60  LYS A NZ    1 
ATOM   446  N N     . ASN A 1 61 ? -5.787  -21.112 -1.090  1.00 21.77 ? 61  ASN A N     1 
ATOM   447  C CA    . ASN A 1 61 ? -6.969  -21.215 -0.219  1.00 22.54 ? 61  ASN A CA    1 
ATOM   448  C C     . ASN A 1 61 ? -6.617  -21.482 1.236   1.00 22.81 ? 61  ASN A C     1 
ATOM   449  O O     . ASN A 1 61 ? -7.182  -22.399 1.875   1.00 23.68 ? 61  ASN A O     1 
ATOM   450  C CB    . ASN A 1 61 ? -7.974  -22.160 -0.883  1.00 22.33 ? 61  ASN A CB    1 
ATOM   451  N N     . VAL A 1 62 ? -5.709  -20.689 1.795   1.00 22.58 ? 62  VAL A N     1 
ATOM   452  C CA    . VAL A 1 62 ? -5.377  -20.967 3.238   1.00 22.91 ? 62  VAL A CA    1 
ATOM   453  C C     . VAL A 1 62 ? -6.503  -20.342 4.041   1.00 22.98 ? 62  VAL A C     1 
ATOM   454  O O     . VAL A 1 62 ? -7.125  -19.392 3.509   1.00 23.38 ? 62  VAL A O     1 
ATOM   455  C CB    . VAL A 1 62 ? -3.926  -20.512 3.403   1.00 22.60 ? 62  VAL A CB    1 
ATOM   456  C CG1   . VAL A 1 62 ? -3.393  -19.989 2.066   1.00 23.04 ? 62  VAL A CG1   1 
ATOM   457  C CG2   . VAL A 1 62 ? -3.555  -19.630 4.550   1.00 22.32 ? 62  VAL A CG2   1 
ATOM   458  N N     . GLU A 1 63 ? -6.841  -20.793 5.223   1.00 23.02 ? 63  GLU A N     1 
ATOM   459  C CA    . GLU A 1 63 ? -7.919  -20.166 5.984   1.00 23.30 ? 63  GLU A CA    1 
ATOM   460  C C     . GLU A 1 63 ? -7.367  -19.054 6.862   1.00 22.88 ? 63  GLU A C     1 
ATOM   461  O O     . GLU A 1 63 ? -6.321  -19.144 7.509   1.00 22.79 ? 63  GLU A O     1 
ATOM   462  C CB    . GLU A 1 63 ? -8.908  -21.085 6.652   1.00 24.83 ? 63  GLU A CB    1 
ATOM   463  C CG    . GLU A 1 63 ? -10.002 -21.657 5.693   1.00 26.24 ? 63  GLU A CG    1 
ATOM   464  C CD    . GLU A 1 63 ? -10.830 -22.762 6.325   1.00 26.74 ? 63  GLU A CD    1 
ATOM   465  O OE1   . GLU A 1 63 ? -11.503 -22.557 7.340   1.00 26.85 ? 63  GLU A OE1   1 
ATOM   466  O OE2   . GLU A 1 63 ? -10.700 -23.868 5.718   1.00 26.90 ? 63  GLU A OE2   1 
ATOM   467  N N     . ILE A 1 64 ? -8.090  -17.942 6.866   1.00 21.86 ? 64  ILE A N     1 
ATOM   468  C CA    . ILE A 1 64 ? -7.755  -16.730 7.585   1.00 21.09 ? 64  ILE A CA    1 
ATOM   469  C C     . ILE A 1 64 ? -8.939  -16.070 8.286   1.00 21.13 ? 64  ILE A C     1 
ATOM   470  O O     . ILE A 1 64 ? -10.032 -15.922 7.713   1.00 20.80 ? 64  ILE A O     1 
ATOM   471  C CB    . ILE A 1 64 ? -7.256  -15.688 6.497   1.00 21.03 ? 64  ILE A CB    1 
ATOM   472  C CG1   . ILE A 1 64 ? -6.082  -16.186 5.635   1.00 20.18 ? 64  ILE A CG1   1 
ATOM   473  C CG2   . ILE A 1 64 ? -6.991  -14.281 7.082   1.00 21.08 ? 64  ILE A CG2   1 
ATOM   474  C CD1   . ILE A 1 64 ? -6.185  -15.600 4.198   1.00 19.42 ? 64  ILE A CD1   1 
ATOM   475  N N     . GLU A 1 65 ? -8.661  -15.636 9.514   1.00 21.45 ? 65  GLU A N     1 
ATOM   476  C CA    . GLU A 1 65 ? -9.683  -14.897 10.284  1.00 21.83 ? 65  GLU A CA    1 
ATOM   477  C C     . GLU A 1 65 ? -9.029  -13.580 10.702  1.00 21.52 ? 65  GLU A C     1 
ATOM   478  O O     . GLU A 1 65 ? -7.937  -13.571 11.299  1.00 21.69 ? 65  GLU A O     1 
ATOM   479  C CB    . GLU A 1 65 ? -10.215 -15.655 11.482  1.00 23.19 ? 65  GLU A CB    1 
ATOM   480  C CG    . GLU A 1 65 ? -11.105 -14.823 12.426  1.00 24.28 ? 65  GLU A CG    1 
ATOM   481  C CD    . GLU A 1 65 ? -11.730 -15.610 13.541  1.00 24.82 ? 65  GLU A CD    1 
ATOM   482  O OE1   . GLU A 1 65 ? -12.334 -16.590 13.046  1.00 25.84 ? 65  GLU A OE1   1 
ATOM   483  O OE2   . GLU A 1 65 ? -11.627 -15.323 14.722  1.00 24.96 ? 65  GLU A OE2   1 
ATOM   484  N N     . VAL A 1 66 ? -9.653  -12.486 10.364  1.00 21.07 ? 66  VAL A N     1 
ATOM   485  C CA    . VAL A 1 66 ? -9.190  -11.105 10.624  1.00 20.78 ? 66  VAL A CA    1 
ATOM   486  C C     . VAL A 1 66 ? -10.459 -10.266 10.740  1.00 21.04 ? 66  VAL A C     1 
ATOM   487  O O     . VAL A 1 66 ? -11.432 -10.468 9.994   1.00 21.41 ? 66  VAL A O     1 
ATOM   488  C CB    . VAL A 1 66 ? -8.224  -10.621 9.525   1.00 20.01 ? 66  VAL A CB    1 
ATOM   489  C CG1   . VAL A 1 66 ? -8.902  -10.474 8.162   1.00 20.09 ? 66  VAL A CG1   1 
ATOM   490  C CG2   . VAL A 1 66 ? -7.482  -9.337  9.773   1.00 19.12 ? 66  VAL A CG2   1 
ATOM   491  N N     . LEU A 1 67 ? -10.411 -9.311  11.643  1.00 22.44 ? 67  LEU A N     1 
ATOM   492  C CA    . LEU A 1 67 ? -11.512 -8.391  11.945  1.00 22.78 ? 67  LEU A CA    1 
ATOM   493  C C     . LEU A 1 67 ? -12.726 -9.277  12.244  1.00 23.42 ? 67  LEU A C     1 
ATOM   494  O O     . LEU A 1 67 ? -13.856 -8.986  11.860  1.00 23.84 ? 67  LEU A O     1 
ATOM   495  C CB    . LEU A 1 67 ? -11.782 -7.371  10.871  1.00 22.84 ? 67  LEU A CB    1 
ATOM   496  C CG    . LEU A 1 67 ? -10.615 -6.462  10.500  1.00 23.44 ? 67  LEU A CG    1 
ATOM   497  C CD1   . LEU A 1 67 ? -11.057 -5.692  9.252   1.00 23.49 ? 67  LEU A CD1   1 
ATOM   498  C CD2   . LEU A 1 67 ? -10.399 -5.462  11.644  1.00 23.67 ? 67  LEU A CD2   1 
ATOM   499  N N     . ASN A 1 68 ? -12.387 -10.381 12.885  1.00 24.27 ? 68  ASN A N     1 
ATOM   500  C CA    . ASN A 1 68 ? -13.393 -11.359 13.351  1.00 24.73 ? 68  ASN A CA    1 
ATOM   501  C C     . ASN A 1 68 ? -14.264 -11.884 12.245  1.00 24.86 ? 68  ASN A C     1 
ATOM   502  O O     . ASN A 1 68 ? -15.416 -12.215 12.535  1.00 24.86 ? 68  ASN A O     1 
ATOM   503  C CB    . ASN A 1 68 ? -14.144 -10.492 14.382  1.00 25.87 ? 68  ASN A CB    1 
ATOM   504  C CG    . ASN A 1 68 ? -15.121 -11.126 15.298  1.00 25.93 ? 68  ASN A CG    1 
ATOM   505  O OD1   . ASN A 1 68 ? -15.335 -12.353 15.268  1.00 27.21 ? 68  ASN A OD1   1 
ATOM   506  N ND2   . ASN A 1 68 ? -15.739 -10.285 16.115  1.00 26.66 ? 68  ASN A ND2   1 
ATOM   507  N N     . LYS A 1 69 ? -13.709 -11.948 11.047  1.00 25.20 ? 69  LYS A N     1 
ATOM   508  C CA    . LYS A 1 69 ? -14.421 -12.411 9.840   1.00 25.51 ? 69  LYS A CA    1 
ATOM   509  C C     . LYS A 1 69 ? -13.577 -13.508 9.207   1.00 25.27 ? 69  LYS A C     1 
ATOM   510  O O     . LYS A 1 69 ? -12.351 -13.587 9.409   1.00 25.43 ? 69  LYS A O     1 
ATOM   511  C CB    . LYS A 1 69 ? -14.749 -11.243 8.912   1.00 26.05 ? 69  LYS A CB    1 
ATOM   512  C CG    . LYS A 1 69 ? -16.205 -11.137 8.500   1.00 27.32 ? 69  LYS A CG    1 
ATOM   513  C CD    . LYS A 1 69 ? -16.643 -10.196 7.402   1.00 27.59 ? 69  LYS A CD    1 
ATOM   514  C CE    . LYS A 1 69 ? -17.066 -10.873 6.101   1.00 28.63 ? 69  LYS A CE    1 
ATOM   515  N NZ    . LYS A 1 69 ? -18.515 -11.320 6.143   1.00 28.29 ? 69  LYS A NZ    1 
ATOM   516  N N     . LYS A 1 70 ? -14.212 -14.380 8.450   1.00 24.96 ? 70  LYS A N     1 
ATOM   517  C CA    . LYS A 1 70 ? -13.501 -15.505 7.825   1.00 25.35 ? 70  LYS A CA    1 
ATOM   518  C C     . LYS A 1 70 ? -13.212 -15.471 6.352   1.00 24.50 ? 70  LYS A C     1 
ATOM   519  O O     . LYS A 1 70 ? -13.919 -14.793 5.590   1.00 25.42 ? 70  LYS A O     1 
ATOM   520  C CB    . LYS A 1 70 ? -14.341 -16.760 8.087   1.00 26.07 ? 70  LYS A CB    1 
ATOM   521  C CG    . LYS A 1 70 ? -13.771 -17.459 9.340   1.00 26.82 ? 70  LYS A CG    1 
ATOM   522  C CD    . LYS A 1 70 ? -12.598 -18.316 8.814   1.00 27.40 ? 70  LYS A CD    1 
ATOM   523  C CE    . LYS A 1 70 ? -13.089 -19.446 7.917   1.00 27.64 ? 70  LYS A CE    1 
ATOM   524  N NZ    . LYS A 1 70 ? -11.947 -20.381 7.714   1.00 28.40 ? 70  LYS A NZ    1 
ATOM   525  N N     . VAL A 1 71 ? -12.180 -16.202 5.981   1.00 23.33 ? 71  VAL A N     1 
ATOM   526  C CA    . VAL A 1 71 ? -11.771 -16.266 4.569   1.00 22.02 ? 71  VAL A CA    1 
ATOM   527  C C     . VAL A 1 71 ? -10.714 -17.328 4.371   1.00 21.21 ? 71  VAL A C     1 
ATOM   528  O O     . VAL A 1 71 ? -9.935  -17.666 5.237   1.00 21.13 ? 71  VAL A O     1 
ATOM   529  C CB    . VAL A 1 71 ? -11.343 -14.911 3.961   1.00 21.78 ? 71  VAL A CB    1 
ATOM   530  C CG1   . VAL A 1 71 ? -10.443 -15.137 2.739   1.00 21.93 ? 71  VAL A CG1   1 
ATOM   531  C CG2   . VAL A 1 71 ? -12.542 -14.102 3.492   1.00 21.13 ? 71  VAL A CG2   1 
ATOM   532  N N     . ARG A 1 72 ? -10.694 -17.769 3.161   1.00 21.39 ? 72  ARG A N     1 
ATOM   533  C CA    . ARG A 1 72 ? -9.784  -18.756 2.560   1.00 21.45 ? 72  ARG A CA    1 
ATOM   534  C C     . ARG A 1 72 ? -9.226  -17.933 1.394   1.00 21.16 ? 72  ARG A C     1 
ATOM   535  O O     . ARG A 1 72 ? -10.064 -17.431 0.582   1.00 21.16 ? 72  ARG A O     1 
ATOM   536  C CB    . ARG A 1 72 ? -10.649 -19.939 2.122   1.00 22.55 ? 72  ARG A CB    1 
ATOM   537  C CG    . ARG A 1 72 ? -9.974  -21.303 2.235   1.00 24.56 ? 72  ARG A CG    1 
ATOM   538  C CD    . ARG A 1 72 ? -11.000 -22.351 1.974   1.00 26.52 ? 72  ARG A CD    1 
ATOM   539  N NE    . ARG A 1 72 ? -10.731 -23.628 2.648   1.00 27.86 ? 72  ARG A NE    1 
ATOM   540  C CZ    . ARG A 1 72 ? -11.781 -24.233 3.269   1.00 28.88 ? 72  ARG A CZ    1 
ATOM   541  N NH1   . ARG A 1 72 ? -13.036 -23.783 3.340   1.00 28.47 ? 72  ARG A NH1   1 
ATOM   542  N NH2   . ARG A 1 72 ? -11.539 -25.400 3.924   1.00 29.77 ? 72  ARG A NH2   1 
ATOM   543  N N     . ALA A 1 73 ? -7.900  -17.748 1.318   1.00 19.97 ? 73  ALA A N     1 
ATOM   544  C CA    . ALA A 1 73 ? -7.434  -16.908 0.163   1.00 18.77 ? 73  ALA A CA    1 
ATOM   545  C C     . ALA A 1 73 ? -5.986  -17.125 -0.120  1.00 18.10 ? 73  ALA A C     1 
ATOM   546  O O     . ALA A 1 73 ? -5.368  -17.650 0.812   1.00 19.17 ? 73  ALA A O     1 
ATOM   547  C CB    . ALA A 1 73 ? -7.877  -15.486 0.544   1.00 19.23 ? 73  ALA A CB    1 
ATOM   548  N N     . THR A 1 74 ? -5.411  -16.846 -1.268  1.00 17.15 ? 74  THR A N     1 
ATOM   549  C CA    . THR A 1 74 ? -3.998  -17.071 -1.514  1.00 16.53 ? 74  THR A CA    1 
ATOM   550  C C     . THR A 1 74 ? -3.040  -16.407 -0.536  1.00 16.13 ? 74  THR A C     1 
ATOM   551  O O     . THR A 1 74 ? -3.127  -15.209 -0.198  1.00 17.09 ? 74  THR A O     1 
ATOM   552  C CB    . THR A 1 74 ? -3.646  -16.672 -3.003  1.00 16.90 ? 74  THR A CB    1 
ATOM   553  O OG1   . THR A 1 74 ? -4.033  -17.783 -3.872  1.00 17.30 ? 74  THR A OG1   1 
ATOM   554  C CG2   . THR A 1 74 ? -2.170  -16.299 -3.195  1.00 16.24 ? 74  THR A CG2   1 
ATOM   555  N N     . ILE A 1 75 ? -2.067  -17.114 -0.025  1.00 15.82 ? 75  ILE A N     1 
ATOM   556  C CA    . ILE A 1 75 ? -1.019  -16.648 0.870   1.00 15.33 ? 75  ILE A CA    1 
ATOM   557  C C     . ILE A 1 75 ? 0.376   -16.921 0.299   1.00 15.69 ? 75  ILE A C     1 
ATOM   558  O O     . ILE A 1 75 ? 0.670   -18.096 0.014   1.00 14.84 ? 75  ILE A O     1 
ATOM   559  C CB    . ILE A 1 75 ? -1.213  -17.193 2.296   1.00 15.25 ? 75  ILE A CB    1 
ATOM   560  C CG1   . ILE A 1 75 ? -2.454  -16.487 2.915   1.00 15.78 ? 75  ILE A CG1   1 
ATOM   561  C CG2   . ILE A 1 75 ? 0.075   -16.957 3.116   1.00 14.72 ? 75  ILE A CG2   1 
ATOM   562  C CD1   . ILE A 1 75 ? -2.127  -15.186 3.692   1.00 15.93 ? 75  ILE A CD1   1 
ATOM   563  N N     . MET A 1 76 ? 1.151   -15.856 0.182   1.00 16.26 ? 76  MET A N     1 
ATOM   564  C CA    . MET A 1 76 ? 2.541   -15.925 -0.379  1.00 17.88 ? 76  MET A CA    1 
ATOM   565  C C     . MET A 1 76 ? 3.547   -15.757 0.735   1.00 18.08 ? 76  MET A C     1 
ATOM   566  O O     . MET A 1 76 ? 3.449   -14.724 1.437   1.00 20.10 ? 76  MET A O     1 
ATOM   567  C CB    . MET A 1 76 ? 2.564   -14.799 -1.431  1.00 18.67 ? 76  MET A CB    1 
ATOM   568  C CG    . MET A 1 76 ? 3.459   -14.904 -2.613  1.00 19.16 ? 76  MET A CG    1 
ATOM   569  S SD    . MET A 1 76 ? 2.515   -14.477 -4.135  1.00 21.19 ? 76  MET A SD    1 
ATOM   570  C CE    . MET A 1 76 ? 0.993   -15.362 -3.814  1.00 19.95 ? 76  MET A CE    1 
ATOM   571  N N     . THR A 1 77 ? 4.474   -16.617 1.056   1.00 18.41 ? 77  THR A N     1 
ATOM   572  C CA    . THR A 1 77 ? 5.443   -16.404 2.153   1.00 18.37 ? 77  THR A CA    1 
ATOM   573  C C     . THR A 1 77 ? 6.761   -15.821 1.643   1.00 18.31 ? 77  THR A C     1 
ATOM   574  O O     . THR A 1 77 ? 7.153   -16.056 0.495   1.00 16.96 ? 77  THR A O     1 
ATOM   575  C CB    . THR A 1 77 ? 5.624   -17.653 3.095   1.00 18.47 ? 77  THR A CB    1 
ATOM   576  O OG1   . THR A 1 77 ? 4.348   -17.775 3.821   1.00 19.05 ? 77  THR A OG1   1 
ATOM   577  C CG2   . THR A 1 77 ? 6.754   -17.490 4.114   1.00 18.71 ? 77  THR A CG2   1 
ATOM   578  N N     . GLY A 1 78 ? 7.397   -15.030 2.510   1.00 19.00 ? 78  GLY A N     1 
ATOM   579  C CA    . GLY A 1 78 ? 8.661   -14.339 2.189   1.00 20.04 ? 78  GLY A CA    1 
ATOM   580  C C     . GLY A 1 78 ? 9.262   -13.372 3.203   1.00 20.40 ? 78  GLY A C     1 
ATOM   581  O O     . GLY A 1 78 ? 8.753   -13.052 4.291   1.00 20.70 ? 78  GLY A O     1 
ATOM   582  N N     . ASP A 1 79 ? 10.399  -12.823 2.814   1.00 20.99 ? 79  ASP A N     1 
ATOM   583  C CA    . ASP A 1 79 ? 11.272  -11.910 3.563   1.00 21.57 ? 79  ASP A CA    1 
ATOM   584  C C     . ASP A 1 79 ? 10.922  -10.437 3.436   1.00 21.19 ? 79  ASP A C     1 
ATOM   585  O O     . ASP A 1 79 ? 11.654  -9.613  2.868   1.00 20.84 ? 79  ASP A O     1 
ATOM   586  C CB    . ASP A 1 79 ? 12.727  -12.213 3.115   1.00 22.86 ? 79  ASP A CB    1 
ATOM   587  C CG    . ASP A 1 79 ? 13.730  -11.958 4.215   1.00 24.26 ? 79  ASP A CG    1 
ATOM   588  O OD1   . ASP A 1 79 ? 14.189  -10.815 4.426   1.00 24.63 ? 79  ASP A OD1   1 
ATOM   589  O OD2   . ASP A 1 79 ? 14.057  -12.921 4.964   1.00 24.91 ? 79  ASP A OD2   1 
ATOM   590  N N     . THR A 1 80 ? 9.790   -10.125 4.035   1.00 20.70 ? 80  THR A N     1 
ATOM   591  C CA    . THR A 1 80 ? 9.082   -8.870  4.141   1.00 19.48 ? 80  THR A CA    1 
ATOM   592  C C     . THR A 1 80 ? 9.219   -8.302  5.548   1.00 19.60 ? 80  THR A C     1 
ATOM   593  O O     . THR A 1 80 ? 8.967   -9.015  6.515   1.00 19.86 ? 80  THR A O     1 
ATOM   594  C CB    . THR A 1 80 ? 7.534   -9.121  3.864   1.00 19.16 ? 80  THR A CB    1 
ATOM   595  O OG1   . THR A 1 80 ? 6.791   -7.868  3.897   1.00 18.75 ? 80  THR A OG1   1 
ATOM   596  C CG2   . THR A 1 80 ? 6.899   -10.106 4.864   1.00 19.43 ? 80  THR A CG2   1 
ATOM   597  N N     . PRO A 1 81 ? 9.556   -7.012  5.621   1.00 19.66 ? 81  PRO A N     1 
ATOM   598  C CA    . PRO A 1 81 ? 9.677   -6.331  6.903   1.00 19.02 ? 81  PRO A CA    1 
ATOM   599  C C     . PRO A 1 81 ? 8.349   -6.397  7.656   1.00 18.93 ? 81  PRO A C     1 
ATOM   600  O O     . PRO A 1 81 ? 8.306   -6.420  8.910   1.00 19.78 ? 81  PRO A O     1 
ATOM   601  C CB    . PRO A 1 81 ? 10.036  -4.898  6.565   1.00 18.95 ? 81  PRO A CB    1 
ATOM   602  C CG    . PRO A 1 81 ? 10.162  -4.787  5.084   1.00 19.00 ? 81  PRO A CG    1 
ATOM   603  C CD    . PRO A 1 81 ? 9.845   -6.131  4.465   1.00 19.27 ? 81  PRO A CD    1 
ATOM   604  N N     . ILE A 1 82 ? 7.257   -6.408  6.896   1.00 17.96 ? 82  ILE A N     1 
ATOM   605  C CA    . ILE A 1 82 ? 5.939   -6.432  7.591   1.00 16.28 ? 82  ILE A CA    1 
ATOM   606  C C     . ILE A 1 82 ? 4.996   -7.367  6.844   1.00 15.27 ? 82  ILE A C     1 
ATOM   607  O O     . ILE A 1 82 ? 5.159   -7.563  5.636   1.00 13.94 ? 82  ILE A O     1 
ATOM   608  C CB    . ILE A 1 82 ? 5.380   -4.976  7.674   1.00 16.50 ? 82  ILE A CB    1 
ATOM   609  C CG1   . ILE A 1 82 ? 6.434   -4.066  8.395   1.00 16.76 ? 82  ILE A CG1   1 
ATOM   610  C CG2   . ILE A 1 82 ? 4.014   -4.764  8.388   1.00 16.81 ? 82  ILE A CG2   1 
ATOM   611  C CD1   . ILE A 1 82 ? 5.746   -2.674  8.651   1.00 16.83 ? 82  ILE A CD1   1 
ATOM   612  N N     . ASN A 1 83 ? 4.065   -7.893  7.651   1.00 14.21 ? 83  ASN A N     1 
ATOM   613  C CA    . ASN A 1 83 ? 3.062   -8.795  7.031   1.00 12.95 ? 83  ASN A CA    1 
ATOM   614  C C     . ASN A 1 83 ? 2.031   -7.824  6.374   1.00 12.19 ? 83  ASN A C     1 
ATOM   615  O O     . ASN A 1 83 ? 1.382   -7.020  7.042   1.00 10.37 ? 83  ASN A O     1 
ATOM   616  C CB    . ASN A 1 83 ? 2.547   -9.839  7.973   1.00 12.85 ? 83  ASN A CB    1 
ATOM   617  C CG    . ASN A 1 83 ? 3.451   -10.405 9.034   1.00 12.70 ? 83  ASN A CG    1 
ATOM   618  O OD1   . ASN A 1 83 ? 4.633   -10.600 8.725   1.00 13.53 ? 83  ASN A OD1   1 
ATOM   619  N ND2   . ASN A 1 83 ? 2.996   -10.634 10.267  1.00 11.75 ? 83  ASN A ND2   1 
ATOM   620  N N     . ILE A 1 84 ? 1.970   -7.912  5.052   1.00 11.33 ? 84  ILE A N     1 
ATOM   621  C CA    . ILE A 1 84 ? 1.046   -7.087  4.260   1.00 11.28 ? 84  ILE A CA    1 
ATOM   622  C C     . ILE A 1 84 ? -0.148  -7.921  3.828   1.00 11.13 ? 84  ILE A C     1 
ATOM   623  O O     . ILE A 1 84 ? 0.121   -9.077  3.468   1.00 12.08 ? 84  ILE A O     1 
ATOM   624  C CB    . ILE A 1 84 ? 1.758   -6.297  3.128   1.00 10.64 ? 84  ILE A CB    1 
ATOM   625  C CG1   . ILE A 1 84 ? 2.511   -7.181  2.143   1.00 10.99 ? 84  ILE A CG1   1 
ATOM   626  C CG2   . ILE A 1 84 ? 2.864   -5.390  3.777   1.00 10.79 ? 84  ILE A CG2   1 
ATOM   627  C CD1   . ILE A 1 84 ? 3.427   -6.457  1.095   1.00 10.36 ? 84  ILE A CD1   1 
ATOM   628  N N     . PHE A 1 85 ? -1.340  -7.385  3.943   1.00 10.40 ? 85  PHE A N     1 
ATOM   629  C CA    . PHE A 1 85 ? -2.614  -7.955  3.545   1.00 10.08 ? 85  PHE A CA    1 
ATOM   630  C C     . PHE A 1 85 ? -3.124  -7.054  2.372   1.00 9.99  ? 85  PHE A C     1 
ATOM   631  O O     . PHE A 1 85 ? -3.686  -5.971  2.644   1.00 10.97 ? 85  PHE A O     1 
ATOM   632  C CB    . PHE A 1 85 ? -3.669  -8.114  4.609   1.00 9.54  ? 85  PHE A CB    1 
ATOM   633  C CG    . PHE A 1 85 ? -3.820  -9.459  5.220   1.00 10.12 ? 85  PHE A CG    1 
ATOM   634  C CD1   . PHE A 1 85 ? -2.813  -10.419 5.097   1.00 10.27 ? 85  PHE A CD1   1 
ATOM   635  C CD2   . PHE A 1 85 ? -4.966  -9.817  5.904   1.00 10.83 ? 85  PHE A CD2   1 
ATOM   636  C CE1   . PHE A 1 85 ? -2.927  -11.674 5.641   1.00 9.28  ? 85  PHE A CE1   1 
ATOM   637  C CE2   . PHE A 1 85 ? -5.097  -11.097 6.472   1.00 10.75 ? 85  PHE A CE2   1 
ATOM   638  C CZ    . PHE A 1 85 ? -4.084  -11.998 6.324   1.00 9.44  ? 85  PHE A CZ    1 
ATOM   639  N N     . GLY A 1 86 ? -2.939  -7.481  1.158   1.00 9.17  ? 86  GLY A N     1 
ATOM   640  C CA    . GLY A 1 86 ? -3.302  -6.777  -0.064  1.00 9.64  ? 86  GLY A CA    1 
ATOM   641  C C     . GLY A 1 86 ? -4.703  -6.862  -0.562  1.00 8.64  ? 86  GLY A C     1 
ATOM   642  O O     . GLY A 1 86 ? -5.543  -7.418  0.159   1.00 10.30 ? 86  GLY A O     1 
ATOM   643  N N     . ARG A 1 87 ? -5.014  -6.363  -1.737  1.00 8.57  ? 87  ARG A N     1 
ATOM   644  C CA    . ARG A 1 87 ? -6.373  -6.342  -2.277  1.00 7.97  ? 87  ARG A CA    1 
ATOM   645  C C     . ARG A 1 87 ? -7.140  -7.635  -2.388  1.00 9.30  ? 87  ARG A C     1 
ATOM   646  O O     . ARG A 1 87 ? -8.414  -7.521  -2.358  1.00 11.11 ? 87  ARG A O     1 
ATOM   647  C CB    . ARG A 1 87 ? -6.483  -5.584  -3.577  1.00 5.85  ? 87  ARG A CB    1 
ATOM   648  C CG    . ARG A 1 87 ? -6.019  -4.152  -3.499  1.00 5.39  ? 87  ARG A CG    1 
ATOM   649  C CD    . ARG A 1 87 ? -6.337  -3.433  -4.772  1.00 4.23  ? 87  ARG A CD    1 
ATOM   650  N NE    . ARG A 1 87 ? -5.465  -3.930  -5.842  1.00 2.87  ? 87  ARG A NE    1 
ATOM   651  C CZ    . ARG A 1 87 ? -5.986  -4.791  -6.725  1.00 2.88  ? 87  ARG A CZ    1 
ATOM   652  N NH1   . ARG A 1 87 ? -7.244  -5.194  -6.642  1.00 3.49  ? 87  ARG A NH1   1 
ATOM   653  N NH2   . ARG A 1 87 ? -5.214  -5.214  -7.716  1.00 3.11  ? 87  ARG A NH2   1 
ATOM   654  N N     . ASN A 1 88 ? -6.493  -8.761  -2.525  1.00 10.38 ? 88  ASN A N     1 
ATOM   655  C CA    . ASN A 1 88 ? -7.156  -10.068 -2.636  1.00 11.46 ? 88  ASN A CA    1 
ATOM   656  C C     . ASN A 1 88 ? -7.948  -10.395 -1.366  1.00 11.97 ? 88  ASN A C     1 
ATOM   657  O O     . ASN A 1 88 ? -9.032  -10.989 -1.495  1.00 13.83 ? 88  ASN A O     1 
ATOM   658  C CB    . ASN A 1 88 ? -6.189  -11.169 -3.056  1.00 10.96 ? 88  ASN A CB    1 
ATOM   659  C CG    . ASN A 1 88 ? -5.018  -11.245 -2.114  1.00 10.86 ? 88  ASN A CG    1 
ATOM   660  O OD1   . ASN A 1 88 ? -4.751  -10.228 -1.447  1.00 11.29 ? 88  ASN A OD1   1 
ATOM   661  N ND2   . ASN A 1 88 ? -4.375  -12.397 -2.036  1.00 11.24 ? 88  ASN A ND2   1 
ATOM   662  N N     . ILE A 1 89 ? -7.518  -10.034 -0.200  1.00 12.17 ? 89  ILE A N     1 
ATOM   663  C CA    . ILE A 1 89 ? -8.189  -10.254 1.068   1.00 12.56 ? 89  ILE A CA    1 
ATOM   664  C C     . ILE A 1 89 ? -9.088  -9.070  1.388   1.00 12.65 ? 89  ILE A C     1 
ATOM   665  O O     . ILE A 1 89 ? -10.196 -9.249  1.945   1.00 14.09 ? 89  ILE A O     1 
ATOM   666  C CB    . ILE A 1 89 ? -7.152  -10.533 2.202   1.00 12.55 ? 89  ILE A CB    1 
ATOM   667  C CG1   . ILE A 1 89 ? -6.094  -11.481 1.591   1.00 12.34 ? 89  ILE A CG1   1 
ATOM   668  C CG2   . ILE A 1 89 ? -7.789  -11.184 3.458   1.00 12.50 ? 89  ILE A CG2   1 
ATOM   669  C CD1   . ILE A 1 89 ? -5.033  -11.963 2.640   1.00 13.19 ? 89  ILE A CD1   1 
ATOM   670  N N     . LEU A 1 90 ? -8.642  -7.888  1.051   1.00 12.17 ? 90  LEU A N     1 
ATOM   671  C CA    . LEU A 1 90 ? -9.462  -6.694  1.288   1.00 11.99 ? 90  LEU A CA    1 
ATOM   672  C C     . LEU A 1 90 ? -10.796 -6.833  0.577   1.00 11.94 ? 90  LEU A C     1 
ATOM   673  O O     . LEU A 1 90 ? -11.827 -6.335  1.071   1.00 12.76 ? 90  LEU A O     1 
ATOM   674  C CB    . LEU A 1 90 ? -8.574  -5.495  0.893   1.00 11.83 ? 90  LEU A CB    1 
ATOM   675  C CG    . LEU A 1 90 ? -7.953  -4.683  2.014   1.00 11.23 ? 90  LEU A CG    1 
ATOM   676  C CD1   . LEU A 1 90 ? -7.484  -5.583  3.155   1.00 11.34 ? 90  LEU A CD1   1 
ATOM   677  C CD2   . LEU A 1 90 ? -6.767  -3.909  1.445   1.00 11.02 ? 90  LEU A CD2   1 
ATOM   678  N N     . THR A 1 91 ? -10.899 -7.478  -0.551  1.00 11.96 ? 91  THR A N     1 
ATOM   679  C CA    . THR A 1 91 ? -12.161 -7.620  -1.302  1.00 11.53 ? 91  THR A CA    1 
ATOM   680  C C     . THR A 1 91 ? -13.060 -8.675  -0.735  1.00 12.82 ? 91  THR A C     1 
ATOM   681  O O     . THR A 1 91 ? -14.313 -8.630  -0.794  1.00 12.86 ? 91  THR A O     1 
ATOM   682  C CB    . THR A 1 91 ? -11.753 -7.990  -2.774  1.00 12.08 ? 91  THR A CB    1 
ATOM   683  O OG1   . THR A 1 91 ? -10.542 -8.827  -2.630  1.00 12.27 ? 91  THR A OG1   1 
ATOM   684  C CG2   . THR A 1 91 ? -11.423 -6.829  -3.706  1.00 11.65 ? 91  THR A CG2   1 
ATOM   685  N N     . ALA A 1 92 ? -12.391 -9.683  -0.181  1.00 13.63 ? 92  ALA A N     1 
ATOM   686  C CA    . ALA A 1 92 ? -12.927 -10.902 0.449   1.00 12.99 ? 92  ALA A CA    1 
ATOM   687  C C     . ALA A 1 92 ? -13.682 -10.490 1.696   1.00 14.01 ? 92  ALA A C     1 
ATOM   688  O O     . ALA A 1 92 ? -14.804 -10.961 2.004   1.00 13.92 ? 92  ALA A O     1 
ATOM   689  C CB    . ALA A 1 92 ? -11.759 -11.850 0.642   1.00 13.17 ? 92  ALA A CB    1 
ATOM   690  N N     . LEU A 1 93 ? -13.086 -9.528  2.385   1.00 14.24 ? 93  LEU A N     1 
ATOM   691  C CA    . LEU A 1 93 ? -13.694 -8.963  3.605   1.00 14.56 ? 93  LEU A CA    1 
ATOM   692  C C     . LEU A 1 93 ? -14.770 -7.906  3.336   1.00 14.83 ? 93  LEU A C     1 
ATOM   693  O O     . LEU A 1 93 ? -15.543 -7.540  4.238   1.00 15.24 ? 93  LEU A O     1 
ATOM   694  C CB    . LEU A 1 93 ? -12.556 -8.306  4.391   1.00 14.09 ? 93  LEU A CB    1 
ATOM   695  C CG    . LEU A 1 93 ? -11.494 -9.144  5.049   1.00 13.79 ? 93  LEU A CG    1 
ATOM   696  C CD1   . LEU A 1 93 ? -10.624 -8.231  5.901   1.00 13.37 ? 93  LEU A CD1   1 
ATOM   697  C CD2   . LEU A 1 93 ? -12.244 -10.170 5.893   1.00 14.09 ? 93  LEU A CD2   1 
ATOM   698  N N     . GLY A 1 94 ? -14.833 -7.366  2.148   1.00 15.55 ? 94  GLY A N     1 
ATOM   699  C CA    . GLY A 1 94 ? -15.757 -6.314  1.681   1.00 15.44 ? 94  GLY A CA    1 
ATOM   700  C C     . GLY A 1 94 ? -15.303 -4.902  2.074   1.00 15.44 ? 94  GLY A C     1 
ATOM   701  O O     . GLY A 1 94 ? -16.157 -4.003  2.201   1.00 15.70 ? 94  GLY A O     1 
ATOM   702  N N     . MET A 1 95 ? -14.026 -4.679  2.253   1.00 15.44 ? 95  MET A N     1 
ATOM   703  C CA    . MET A 1 95 ? -13.412 -3.435  2.676   1.00 16.02 ? 95  MET A CA    1 
ATOM   704  C C     . MET A 1 95 ? -13.462 -2.460  1.506   1.00 16.58 ? 95  MET A C     1 
ATOM   705  O O     . MET A 1 95 ? -13.509 -2.949  0.369   1.00 17.06 ? 95  MET A O     1 
ATOM   706  C CB    . MET A 1 95 ? -11.963 -3.577  3.055   1.00 16.74 ? 95  MET A CB    1 
ATOM   707  C CG    . MET A 1 95 ? -11.578 -4.581  4.088   1.00 16.87 ? 95  MET A CG    1 
ATOM   708  S SD    . MET A 1 95 ? -11.314 -3.634  5.618   1.00 18.09 ? 95  MET A SD    1 
ATOM   709  C CE    . MET A 1 95 ? -9.562  -3.404  5.617   1.00 16.67 ? 95  MET A CE    1 
ATOM   710  N N     . SER A 1 96 ? -13.393 -1.179  1.879   1.00 16.81 ? 96  SER A N     1 
ATOM   711  C CA    . SER A 1 96 ? -13.436 -0.107  0.849   1.00 16.45 ? 96  SER A CA    1 
ATOM   712  C C     . SER A 1 96 ? -12.618 1.093   1.318   1.00 16.33 ? 96  SER A C     1 
ATOM   713  O O     . SER A 1 96 ? -12.181 1.087   2.484   1.00 16.68 ? 96  SER A O     1 
ATOM   714  C CB    . SER A 1 96 ? -14.889 0.241   0.553   1.00 16.45 ? 96  SER A CB    1 
ATOM   715  O OG    . SER A 1 96 ? -15.616 0.904   1.585   1.00 15.26 ? 96  SER A OG    1 
ATOM   716  N N     . LEU A 1 97 ? -12.408 2.059   0.474   1.00 15.84 ? 97  LEU A N     1 
ATOM   717  C CA    . LEU A 1 97 ? -11.682 3.297   0.801   1.00 16.49 ? 97  LEU A CA    1 
ATOM   718  C C     . LEU A 1 97 ? -12.749 4.399   0.560   1.00 17.33 ? 97  LEU A C     1 
ATOM   719  O O     . LEU A 1 97 ? -13.330 4.327   -0.543  1.00 18.09 ? 97  LEU A O     1 
ATOM   720  C CB    . LEU A 1 97 ? -10.535 3.547   -0.090  1.00 15.76 ? 97  LEU A CB    1 
ATOM   721  C CG    . LEU A 1 97 ? -9.120  3.217   -0.284  1.00 15.87 ? 97  LEU A CG    1 
ATOM   722  C CD1   . LEU A 1 97 ? -8.703  3.647   -1.697  1.00 15.38 ? 97  LEU A CD1   1 
ATOM   723  C CD2   . LEU A 1 97 ? -8.252  3.859   0.784   1.00 15.10 ? 97  LEU A CD2   1 
ATOM   724  N N     . ASN A 1 98 ? -12.954 5.279   1.514   1.00 18.14 ? 98  ASN A N     1 
ATOM   725  C CA    . ASN A 1 98 ? -13.981 6.320   1.301   1.00 19.14 ? 98  ASN A CA    1 
ATOM   726  C C     . ASN A 1 98 ? -13.317 7.692   1.487   1.00 19.22 ? 98  ASN A C     1 
ATOM   727  O O     . ASN A 1 98 ? -12.441 7.779   2.376   1.00 19.89 ? 98  ASN A O     1 
ATOM   728  C CB    . ASN A 1 98 ? -15.141 6.186   2.264   1.00 19.98 ? 98  ASN A CB    1 
ATOM   729  C CG    . ASN A 1 98 ? -16.196 5.121   2.001   1.00 21.77 ? 98  ASN A CG    1 
ATOM   730  O OD1   . ASN A 1 98 ? -17.382 5.510   1.765   1.00 21.37 ? 98  ASN A OD1   1 
ATOM   731  N ND2   . ASN A 1 98 ? -15.831 3.819   2.071   1.00 21.11 ? 98  ASN A ND2   1 
ATOM   732  N N     . LEU A 1 99 ? -13.753 8.654   0.708   1.00 19.04 ? 99  LEU A N     1 
ATOM   733  C CA    . LEU A 1 99 ? -13.321 10.044  0.740   1.00 18.76 ? 99  LEU A CA    1 
ATOM   734  C C     . LEU A 1 99 ? -14.237 10.953  1.572   1.00 19.13 ? 99  LEU A C     1 
ATOM   735  O O     . LEU A 1 99 ? -15.460 10.774  1.795   1.00 18.22 ? 99  LEU A O     1 
ATOM   736  C CB    . LEU A 1 99 ? -13.182 10.608  -0.688  1.00 18.47 ? 99  LEU A CB    1 
ATOM   737  C CG    . LEU A 1 99 ? -12.776 12.090  -0.685  1.00 18.52 ? 99  LEU A CG    1 
ATOM   738  C CD1   . LEU A 1 99 ? -11.424 12.260  -0.005  1.00 17.58 ? 99  LEU A CD1   1 
ATOM   739  C CD2   . LEU A 1 99 ? -12.772 12.620  -2.117  1.00 18.06 ? 99  LEU A CD2   1 
ATOM   740  N N     . PRO B 1 1  ? -16.732 9.855   -2.207  1.00 25.14 ? 1   PRO B N     1 
ATOM   741  C CA    . PRO B 1 1  ? -17.640 8.804   -2.658  1.00 25.28 ? 1   PRO B CA    1 
ATOM   742  C C     . PRO B 1 1  ? -17.286 7.423   -2.134  1.00 25.41 ? 1   PRO B C     1 
ATOM   743  O O     . PRO B 1 1  ? -17.731 7.155   -0.982  1.00 25.53 ? 1   PRO B O     1 
ATOM   744  C CB    . PRO B 1 1  ? -17.665 9.008   -4.173  1.00 25.00 ? 1   PRO B CB    1 
ATOM   745  C CG    . PRO B 1 1  ? -16.241 9.475   -4.425  1.00 25.60 ? 1   PRO B CG    1 
ATOM   746  C CD    . PRO B 1 1  ? -16.131 10.571  -3.348  1.00 25.05 ? 1   PRO B CD    1 
ATOM   747  N N     . GLN B 1 2  ? -16.569 6.572   -2.877  1.00 24.93 ? 2   GLN B N     1 
ATOM   748  C CA    . GLN B 1 2  ? -16.259 5.206   -2.386  1.00 23.99 ? 2   GLN B CA    1 
ATOM   749  C C     . GLN B 1 2  ? -15.408 4.460   -3.401  1.00 23.86 ? 2   GLN B C     1 
ATOM   750  O O     . GLN B 1 2  ? -15.520 4.741   -4.612  1.00 24.01 ? 2   GLN B O     1 
ATOM   751  C CB    . GLN B 1 2  ? -17.525 4.385   -2.159  1.00 24.34 ? 2   GLN B CB    1 
ATOM   752  C CG    . GLN B 1 2  ? -17.387 3.159   -1.275  1.00 24.76 ? 2   GLN B CG    1 
ATOM   753  C CD    . GLN B 1 2  ? -18.648 2.406   -0.935  1.00 24.33 ? 2   GLN B CD    1 
ATOM   754  O OE1   . GLN B 1 2  ? -19.181 2.346   0.177   1.00 24.86 ? 2   GLN B OE1   1 
ATOM   755  N NE2   . GLN B 1 2  ? -19.205 1.742   -1.934  1.00 24.17 ? 2   GLN B NE2   1 
ATOM   756  N N     . PHE B 1 3  ? -14.617 3.517   -2.909  1.00 23.19 ? 3   PHE B N     1 
ATOM   757  C CA    . PHE B 1 3  ? -13.761 2.697   -3.793  1.00 22.35 ? 3   PHE B CA    1 
ATOM   758  C C     . PHE B 1 3  ? -13.646 1.231   -3.360  1.00 21.21 ? 3   PHE B C     1 
ATOM   759  O O     . PHE B 1 3  ? -13.388 0.921   -2.194  1.00 20.81 ? 3   PHE B O     1 
ATOM   760  C CB    . PHE B 1 3  ? -12.347 3.260   -3.809  1.00 23.52 ? 3   PHE B CB    1 
ATOM   761  C CG    . PHE B 1 3  ? -12.083 4.591   -4.412  1.00 24.40 ? 3   PHE B CG    1 
ATOM   762  C CD1   . PHE B 1 3  ? -12.421 5.765   -3.731  1.00 25.09 ? 3   PHE B CD1   1 
ATOM   763  C CD2   . PHE B 1 3  ? -11.477 4.679   -5.665  1.00 24.81 ? 3   PHE B CD2   1 
ATOM   764  C CE1   . PHE B 1 3  ? -12.176 7.010   -4.292  1.00 25.06 ? 3   PHE B CE1   1 
ATOM   765  C CE2   . PHE B 1 3  ? -11.202 5.913   -6.267  1.00 24.96 ? 3   PHE B CE2   1 
ATOM   766  C CZ    . PHE B 1 3  ? -11.596 7.054   -5.556  1.00 25.40 ? 3   PHE B CZ    1 
ATOM   767  N N     . SER B 1 4  ? -13.789 0.324   -4.301  1.00 20.39 ? 4   SER B N     1 
ATOM   768  C CA    . SER B 1 4  ? -13.659 -1.141  -4.135  1.00 18.96 ? 4   SER B CA    1 
ATOM   769  C C     . SER B 1 4  ? -12.198 -1.494  -4.393  1.00 17.73 ? 4   SER B C     1 
ATOM   770  O O     . SER B 1 4  ? -11.478 -0.757  -5.093  1.00 18.07 ? 4   SER B O     1 
ATOM   771  C CB    . SER B 1 4  ? -14.463 -1.904  -5.169  1.00 19.37 ? 4   SER B CB    1 
ATOM   772  O OG    . SER B 1 4  ? -15.843 -1.956  -4.901  1.00 19.91 ? 4   SER B OG    1 
ATOM   773  N N     . LEU B 1 5  ? -11.774 -2.632  -3.923  1.00 16.76 ? 5   LEU B N     1 
ATOM   774  C CA    . LEU B 1 5  ? -10.372 -3.114  -4.110  1.00 14.68 ? 5   LEU B CA    1 
ATOM   775  C C     . LEU B 1 5  ? -10.222 -4.148  -5.182  1.00 14.13 ? 5   LEU B C     1 
ATOM   776  O O     . LEU B 1 5  ? -9.182  -4.812  -5.284  1.00 13.60 ? 5   LEU B O     1 
ATOM   777  C CB    . LEU B 1 5  ? -9.975  -3.299  -2.649  1.00 14.28 ? 5   LEU B CB    1 
ATOM   778  C CG    . LEU B 1 5  ? -9.396  -2.055  -1.977  1.00 14.39 ? 5   LEU B CG    1 
ATOM   779  C CD1   . LEU B 1 5  ? -9.400  -0.791  -2.828  1.00 14.25 ? 5   LEU B CD1   1 
ATOM   780  C CD2   . LEU B 1 5  ? -10.230 -1.768  -0.726  1.00 14.88 ? 5   LEU B CD2   1 
ATOM   781  N N     . TRP B 1 6  ? -11.219 -4.346  -6.022  1.00 14.04 ? 6   TRP B N     1 
ATOM   782  C CA    . TRP B 1 6  ? -11.316 -5.268  -7.150  1.00 14.20 ? 6   TRP B CA    1 
ATOM   783  C C     . TRP B 1 6  ? -10.180 -4.939  -8.132  1.00 14.10 ? 6   TRP B C     1 
ATOM   784  O O     . TRP B 1 6  ? -9.441  -5.801  -8.650  1.00 13.54 ? 6   TRP B O     1 
ATOM   785  C CB    . TRP B 1 6  ? -12.613 -5.111  -7.956  1.00 14.98 ? 6   TRP B CB    1 
ATOM   786  C CG    . TRP B 1 6  ? -13.776 -5.617  -7.167  1.00 15.74 ? 6   TRP B CG    1 
ATOM   787  C CD1   . TRP B 1 6  ? -14.907 -4.995  -6.771  1.00 15.83 ? 6   TRP B CD1   1 
ATOM   788  C CD2   . TRP B 1 6  ? -13.855 -6.956  -6.635  1.00 16.63 ? 6   TRP B CD2   1 
ATOM   789  N NE1   . TRP B 1 6  ? -15.705 -5.837  -6.047  1.00 16.65 ? 6   TRP B NE1   1 
ATOM   790  C CE2   . TRP B 1 6  ? -15.074 -7.058  -5.945  1.00 16.72 ? 6   TRP B CE2   1 
ATOM   791  C CE3   . TRP B 1 6  ? -12.995 -8.072  -6.728  1.00 17.22 ? 6   TRP B CE3   1 
ATOM   792  C CZ2   . TRP B 1 6  ? -15.478 -8.230  -5.315  1.00 17.17 ? 6   TRP B CZ2   1 
ATOM   793  C CZ3   . TRP B 1 6  ? -13.391 -9.234  -6.111  1.00 17.37 ? 6   TRP B CZ3   1 
ATOM   794  C CH2   . TRP B 1 6  ? -14.602 -9.305  -5.404  1.00 17.81 ? 6   TRP B CH2   1 
ATOM   795  N N     . LYS B 1 7  ? -10.125 -3.633  -8.326  1.00 13.68 ? 7   LYS B N     1 
ATOM   796  C CA    . LYS B 1 7  ? -9.108  -3.042  -9.206  1.00 13.87 ? 7   LYS B CA    1 
ATOM   797  C C     . LYS B 1 7  ? -8.224  -2.105  -8.383  1.00 13.31 ? 7   LYS B C     1 
ATOM   798  O O     . LYS B 1 7  ? -8.669  -1.606  -7.347  1.00 13.24 ? 7   LYS B O     1 
ATOM   799  C CB    . LYS B 1 7  ? -9.777  -2.235  -10.287 1.00 14.77 ? 7   LYS B CB    1 
ATOM   800  C CG    . LYS B 1 7  ? -10.020 -2.913  -11.614 1.00 15.98 ? 7   LYS B CG    1 
ATOM   801  C CD    . LYS B 1 7  ? -10.753 -4.238  -11.567 1.00 16.63 ? 7   LYS B CD    1 
ATOM   802  C CE    . LYS B 1 7  ? -10.670 -4.908  -12.918 1.00 16.48 ? 7   LYS B CE    1 
ATOM   803  N NZ    . LYS B 1 7  ? -9.275  -4.723  -13.433 1.00 17.38 ? 7   LYS B NZ    1 
ATOM   804  N N     . ARG B 1 8  ? -7.018  -1.891  -8.894  1.00 12.37 ? 8   ARG B N     1 
ATOM   805  C CA    . ARG B 1 8  ? -6.084  -0.988  -8.209  1.00 10.39 ? 8   ARG B CA    1 
ATOM   806  C C     . ARG B 1 8  ? -6.782  0.348   -8.094  1.00 10.13 ? 8   ARG B C     1 
ATOM   807  O O     . ARG B 1 8  ? -7.343  0.808   -9.099  1.00 10.70 ? 8   ARG B O     1 
ATOM   808  C CB    . ARG B 1 8  ? -4.830  -0.764  -9.058  1.00 10.13 ? 8   ARG B CB    1 
ATOM   809  C CG    . ARG B 1 8  ? -3.837  -1.900  -8.993  1.00 8.47  ? 8   ARG B CG    1 
ATOM   810  C CD    . ARG B 1 8  ? -2.667  -1.649  -9.868  1.00 8.50  ? 8   ARG B CD    1 
ATOM   811  N NE    . ARG B 1 8  ? -1.799  -2.828  -9.728  1.00 8.53  ? 8   ARG B NE    1 
ATOM   812  C CZ    . ARG B 1 8  ? -0.869  -3.086  -10.633 1.00 8.60  ? 8   ARG B CZ    1 
ATOM   813  N NH1   . ARG B 1 8  ? -0.680  -2.279  -11.666 1.00 9.42  ? 8   ARG B NH1   1 
ATOM   814  N NH2   . ARG B 1 8  ? -0.116  -4.173  -10.514 1.00 9.25  ? 8   ARG B NH2   1 
ATOM   815  N N     . PRO B 1 9  ? -6.741  0.896   -6.905  1.00 10.14 ? 9   PRO B N     1 
ATOM   816  C CA    . PRO B 1 9  ? -7.384  2.220   -6.698  1.00 9.47  ? 9   PRO B CA    1 
ATOM   817  C C     . PRO B 1 9  ? -6.497  3.299   -7.285  1.00 10.13 ? 9   PRO B C     1 
ATOM   818  O O     . PRO B 1 9  ? -5.818  3.961   -6.505  1.00 9.93  ? 9   PRO B O     1 
ATOM   819  C CB    . PRO B 1 9  ? -7.468  2.233   -5.194  1.00 9.45  ? 9   PRO B CB    1 
ATOM   820  C CG    . PRO B 1 9  ? -6.246  1.498   -4.742  1.00 9.09  ? 9   PRO B CG    1 
ATOM   821  C CD    . PRO B 1 9  ? -6.078  0.343   -5.708  1.00 9.24  ? 9   PRO B CD    1 
ATOM   822  N N     . VAL B 1 10 ? -6.420  3.468   -8.596  1.00 10.94 ? 10  VAL B N     1 
ATOM   823  C CA    . VAL B 1 10 ? -5.575  4.436   -9.303  1.00 11.38 ? 10  VAL B CA    1 
ATOM   824  C C     . VAL B 1 10 ? -6.321  5.702   -9.739  1.00 12.52 ? 10  VAL B C     1 
ATOM   825  O O     . VAL B 1 10 ? -7.374  5.551   -10.447 1.00 12.97 ? 10  VAL B O     1 
ATOM   826  C CB    . VAL B 1 10 ? -4.929  3.751   -10.529 1.00 11.58 ? 10  VAL B CB    1 
ATOM   827  C CG1   . VAL B 1 10 ? -4.414  4.799   -11.498 1.00 11.00 ? 10  VAL B CG1   1 
ATOM   828  C CG2   . VAL B 1 10 ? -3.852  2.757   -10.102 1.00 11.06 ? 10  VAL B CG2   1 
ATOM   829  N N     . VAL B 1 11 ? -5.756  6.859   -9.322  1.00 11.45 ? 11  VAL B N     1 
ATOM   830  C CA    . VAL B 1 11 ? -6.492  8.105   -9.707  1.00 11.43 ? 11  VAL B CA    1 
ATOM   831  C C     . VAL B 1 11 ? -5.708  9.157   -10.444 1.00 11.26 ? 11  VAL B C     1 
ATOM   832  O O     . VAL B 1 11 ? -4.466  9.182   -10.438 1.00 11.56 ? 11  VAL B O     1 
ATOM   833  C CB    . VAL B 1 11 ? -7.249  8.480   -8.404  1.00 10.83 ? 11  VAL B CB    1 
ATOM   834  C CG1   . VAL B 1 11 ? -6.509  9.456   -7.512  1.00 10.76 ? 11  VAL B CG1   1 
ATOM   835  C CG2   . VAL B 1 11 ? -8.705  8.863   -8.572  1.00 9.49  ? 11  VAL B CG2   1 
ATOM   836  N N     . THR B 1 12 ? -6.377  10.068  -11.131 1.00 11.84 ? 12  THR B N     1 
ATOM   837  C CA    . THR B 1 12 ? -5.797  11.192  -11.889 1.00 12.03 ? 12  THR B CA    1 
ATOM   838  C C     . THR B 1 12 ? -5.777  12.449  -11.008 1.00 12.49 ? 12  THR B C     1 
ATOM   839  O O     . THR B 1 12 ? -6.827  13.007  -10.608 1.00 12.90 ? 12  THR B O     1 
ATOM   840  C CB    . THR B 1 12 ? -6.508  11.554  -13.242 1.00 12.08 ? 12  THR B CB    1 
ATOM   841  O OG1   . THR B 1 12 ? -6.251  10.393  -14.133 1.00 13.40 ? 12  THR B OG1   1 
ATOM   842  C CG2   . THR B 1 12 ? -6.000  12.835  -13.895 1.00 12.18 ? 12  THR B CG2   1 
ATOM   843  N N     . ALA B 1 13 ? -4.568  12.835  -10.693 1.00 12.57 ? 13  ALA B N     1 
ATOM   844  C CA    . ALA B 1 13 ? -4.204  13.977  -9.860  1.00 13.68 ? 13  ALA B CA    1 
ATOM   845  C C     . ALA B 1 13 ? -3.541  15.046  -10.718 1.00 13.90 ? 13  ALA B C     1 
ATOM   846  O O     . ALA B 1 13 ? -3.187  14.826  -11.868 1.00 15.06 ? 13  ALA B O     1 
ATOM   847  C CB    . ALA B 1 13 ? -3.286  13.584  -8.707  1.00 12.70 ? 13  ALA B CB    1 
ATOM   848  N N     . TYR B 1 14 ? -3.336  16.209  -10.162 1.00 15.34 ? 14  TYR B N     1 
ATOM   849  C CA    . TYR B 1 14 ? -2.731  17.392  -10.843 1.00 15.30 ? 14  TYR B CA    1 
ATOM   850  C C     . TYR B 1 14 ? -1.802  18.095  -9.860  1.00 14.64 ? 14  TYR B C     1 
ATOM   851  O O     . TYR B 1 14 ? -2.336  18.781  -8.999  1.00 14.47 ? 14  TYR B O     1 
ATOM   852  C CB    . TYR B 1 14 ? -3.920  18.328  -11.223 1.00 15.07 ? 14  TYR B CB    1 
ATOM   853  C CG    . TYR B 1 14 ? -4.381  18.175  -12.645 1.00 16.47 ? 14  TYR B CG    1 
ATOM   854  C CD1   . TYR B 1 14 ? -5.284  17.272  -13.192 1.00 16.84 ? 14  TYR B CD1   1 
ATOM   855  C CD2   . TYR B 1 14 ? -3.805  19.107  -13.551 1.00 17.25 ? 14  TYR B CD2   1 
ATOM   856  C CE1   . TYR B 1 14 ? -5.597  17.279  -14.562 1.00 17.04 ? 14  TYR B CE1   1 
ATOM   857  C CE2   . TYR B 1 14 ? -4.088  19.118  -14.911 1.00 17.24 ? 14  TYR B CE2   1 
ATOM   858  C CZ    . TYR B 1 14 ? -4.989  18.195  -15.415 1.00 17.33 ? 14  TYR B CZ    1 
ATOM   859  O OH    . TYR B 1 14 ? -5.207  18.320  -16.770 1.00 17.57 ? 14  TYR B OH    1 
ATOM   860  N N     . ILE B 1 15 ? -0.525  17.923  -9.999  1.00 15.31 ? 15  ILE B N     1 
ATOM   861  C CA    . ILE B 1 15 ? 0.517   18.486  -9.129  1.00 15.79 ? 15  ILE B CA    1 
ATOM   862  C C     . ILE B 1 15 ? 1.151   19.705  -9.795  1.00 16.99 ? 15  ILE B C     1 
ATOM   863  O O     . ILE B 1 15 ? 2.119   19.515  -10.589 1.00 17.84 ? 15  ILE B O     1 
ATOM   864  C CB    . ILE B 1 15 ? 1.606   17.367  -8.907  1.00 15.37 ? 15  ILE B CB    1 
ATOM   865  C CG1   . ILE B 1 15 ? 0.854   16.117  -8.365  1.00 15.92 ? 15  ILE B CG1   1 
ATOM   866  C CG2   . ILE B 1 15 ? 2.719   17.915  -7.995  1.00 14.94 ? 15  ILE B CG2   1 
ATOM   867  C CD1   . ILE B 1 15 ? 1.616   14.802  -8.107  1.00 15.81 ? 15  ILE B CD1   1 
ATOM   868  N N     . GLU B 1 16 ? 0.620   20.856  -9.411  1.00 16.90 ? 16  GLU B N     1 
ATOM   869  C CA    . GLU B 1 16 ? 0.909   22.182  -9.850  1.00 15.99 ? 16  GLU B CA    1 
ATOM   870  C C     . GLU B 1 16 ? 0.714   22.210  -11.367 1.00 16.23 ? 16  GLU B C     1 
ATOM   871  O O     . GLU B 1 16 ? 1.748   22.494  -12.050 1.00 17.44 ? 16  GLU B O     1 
ATOM   872  C CB    . GLU B 1 16 ? 2.201   22.940  -9.667  1.00 16.20 ? 16  GLU B CB    1 
ATOM   873  C CG    . GLU B 1 16 ? 2.233   23.922  -8.452  1.00 16.09 ? 16  GLU B CG    1 
ATOM   874  C CD    . GLU B 1 16 ? 2.958   23.115  -7.384  1.00 16.87 ? 16  GLU B CD    1 
ATOM   875  O OE1   . GLU B 1 16 ? 3.647   22.221  -7.912  1.00 15.87 ? 16  GLU B OE1   1 
ATOM   876  O OE2   . GLU B 1 16 ? 2.673   23.519  -6.227  1.00 16.44 ? 16  GLU B OE2   1 
ATOM   877  N N     . GLY B 1 17 ? -0.485  21.887  -11.775 1.00 15.35 ? 17  GLY B N     1 
ATOM   878  C CA    . GLY B 1 17 ? -0.761  21.887  -13.213 1.00 14.77 ? 17  GLY B CA    1 
ATOM   879  C C     . GLY B 1 17 ? -0.698  20.545  -13.893 1.00 15.03 ? 17  GLY B C     1 
ATOM   880  O O     . GLY B 1 17 ? -1.650  20.124  -14.583 1.00 14.96 ? 17  GLY B O     1 
ATOM   881  N N     . GLN B 1 18 ? 0.388   19.828  -13.722 1.00 15.13 ? 18  GLN B N     1 
ATOM   882  C CA    . GLN B 1 18 ? 0.704   18.520  -14.341 1.00 15.04 ? 18  GLN B CA    1 
ATOM   883  C C     . GLN B 1 18 ? -0.076  17.306  -13.859 1.00 13.97 ? 18  GLN B C     1 
ATOM   884  O O     . GLN B 1 18 ? 0.153   16.843  -12.720 1.00 14.31 ? 18  GLN B O     1 
ATOM   885  C CB    . GLN B 1 18 ? 2.228   18.304  -14.067 1.00 15.57 ? 18  GLN B CB    1 
ATOM   886  C CG    . GLN B 1 18 ? 2.902   19.661  -14.182 1.00 16.21 ? 18  GLN B CG    1 
ATOM   887  C CD    . GLN B 1 18 ? 4.232   19.724  -13.465 1.00 16.98 ? 18  GLN B CD    1 
ATOM   888  O OE1   . GLN B 1 18 ? 4.362   20.383  -12.428 1.00 17.38 ? 18  GLN B OE1   1 
ATOM   889  N NE2   . GLN B 1 18 ? 5.220   19.052  -14.054 1.00 17.22 ? 18  GLN B NE2   1 
ATOM   890  N N     . PRO B 1 19 ? -0.917  16.781  -14.723 1.00 12.72 ? 19  PRO B N     1 
ATOM   891  C CA    . PRO B 1 19 ? -1.763  15.621  -14.434 1.00 12.31 ? 19  PRO B CA    1 
ATOM   892  C C     . PRO B 1 19 ? -0.970  14.328  -14.402 1.00 12.19 ? 19  PRO B C     1 
ATOM   893  O O     . PRO B 1 19 ? -0.059  14.221  -15.234 1.00 11.81 ? 19  PRO B O     1 
ATOM   894  C CB    . PRO B 1 19 ? -2.759  15.526  -15.606 1.00 12.38 ? 19  PRO B CB    1 
ATOM   895  C CG    . PRO B 1 19 ? -1.913  16.062  -16.748 1.00 12.61 ? 19  PRO B CG    1 
ATOM   896  C CD    . PRO B 1 19 ? -1.185  17.265  -16.088 1.00 12.92 ? 19  PRO B CD    1 
ATOM   897  N N     . VAL B 1 20 ? -1.358  13.429  -13.510 1.00 11.73 ? 20  VAL B N     1 
ATOM   898  C CA    . VAL B 1 20 ? -0.744  12.120  -13.337 1.00 10.78 ? 20  VAL B CA    1 
ATOM   899  C C     . VAL B 1 20 ? -1.668  11.089  -12.675 1.00 10.16 ? 20  VAL B C     1 
ATOM   900  O O     . VAL B 1 20 ? -2.492  11.343  -11.786 1.00 9.97  ? 20  VAL B O     1 
ATOM   901  C CB    . VAL B 1 20 ? 0.525   12.250  -12.441 1.00 11.05 ? 20  VAL B CB    1 
ATOM   902  C CG1   . VAL B 1 20 ? 1.739   12.920  -13.035 1.00 11.54 ? 20  VAL B CG1   1 
ATOM   903  C CG2   . VAL B 1 20 ? 0.277   12.817  -11.066 1.00 11.10 ? 20  VAL B CG2   1 
ATOM   904  N N     . GLU B 1 21 ? -1.482  9.855   -13.040 1.00 9.53  ? 21  GLU B N     1 
ATOM   905  C CA    . GLU B 1 21 ? -2.141  8.653   -12.527 1.00 9.52  ? 21  GLU B CA    1 
ATOM   906  C C     . GLU B 1 21 ? -1.417  8.195   -11.261 1.00 8.67  ? 21  GLU B C     1 
ATOM   907  O O     . GLU B 1 21 ? -0.246  7.785   -11.394 1.00 9.17  ? 21  GLU B O     1 
ATOM   908  C CB    . GLU B 1 21 ? -2.127  7.539   -13.548 1.00 9.84  ? 21  GLU B CB    1 
ATOM   909  C CG    . GLU B 1 21 ? -3.235  7.736   -14.592 1.00 12.02 ? 21  GLU B CG    1 
ATOM   910  C CD    . GLU B 1 21 ? -2.945  6.965   -15.830 1.00 13.21 ? 21  GLU B CD    1 
ATOM   911  O OE1   . GLU B 1 21 ? -2.171  5.993   -15.793 1.00 15.20 ? 21  GLU B OE1   1 
ATOM   912  O OE2   . GLU B 1 21 ? -3.503  7.423   -16.852 1.00 14.57 ? 21  GLU B OE2   1 
ATOM   913  N N     . VAL B 1 22 ? -2.090  8.295   -10.132 1.00 7.08  ? 22  VAL B N     1 
ATOM   914  C CA    . VAL B 1 22 ? -1.603  7.948   -8.796  1.00 5.64  ? 22  VAL B CA    1 
ATOM   915  C C     . VAL B 1 22 ? -2.371  6.789   -8.136  1.00 5.29  ? 22  VAL B C     1 
ATOM   916  O O     . VAL B 1 22 ? -3.599  6.612   -8.326  1.00 4.19  ? 22  VAL B O     1 
ATOM   917  C CB    . VAL B 1 22 ? -1.620  9.180   -7.856  1.00 5.22  ? 22  VAL B CB    1 
ATOM   918  C CG1   . VAL B 1 22 ? -0.831  10.383  -8.335  1.00 4.81  ? 22  VAL B CG1   1 
ATOM   919  C CG2   . VAL B 1 22 ? -3.033  9.666   -7.484  1.00 5.58  ? 22  VAL B CG2   1 
ATOM   920  N N     . LEU B 1 23 ? -1.610  5.984   -7.400  1.00 4.92  ? 23  LEU B N     1 
ATOM   921  C CA    . LEU B 1 23 ? -2.205  4.836   -6.657  1.00 4.67  ? 23  LEU B CA    1 
ATOM   922  C C     . LEU B 1 23 ? -2.536  5.292   -5.216  1.00 4.18  ? 23  LEU B C     1 
ATOM   923  O O     . LEU B 1 23 ? -1.571  5.758   -4.547  1.00 4.25  ? 23  LEU B O     1 
ATOM   924  C CB    . LEU B 1 23 ? -1.134  3.722   -6.665  1.00 3.51  ? 23  LEU B CB    1 
ATOM   925  C CG    . LEU B 1 23 ? -1.340  2.421   -5.911  1.00 3.39  ? 23  LEU B CG    1 
ATOM   926  C CD1   . LEU B 1 23 ? -2.409  1.487   -6.447  1.00 3.15  ? 23  LEU B CD1   1 
ATOM   927  C CD2   . LEU B 1 23 ? -0.065  1.587   -5.831  1.00 2.84  ? 23  LEU B CD2   1 
ATOM   928  N N     . LEU B 1 24 ? -3.726  5.150   -4.753  1.00 4.12  ? 24  LEU B N     1 
ATOM   929  C CA    . LEU B 1 24 ? -4.155  5.483   -3.367  1.00 5.49  ? 24  LEU B CA    1 
ATOM   930  C C     . LEU B 1 24 ? -3.652  4.304   -2.499  1.00 6.09  ? 24  LEU B C     1 
ATOM   931  O O     . LEU B 1 24 ? -4.189  3.191   -2.637  1.00 6.52  ? 24  LEU B O     1 
ATOM   932  C CB    . LEU B 1 24 ? -5.660  5.701   -3.318  1.00 4.59  ? 24  LEU B CB    1 
ATOM   933  C CG    . LEU B 1 24 ? -6.284  6.630   -4.369  1.00 4.36  ? 24  LEU B CG    1 
ATOM   934  C CD1   . LEU B 1 24 ? -7.814  6.541   -4.197  1.00 4.11  ? 24  LEU B CD1   1 
ATOM   935  C CD2   . LEU B 1 24 ? -5.846  8.053   -4.043  1.00 3.50  ? 24  LEU B CD2   1 
ATOM   936  N N     . ASP B 1 25 ? -2.643  4.539   -1.673  1.00 6.74  ? 25  ASP B N     1 
ATOM   937  C CA    . ASP B 1 25 ? -2.036  3.434   -0.916  1.00 7.70  ? 25  ASP B CA    1 
ATOM   938  C C     . ASP B 1 25 ? -1.938  3.561   0.582   1.00 8.47  ? 25  ASP B C     1 
ATOM   939  O O     . ASP B 1 25 ? -1.046  4.275   1.041   1.00 8.34  ? 25  ASP B O     1 
ATOM   940  C CB    . ASP B 1 25 ? -0.683  3.272   -1.611  1.00 7.86  ? 25  ASP B CB    1 
ATOM   941  C CG    . ASP B 1 25 ? 0.408   2.338   -1.361  1.00 7.83  ? 25  ASP B CG    1 
ATOM   942  O OD1   . ASP B 1 25 ? 0.294   1.420   -0.554  1.00 9.22  ? 25  ASP B OD1   1 
ATOM   943  O OD2   . ASP B 1 25 ? 1.531   2.347   -1.902  1.00 9.57  ? 25  ASP B OD2   1 
ATOM   944  N N     . THR B 1 26 ? -2.763  2.799   1.308   1.00 8.78  ? 26  THR B N     1 
ATOM   945  C CA    . THR B 1 26 ? -2.727  2.868   2.771   1.00 9.02  ? 26  THR B CA    1 
ATOM   946  C C     . THR B 1 26 ? -1.484  2.216   3.318   1.00 8.30  ? 26  THR B C     1 
ATOM   947  O O     . THR B 1 26 ? -1.274  2.237   4.547   1.00 9.00  ? 26  THR B O     1 
ATOM   948  C CB    . THR B 1 26 ? -4.085  2.346   3.359   1.00 9.81  ? 26  THR B CB    1 
ATOM   949  O OG1   . THR B 1 26 ? -4.271  0.954   2.878   1.00 11.79 ? 26  THR B OG1   1 
ATOM   950  C CG2   . THR B 1 26 ? -5.349  3.097   2.913   1.00 9.94  ? 26  THR B CG2   1 
ATOM   951  N N     . GLY B 1 27 ? -0.651  1.664   2.487   1.00 7.74  ? 27  GLY B N     1 
ATOM   952  C CA    . GLY B 1 27 ? 0.574   0.960   2.834   1.00 7.05  ? 27  GLY B CA    1 
ATOM   953  C C     . GLY B 1 27 ? 1.871   1.746   2.705   1.00 6.95  ? 27  GLY B C     1 
ATOM   954  O O     . GLY B 1 27 ? 2.951   1.219   2.975   1.00 6.69  ? 27  GLY B O     1 
ATOM   955  N N     . ALA B 1 28 ? 1.830   3.000   2.344   1.00 7.19  ? 28  ALA B N     1 
ATOM   956  C CA    . ALA B 1 28 ? 2.927   3.924   2.158   1.00 7.78  ? 28  ALA B CA    1 
ATOM   957  C C     . ALA B 1 28 ? 2.858   5.049   3.188   1.00 7.27  ? 28  ALA B C     1 
ATOM   958  O O     . ALA B 1 28 ? 1.767   5.557   3.319   1.00 7.59  ? 28  ALA B O     1 
ATOM   959  C CB    . ALA B 1 28 ? 2.778   4.608   0.767   1.00 7.89  ? 28  ALA B CB    1 
ATOM   960  N N     . ASP B 1 29 ? 3.928   5.376   3.822   1.00 7.77  ? 29  ASP B N     1 
ATOM   961  C CA    . ASP B 1 29 ? 3.985   6.429   4.828   1.00 9.12  ? 29  ASP B CA    1 
ATOM   962  C C     . ASP B 1 29 ? 3.963   7.817   4.154   1.00 9.84  ? 29  ASP B C     1 
ATOM   963  O O     . ASP B 1 29 ? 3.418   8.779   4.700   1.00 11.14 ? 29  ASP B O     1 
ATOM   964  C CB    . ASP B 1 29 ? 5.190   6.237   5.730   1.00 8.69  ? 29  ASP B CB    1 
ATOM   965  C CG    . ASP B 1 29 ? 5.313   5.036   6.628   1.00 8.93  ? 29  ASP B CG    1 
ATOM   966  O OD1   . ASP B 1 29 ? 4.457   4.427   7.290   1.00 9.05  ? 29  ASP B OD1   1 
ATOM   967  O OD2   . ASP B 1 29 ? 6.493   4.654   6.726   1.00 8.90  ? 29  ASP B OD2   1 
ATOM   968  N N     . ASP B 1 30 ? 4.555   7.898   3.007   1.00 10.39 ? 30  ASP B N     1 
ATOM   969  C CA    . ASP B 1 30 ? 4.844   8.912   2.045   1.00 10.39 ? 30  ASP B CA    1 
ATOM   970  C C     . ASP B 1 30 ? 4.292   8.668   0.632   1.00 10.19 ? 30  ASP B C     1 
ATOM   971  O O     . ASP B 1 30 ? 3.909   7.523   0.330   1.00 9.16  ? 30  ASP B O     1 
ATOM   972  C CB    . ASP B 1 30 ? 6.403   8.935   1.846   1.00 11.48 ? 30  ASP B CB    1 
ATOM   973  C CG    . ASP B 1 30 ? 7.015   9.106   3.234   1.00 12.12 ? 30  ASP B CG    1 
ATOM   974  O OD1   . ASP B 1 30 ? 6.219   9.652   4.023   1.00 12.38 ? 30  ASP B OD1   1 
ATOM   975  O OD2   . ASP B 1 30 ? 8.129   8.718   3.592   1.00 12.75 ? 30  ASP B OD2   1 
ATOM   976  N N     . SER B 1 31 ? 4.376   9.784   -0.117  1.00 9.52  ? 31  SER B N     1 
ATOM   977  C CA    . SER B 1 31 ? 3.930   9.786   -1.525  1.00 9.23  ? 31  SER B CA    1 
ATOM   978  C C     . SER B 1 31 ? 5.130   9.932   -2.477  1.00 9.82  ? 31  SER B C     1 
ATOM   979  O O     . SER B 1 31 ? 5.927   10.838  -2.139  1.00 10.84 ? 31  SER B O     1 
ATOM   980  C CB    . SER B 1 31 ? 2.965   10.908  -1.758  1.00 8.76  ? 31  SER B CB    1 
ATOM   981  O OG    . SER B 1 31 ? 1.891   10.946  -0.836  1.00 7.90  ? 31  SER B OG    1 
ATOM   982  N N     . ILE B 1 32 ? 5.244   9.137   -3.530  1.00 9.24  ? 32  ILE B N     1 
ATOM   983  C CA    . ILE B 1 32 ? 6.352   9.229   -4.474  1.00 9.80  ? 32  ILE B CA    1 
ATOM   984  C C     . ILE B 1 32 ? 5.943   9.248   -5.951  1.00 10.52 ? 32  ILE B C     1 
ATOM   985  O O     . ILE B 1 32 ? 5.073   8.455   -6.395  1.00 10.26 ? 32  ILE B O     1 
ATOM   986  C CB    . ILE B 1 32 ? 7.360   8.050   -4.197  1.00 9.79  ? 32  ILE B CB    1 
ATOM   987  C CG1   . ILE B 1 32 ? 7.429   7.880   -2.650  1.00 9.53  ? 32  ILE B CG1   1 
ATOM   988  C CG2   . ILE B 1 32 ? 8.754   8.334   -4.820  1.00 9.16  ? 32  ILE B CG2   1 
ATOM   989  C CD1   . ILE B 1 32 ? 8.660   7.073   -2.175  1.00 9.46  ? 32  ILE B CD1   1 
ATOM   990  N N     . VAL B 1 33 ? 6.542   10.158  -6.726  1.00 11.09 ? 33  VAL B N     1 
ATOM   991  C CA    . VAL B 1 33 ? 6.181   10.267  -8.170  1.00 11.62 ? 33  VAL B CA    1 
ATOM   992  C C     . VAL B 1 33 ? 7.398   10.445  -9.058  1.00 12.56 ? 33  VAL B C     1 
ATOM   993  O O     . VAL B 1 33 ? 8.528   10.728  -8.580  1.00 13.33 ? 33  VAL B O     1 
ATOM   994  C CB    . VAL B 1 33 ? 5.071   11.338  -8.324  1.00 11.50 ? 33  VAL B CB    1 
ATOM   995  C CG1   . VAL B 1 33 ? 4.320   11.570  -7.011  1.00 10.06 ? 33  VAL B CG1   1 
ATOM   996  C CG2   . VAL B 1 33 ? 5.507   12.627  -8.955  1.00 10.74 ? 33  VAL B CG2   1 
ATOM   997  N N     . ALA B 1 34 ? 7.184   10.214  -10.347 1.00 13.25 ? 34  ALA B N     1 
ATOM   998  C CA    . ALA B 1 34 ? 8.237   10.369  -11.352 1.00 13.92 ? 34  ALA B CA    1 
ATOM   999  C C     . ALA B 1 34 ? 7.591   11.106  -12.522 1.00 14.48 ? 34  ALA B C     1 
ATOM   1000 O O     . ALA B 1 34 ? 6.361   11.085  -12.596 1.00 14.81 ? 34  ALA B O     1 
ATOM   1001 C CB    . ALA B 1 34 ? 8.840   9.104   -11.924 1.00 15.10 ? 34  ALA B CB    1 
ATOM   1002 N N     . GLY B 1 35 ? 8.429   11.662  -13.348 1.00 15.55 ? 35  GLY B N     1 
ATOM   1003 C CA    . GLY B 1 35 ? 8.106   12.425  -14.549 1.00 17.26 ? 35  GLY B CA    1 
ATOM   1004 C C     . GLY B 1 35 ? 7.289   13.653  -14.171 1.00 18.72 ? 35  GLY B C     1 
ATOM   1005 O O     . GLY B 1 35 ? 6.135   13.842  -14.605 1.00 19.81 ? 35  GLY B O     1 
ATOM   1006 N N     . ILE B 1 36 ? 7.904   14.450  -13.335 1.00 19.64 ? 36  ILE B N     1 
ATOM   1007 C CA    . ILE B 1 36 ? 7.275   15.704  -12.810 1.00 20.41 ? 36  ILE B CA    1 
ATOM   1008 C C     . ILE B 1 36 ? 8.478   16.572  -12.439 1.00 20.92 ? 36  ILE B C     1 
ATOM   1009 O O     . ILE B 1 36 ? 9.335   16.069  -11.663 1.00 21.68 ? 36  ILE B O     1 
ATOM   1010 C CB    . ILE B 1 36 ? 6.280   15.305  -11.677 1.00 20.05 ? 36  ILE B CB    1 
ATOM   1011 C CG1   . ILE B 1 36 ? 4.986   14.695  -12.299 1.00 20.35 ? 36  ILE B CG1   1 
ATOM   1012 C CG2   . ILE B 1 36 ? 5.925   16.369  -10.643 1.00 19.83 ? 36  ILE B CG2   1 
ATOM   1013 C CD1   . ILE B 1 36 ? 4.381   15.475  -13.496 1.00 20.47 ? 36  ILE B CD1   1 
ATOM   1014 N N     . GLU B 1 37 ? 8.549   17.765  -13.010 1.00 20.82 ? 37  GLU B N     1 
ATOM   1015 C CA    . GLU B 1 37 ? 9.730   18.603  -12.693 1.00 21.32 ? 37  GLU B CA    1 
ATOM   1016 C C     . GLU B 1 37 ? 9.470   19.602  -11.610 1.00 21.09 ? 37  GLU B C     1 
ATOM   1017 O O     . GLU B 1 37 ? 9.167   20.742  -12.050 1.00 23.05 ? 37  GLU B O     1 
ATOM   1018 C CB    . GLU B 1 37 ? 10.153  19.426  -13.942 1.00 21.24 ? 37  GLU B CB    1 
ATOM   1019 N N     . LEU B 1 38 ? 9.582   19.351  -10.330 1.00 20.99 ? 38  LEU B N     1 
ATOM   1020 C CA    . LEU B 1 38 ? 9.301   20.333  -9.293  1.00 19.96 ? 38  LEU B CA    1 
ATOM   1021 C C     . LEU B 1 38 ? 10.222  21.509  -9.084  1.00 20.54 ? 38  LEU B C     1 
ATOM   1022 O O     . LEU B 1 38 ? 9.693   22.605  -8.681  1.00 21.83 ? 38  LEU B O     1 
ATOM   1023 C CB    . LEU B 1 38 ? 8.985   19.543  -8.011  1.00 19.86 ? 38  LEU B CB    1 
ATOM   1024 C CG    . LEU B 1 38 ? 7.866   18.517  -8.055  1.00 19.64 ? 38  LEU B CG    1 
ATOM   1025 C CD1   . LEU B 1 38 ? 7.723   17.826  -6.703  1.00 19.75 ? 38  LEU B CD1   1 
ATOM   1026 C CD2   . LEU B 1 38 ? 6.551   19.133  -8.481  1.00 19.25 ? 38  LEU B CD2   1 
ATOM   1027 N N     . GLY B 1 39 ? 11.532  21.470  -9.267  1.00 20.25 ? 39  GLY B N     1 
ATOM   1028 C CA    . GLY B 1 39 ? 12.339  22.676  -9.010  1.00 19.19 ? 39  GLY B CA    1 
ATOM   1029 C C     . GLY B 1 39 ? 13.561  22.336  -8.200  1.00 19.41 ? 39  GLY B C     1 
ATOM   1030 O O     . GLY B 1 39 ? 13.753  21.170  -7.859  1.00 19.87 ? 39  GLY B O     1 
ATOM   1031 N N     . ASN B 1 40 ? 14.384  23.306  -7.891  1.00 19.97 ? 40  ASN B N     1 
ATOM   1032 C CA    . ASN B 1 40 ? 15.625  23.087  -7.139  1.00 20.42 ? 40  ASN B CA    1 
ATOM   1033 C C     . ASN B 1 40 ? 15.434  23.449  -5.700  1.00 20.75 ? 40  ASN B C     1 
ATOM   1034 O O     . ASN B 1 40 ? 16.354  23.970  -5.047  1.00 23.10 ? 40  ASN B O     1 
ATOM   1035 C CB    . ASN B 1 40 ? 16.753  23.830  -7.886  1.00 21.05 ? 40  ASN B CB    1 
ATOM   1036 C CG    . ASN B 1 40 ? 16.719  23.499  -9.382  1.00 20.85 ? 40  ASN B CG    1 
ATOM   1037 O OD1   . ASN B 1 40 ? 16.557  22.320  -9.787  1.00 20.90 ? 40  ASN B OD1   1 
ATOM   1038 N ND2   . ASN B 1 40 ? 16.863  24.509  -10.227 1.00 21.10 ? 40  ASN B ND2   1 
ATOM   1039 N N     . ASN B 1 41 ? 14.291  23.172  -5.149  1.00 20.90 ? 41  ASN B N     1 
ATOM   1040 C CA    . ASN B 1 41 ? 13.817  23.423  -3.786  1.00 19.41 ? 41  ASN B CA    1 
ATOM   1041 C C     . ASN B 1 41 ? 13.637  22.135  -2.985  1.00 19.28 ? 41  ASN B C     1 
ATOM   1042 O O     . ASN B 1 41 ? 12.524  21.896  -2.439  1.00 19.51 ? 41  ASN B O     1 
ATOM   1043 C CB    . ASN B 1 41 ? 12.419  24.040  -4.087  1.00 19.58 ? 41  ASN B CB    1 
ATOM   1044 N N     . TYR B 1 42 ? 14.682  21.343  -2.831  1.00 18.25 ? 42  TYR B N     1 
ATOM   1045 C CA    . TYR B 1 42 ? 14.540  20.057  -2.142  1.00 17.12 ? 42  TYR B CA    1 
ATOM   1046 C C     . TYR B 1 42 ? 15.582  19.615  -1.149  1.00 17.93 ? 42  TYR B C     1 
ATOM   1047 O O     . TYR B 1 42 ? 16.648  20.238  -0.972  1.00 18.79 ? 42  TYR B O     1 
ATOM   1048 C CB    . TYR B 1 42 ? 14.543  19.023  -3.326  1.00 15.69 ? 42  TYR B CB    1 
ATOM   1049 C CG    . TYR B 1 42 ? 15.739  19.101  -4.244  1.00 14.60 ? 42  TYR B CG    1 
ATOM   1050 C CD1   . TYR B 1 42 ? 16.986  18.543  -3.894  1.00 13.94 ? 42  TYR B CD1   1 
ATOM   1051 C CD2   . TYR B 1 42 ? 15.645  19.740  -5.488  1.00 13.93 ? 42  TYR B CD2   1 
ATOM   1052 C CE1   . TYR B 1 42 ? 18.077  18.612  -4.747  1.00 13.70 ? 42  TYR B CE1   1 
ATOM   1053 C CE2   . TYR B 1 42 ? 16.728  19.816  -6.361  1.00 12.99 ? 42  TYR B CE2   1 
ATOM   1054 C CZ    . TYR B 1 42 ? 17.927  19.251  -5.995  1.00 13.46 ? 42  TYR B CZ    1 
ATOM   1055 O OH    . TYR B 1 42 ? 18.987  19.327  -6.865  1.00 13.61 ? 42  TYR B OH    1 
ATOM   1056 N N     . SER B 1 43 ? 15.233  18.502  -0.519  1.00 17.87 ? 43  SER B N     1 
ATOM   1057 C CA    . SER B 1 43 ? 16.053  17.781  0.470   1.00 17.56 ? 43  SER B CA    1 
ATOM   1058 C C     . SER B 1 43 ? 16.029  16.327  -0.060  1.00 17.24 ? 43  SER B C     1 
ATOM   1059 O O     . SER B 1 43 ? 14.921  15.884  -0.409  1.00 16.69 ? 43  SER B O     1 
ATOM   1060 C CB    . SER B 1 43 ? 15.435  17.742  1.846   1.00 17.76 ? 43  SER B CB    1 
ATOM   1061 O OG    . SER B 1 43 ? 15.553  18.856  2.672   1.00 18.43 ? 43  SER B OG    1 
ATOM   1062 N N     . PRO B 1 44 ? 17.180  15.703  -0.112  1.00 17.09 ? 44  PRO B N     1 
ATOM   1063 C CA    . PRO B 1 44 ? 17.318  14.331  -0.606  1.00 17.21 ? 44  PRO B CA    1 
ATOM   1064 C C     . PRO B 1 44 ? 17.056  13.293  0.469   1.00 16.83 ? 44  PRO B C     1 
ATOM   1065 O O     . PRO B 1 44 ? 17.319  13.575  1.644   1.00 17.45 ? 44  PRO B O     1 
ATOM   1066 C CB    . PRO B 1 44 ? 18.773  14.252  -1.078  1.00 16.56 ? 44  PRO B CB    1 
ATOM   1067 C CG    . PRO B 1 44 ? 19.470  15.195  -0.159  1.00 16.62 ? 44  PRO B CG    1 
ATOM   1068 C CD    . PRO B 1 44 ? 18.486  16.247  0.274   1.00 17.22 ? 44  PRO B CD    1 
ATOM   1069 N N     . LYS B 1 45 ? 16.604  12.123  0.072   1.00 17.14 ? 45  LYS B N     1 
ATOM   1070 C CA    . LYS B 1 45 ? 16.355  11.061  1.062   1.00 17.34 ? 45  LYS B CA    1 
ATOM   1071 C C     . LYS B 1 45 ? 16.112  9.656   0.503   1.00 17.90 ? 45  LYS B C     1 
ATOM   1072 O O     . LYS B 1 45 ? 15.690  9.474   -0.654  1.00 16.48 ? 45  LYS B O     1 
ATOM   1073 C CB    . LYS B 1 45 ? 15.176  11.418  1.942   1.00 17.54 ? 45  LYS B CB    1 
ATOM   1074 C CG    . LYS B 1 45 ? 14.080  12.289  1.334   1.00 16.89 ? 45  LYS B CG    1 
ATOM   1075 C CD    . LYS B 1 45 ? 13.519  13.194  2.439   1.00 16.77 ? 45  LYS B CD    1 
ATOM   1076 C CE    . LYS B 1 45 ? 14.377  13.216  3.689   1.00 16.88 ? 45  LYS B CE    1 
ATOM   1077 N NZ    . LYS B 1 45 ? 14.266  14.508  4.424   1.00 17.44 ? 45  LYS B NZ    1 
ATOM   1078 N N     . ILE B 1 46 ? 16.383  8.754   1.438   1.00 17.86 ? 46  ILE B N     1 
ATOM   1079 C CA    . ILE B 1 46 ? 16.298  7.313   1.355   1.00 18.83 ? 46  ILE B CA    1 
ATOM   1080 C C     . ILE B 1 46 ? 15.043  6.675   1.940   1.00 19.23 ? 46  ILE B C     1 
ATOM   1081 O O     . ILE B 1 46 ? 14.980  6.422   3.162   1.00 20.39 ? 46  ILE B O     1 
ATOM   1082 C CB    . ILE B 1 46 ? 17.549  6.617   2.050   1.00 18.89 ? 46  ILE B CB    1 
ATOM   1083 C CG1   . ILE B 1 46 ? 17.628  7.033   3.526   1.00 19.62 ? 46  ILE B CG1   1 
ATOM   1084 C CG2   . ILE B 1 46 ? 18.912  6.812   1.380   1.00 18.59 ? 46  ILE B CG2   1 
ATOM   1085 C CD1   . ILE B 1 46 ? 18.901  6.723   4.348   1.00 19.88 ? 46  ILE B CD1   1 
ATOM   1086 N N     . VAL B 1 47 ? 14.040  6.366   1.141   1.00 19.45 ? 47  VAL B N     1 
ATOM   1087 C CA    . VAL B 1 47 ? 12.793  5.695   1.560   1.00 19.20 ? 47  VAL B CA    1 
ATOM   1088 C C     . VAL B 1 47 ? 12.954  4.220   1.152   1.00 18.75 ? 47  VAL B C     1 
ATOM   1089 O O     . VAL B 1 47 ? 13.621  3.957   0.151   1.00 18.82 ? 47  VAL B O     1 
ATOM   1090 C CB    . VAL B 1 47 ? 11.600  6.419   0.954   1.00 19.23 ? 47  VAL B CB    1 
ATOM   1091 C CG1   . VAL B 1 47 ? 11.984  7.398   -0.151  1.00 20.59 ? 47  VAL B CG1   1 
ATOM   1092 C CG2   . VAL B 1 47 ? 10.663  5.420   0.290   1.00 19.48 ? 47  VAL B CG2   1 
ATOM   1093 N N     . GLY B 1 48 ? 12.409  3.271   1.875   1.00 18.80 ? 48  GLY B N     1 
ATOM   1094 C CA    . GLY B 1 48 ? 12.521  1.837   1.622   1.00 18.14 ? 48  GLY B CA    1 
ATOM   1095 C C     . GLY B 1 48 ? 11.222  1.090   1.472   1.00 17.93 ? 48  GLY B C     1 
ATOM   1096 O O     . GLY B 1 48 ? 10.191  1.662   1.831   1.00 17.47 ? 48  GLY B O     1 
ATOM   1097 N N     . GLY B 1 49 ? 11.306  -0.120  0.936   1.00 18.15 ? 49  GLY B N     1 
ATOM   1098 C CA    . GLY B 1 49 ? 10.106  -0.965  0.752   1.00 18.55 ? 49  GLY B CA    1 
ATOM   1099 C C     . GLY B 1 49 ? 10.473  -2.364  0.291   1.00 18.60 ? 49  GLY B C     1 
ATOM   1100 O O     . GLY B 1 49 ? 11.593  -2.803  0.591   1.00 19.27 ? 49  GLY B O     1 
ATOM   1101 N N     . ILE B 1 50 ? 9.592   -3.055  -0.405  1.00 18.48 ? 50  ILE B N     1 
ATOM   1102 C CA    . ILE B 1 50 ? 9.923   -4.406  -0.903  1.00 18.94 ? 50  ILE B CA    1 
ATOM   1103 C C     . ILE B 1 50 ? 11.011  -4.295  -1.986  1.00 18.73 ? 50  ILE B C     1 
ATOM   1104 O O     . ILE B 1 50 ? 10.862  -3.529  -2.978  1.00 18.80 ? 50  ILE B O     1 
ATOM   1105 C CB    . ILE B 1 50 ? 8.648   -5.166  -1.390  1.00 18.71 ? 50  ILE B CB    1 
ATOM   1106 C CG1   . ILE B 1 50 ? 7.927   -5.839  -0.188  1.00 19.86 ? 50  ILE B CG1   1 
ATOM   1107 C CG2   . ILE B 1 50 ? 8.874   -6.246  -2.460  1.00 19.25 ? 50  ILE B CG2   1 
ATOM   1108 C CD1   . ILE B 1 50 ? 8.679   -7.057  0.401   1.00 19.71 ? 50  ILE B CD1   1 
ATOM   1109 N N     . GLY B 1 51 ? 12.070  -5.083  -1.813  1.00 18.05 ? 51  GLY B N     1 
ATOM   1110 C CA    . GLY B 1 51 ? 13.183  -5.079  -2.770  1.00 17.63 ? 51  GLY B CA    1 
ATOM   1111 C C     . GLY B 1 51 ? 14.370  -4.209  -2.411  1.00 16.86 ? 51  GLY B C     1 
ATOM   1112 O O     . GLY B 1 51 ? 15.439  -4.251  -3.018  1.00 16.66 ? 51  GLY B O     1 
ATOM   1113 N N     . GLY B 1 52 ? 14.240  -3.405  -1.404  1.00 17.85 ? 52  GLY B N     1 
ATOM   1114 C CA    . GLY B 1 52 ? 15.187  -2.485  -0.811  1.00 18.21 ? 52  GLY B CA    1 
ATOM   1115 C C     . GLY B 1 52 ? 14.791  -0.999  -0.886  1.00 18.67 ? 52  GLY B C     1 
ATOM   1116 O O     . GLY B 1 52 ? 13.618  -0.574  -0.935  1.00 18.82 ? 52  GLY B O     1 
ATOM   1117 N N     . PHE B 1 53 ? 15.867  -0.225  -0.942  1.00 18.13 ? 53  PHE B N     1 
ATOM   1118 C CA    . PHE B 1 53 ? 15.899  1.212   -0.982  1.00 17.70 ? 53  PHE B CA    1 
ATOM   1119 C C     . PHE B 1 53 ? 16.088  1.870   -2.335  1.00 17.24 ? 53  PHE B C     1 
ATOM   1120 O O     . PHE B 1 53 ? 16.616  1.279   -3.280  1.00 17.59 ? 53  PHE B O     1 
ATOM   1121 C CB    . PHE B 1 53 ? 17.014  1.672   0.007   1.00 17.95 ? 53  PHE B CB    1 
ATOM   1122 C CG    . PHE B 1 53 ? 16.508  1.414   1.398   1.00 18.50 ? 53  PHE B CG    1 
ATOM   1123 C CD1   . PHE B 1 53 ? 15.633  2.290   1.993   1.00 19.03 ? 53  PHE B CD1   1 
ATOM   1124 C CD2   . PHE B 1 53 ? 16.863  0.259   2.064   1.00 19.36 ? 53  PHE B CD2   1 
ATOM   1125 C CE1   . PHE B 1 53 ? 15.097  2.039   3.263   1.00 19.43 ? 53  PHE B CE1   1 
ATOM   1126 C CE2   . PHE B 1 53 ? 16.355  -0.020  3.327   1.00 20.04 ? 53  PHE B CE2   1 
ATOM   1127 C CZ    . PHE B 1 53 ? 15.467  0.875   3.933   1.00 19.43 ? 53  PHE B CZ    1 
ATOM   1128 N N     . ILE B 1 54 ? 15.676  3.144   -2.341  1.00 16.06 ? 54  ILE B N     1 
ATOM   1129 C CA    . ILE B 1 54 ? 15.787  4.052   -3.470  1.00 14.78 ? 54  ILE B CA    1 
ATOM   1130 C C     . ILE B 1 54 ? 15.972  5.411   -2.780  1.00 13.97 ? 54  ILE B C     1 
ATOM   1131 O O     . ILE B 1 54 ? 15.640  5.417   -1.614  1.00 13.71 ? 54  ILE B O     1 
ATOM   1132 C CB    . ILE B 1 54 ? 14.625  4.067   -4.514  1.00 14.55 ? 54  ILE B CB    1 
ATOM   1133 C CG1   . ILE B 1 54 ? 13.346  4.649   -3.839  1.00 14.20 ? 54  ILE B CG1   1 
ATOM   1134 C CG2   . ILE B 1 54 ? 14.405  2.653   -5.073  1.00 13.53 ? 54  ILE B CG2   1 
ATOM   1135 C CD1   . ILE B 1 54 ? 12.211  4.981   -4.823  1.00 13.21 ? 54  ILE B CD1   1 
ATOM   1136 N N     . ASN B 1 55 ? 16.503  6.337   -3.505  1.00 13.93 ? 55  ASN B N     1 
ATOM   1137 C CA    . ASN B 1 55 ? 16.829  7.709   -3.229  1.00 13.35 ? 55  ASN B CA    1 
ATOM   1138 C C     . ASN B 1 55 ? 15.720  8.584   -3.866  1.00 13.15 ? 55  ASN B C     1 
ATOM   1139 O O     . ASN B 1 55 ? 15.247  8.236   -4.947  1.00 12.91 ? 55  ASN B O     1 
ATOM   1140 C CB    . ASN B 1 55 ? 18.077  8.300   -3.907  1.00 14.06 ? 55  ASN B CB    1 
ATOM   1141 C CG    . ASN B 1 55 ? 19.296  7.469   -3.567  1.00 14.80 ? 55  ASN B CG    1 
ATOM   1142 O OD1   . ASN B 1 55 ? 20.074  7.798   -2.654  1.00 14.95 ? 55  ASN B OD1   1 
ATOM   1143 N ND2   . ASN B 1 55 ? 19.286  6.386   -4.358  1.00 15.81 ? 55  ASN B ND2   1 
ATOM   1144 N N     . THR B 1 56 ? 15.475  9.670   -3.157  1.00 12.86 ? 56  THR B N     1 
ATOM   1145 C CA    . THR B 1 56 ? 14.446  10.596  -3.635  1.00 12.85 ? 56  THR B CA    1 
ATOM   1146 C C     . THR B 1 56 ? 14.763  12.059  -3.341  1.00 13.12 ? 56  THR B C     1 
ATOM   1147 O O     . THR B 1 56 ? 15.619  12.389  -2.484  1.00 13.25 ? 56  THR B O     1 
ATOM   1148 C CB    . THR B 1 56 ? 13.059  10.146  -2.981  1.00 11.94 ? 56  THR B CB    1 
ATOM   1149 O OG1   . THR B 1 56 ? 13.465  9.615   -1.672  1.00 12.08 ? 56  THR B OG1   1 
ATOM   1150 C CG2   . THR B 1 56 ? 12.347  9.084   -3.820  1.00 11.54 ? 56  THR B CG2   1 
ATOM   1151 N N     . LEU B 1 57 ? 14.031  12.872  -4.078  1.00 12.60 ? 57  LEU B N     1 
ATOM   1152 C CA    . LEU B 1 57 ? 14.188  14.321  -3.802  1.00 14.01 ? 57  LEU B CA    1 
ATOM   1153 C C     . LEU B 1 57 ? 12.918  14.646  -2.990  1.00 14.19 ? 57  LEU B C     1 
ATOM   1154 O O     . LEU B 1 57 ? 11.818  14.343  -3.498  1.00 13.24 ? 57  LEU B O     1 
ATOM   1155 C CB    . LEU B 1 57 ? 14.503  15.174  -5.033  1.00 13.35 ? 57  LEU B CB    1 
ATOM   1156 C CG    . LEU B 1 57 ? 15.760  14.790  -5.787  1.00 12.68 ? 57  LEU B CG    1 
ATOM   1157 C CD1   . LEU B 1 57 ? 16.103  15.790  -6.874  1.00 13.26 ? 57  LEU B CD1   1 
ATOM   1158 C CD2   . LEU B 1 57 ? 16.905  14.694  -4.789  1.00 13.89 ? 57  LEU B CD2   1 
ATOM   1159 N N     . GLU B 1 58 ? 13.133  15.204  -1.807  1.00 14.82 ? 58  GLU B N     1 
ATOM   1160 C CA    . GLU B 1 58 ? 11.952  15.554  -0.989  1.00 15.50 ? 58  GLU B CA    1 
ATOM   1161 C C     . GLU B 1 58 ? 11.595  17.032  -1.200  1.00 16.36 ? 58  GLU B C     1 
ATOM   1162 O O     . GLU B 1 58 ? 12.449  17.926  -1.096  1.00 16.60 ? 58  GLU B O     1 
ATOM   1163 C CB    . GLU B 1 58 ? 12.116  15.353  0.497   1.00 15.09 ? 58  GLU B CB    1 
ATOM   1164 C CG    . GLU B 1 58 ? 10.769  15.382  1.227   1.00 15.98 ? 58  GLU B CG    1 
ATOM   1165 C CD    . GLU B 1 58 ? 10.818  15.539  2.695   1.00 15.53 ? 58  GLU B CD    1 
ATOM   1166 O OE1   . GLU B 1 58 ? 11.087  14.859  3.653   1.00 16.85 ? 58  GLU B OE1   1 
ATOM   1167 O OE2   . GLU B 1 58 ? 10.509  16.707  2.937   1.00 17.21 ? 58  GLU B OE2   1 
ATOM   1168 N N     . TYR B 1 59 ? 10.327  17.268  -1.470  1.00 17.05 ? 59  TYR B N     1 
ATOM   1169 C CA    . TYR B 1 59 ? 9.727   18.563  -1.738  1.00 17.36 ? 59  TYR B CA    1 
ATOM   1170 C C     . TYR B 1 59 ? 8.505   18.909  -0.883  1.00 18.20 ? 59  TYR B C     1 
ATOM   1171 O O     . TYR B 1 59 ? 7.411   18.426  -1.190  1.00 18.14 ? 59  TYR B O     1 
ATOM   1172 C CB    . TYR B 1 59 ? 9.210   18.549  -3.202  1.00 16.84 ? 59  TYR B CB    1 
ATOM   1173 C CG    . TYR B 1 59 ? 10.206  18.559  -4.335  1.00 16.69 ? 59  TYR B CG    1 
ATOM   1174 C CD1   . TYR B 1 59 ? 10.713  19.792  -4.826  1.00 16.82 ? 59  TYR B CD1   1 
ATOM   1175 C CD2   . TYR B 1 59 ? 10.597  17.397  -4.984  1.00 15.81 ? 59  TYR B CD2   1 
ATOM   1176 C CE1   . TYR B 1 59 ? 11.623  19.864  -5.890  1.00 15.88 ? 59  TYR B CE1   1 
ATOM   1177 C CE2   . TYR B 1 59 ? 11.513  17.442  -6.018  1.00 15.95 ? 59  TYR B CE2   1 
ATOM   1178 C CZ    . TYR B 1 59 ? 12.021  18.675  -6.485  1.00 15.74 ? 59  TYR B CZ    1 
ATOM   1179 O OH    . TYR B 1 59 ? 12.927  18.692  -7.499  1.00 14.93 ? 59  TYR B OH    1 
ATOM   1180 N N     . LYS B 1 60 ? 8.652   19.773  0.100   1.00 19.57 ? 60  LYS B N     1 
ATOM   1181 C CA    . LYS B 1 60 ? 7.608   20.270  0.990   1.00 20.53 ? 60  LYS B CA    1 
ATOM   1182 C C     . LYS B 1 60 ? 6.716   21.350  0.378   1.00 20.23 ? 60  LYS B C     1 
ATOM   1183 O O     . LYS B 1 60 ? 7.078   22.130  -0.494  1.00 21.08 ? 60  LYS B O     1 
ATOM   1184 C CB    . LYS B 1 60 ? 8.188   20.798  2.320   1.00 20.71 ? 60  LYS B CB    1 
ATOM   1185 C CG    . LYS B 1 60 ? 8.627   19.739  3.293   1.00 22.17 ? 60  LYS B CG    1 
ATOM   1186 C CD    . LYS B 1 60 ? 9.048   19.979  4.740   1.00 22.43 ? 60  LYS B CD    1 
ATOM   1187 C CE    . LYS B 1 60 ? 9.535   18.623  5.288   1.00 23.19 ? 60  LYS B CE    1 
ATOM   1188 N NZ    . LYS B 1 60 ? 10.063  18.594  6.676   1.00 23.21 ? 60  LYS B NZ    1 
ATOM   1189 N N     . ASN B 1 61 ? 5.483   21.443  0.785   1.00 20.39 ? 61  ASN B N     1 
ATOM   1190 C CA    . ASN B 1 61 ? 4.414   22.364  0.470   1.00 20.54 ? 61  ASN B CA    1 
ATOM   1191 C C     . ASN B 1 61 ? 3.870   22.417  -0.939  1.00 20.25 ? 61  ASN B C     1 
ATOM   1192 O O     . ASN B 1 61 ? 3.212   23.407  -1.342  1.00 19.95 ? 61  ASN B O     1 
ATOM   1193 C CB    . ASN B 1 61 ? 4.792   23.756  1.028   1.00 21.09 ? 61  ASN B CB    1 
ATOM   1194 C CG    . ASN B 1 61 ? 3.692   24.804  1.030   1.00 21.31 ? 61  ASN B CG    1 
ATOM   1195 O OD1   . ASN B 1 61 ? 4.028   26.004  1.144   1.00 21.79 ? 61  ASN B OD1   1 
ATOM   1196 N ND2   . ASN B 1 61 ? 2.412   24.453  0.925   1.00 20.93 ? 61  ASN B ND2   1 
ATOM   1197 N N     . VAL B 1 62 ? 4.101   21.344  -1.671  1.00 19.72 ? 62  VAL B N     1 
ATOM   1198 C CA    . VAL B 1 62 ? 3.633   21.265  -3.080  1.00 18.73 ? 62  VAL B CA    1 
ATOM   1199 C C     . VAL B 1 62 ? 2.116   21.366  -3.076  1.00 18.27 ? 62  VAL B C     1 
ATOM   1200 O O     . VAL B 1 62 ? 1.575   20.934  -2.045  1.00 19.29 ? 62  VAL B O     1 
ATOM   1201 C CB    . VAL B 1 62 ? 4.119   19.965  -3.738  1.00 17.81 ? 62  VAL B CB    1 
ATOM   1202 C CG1   . VAL B 1 62 ? 3.599   19.879  -5.150  1.00 17.68 ? 62  VAL B CG1   1 
ATOM   1203 C CG2   . VAL B 1 62 ? 5.597   19.753  -3.618  1.00 17.49 ? 62  VAL B CG2   1 
ATOM   1204 N N     . GLU B 1 63 ? 1.487   21.863  -4.110  1.00 18.51 ? 63  GLU B N     1 
ATOM   1205 C CA    . GLU B 1 63 ? 0.018   21.932  -4.067  1.00 18.75 ? 63  GLU B CA    1 
ATOM   1206 C C     . GLU B 1 63 ? -0.564  20.836  -4.956  1.00 18.37 ? 63  GLU B C     1 
ATOM   1207 O O     . GLU B 1 63 ? -0.112  20.524  -6.074  1.00 17.98 ? 63  GLU B O     1 
ATOM   1208 C CB    . GLU B 1 63 ? -0.610  23.253  -4.437  1.00 19.47 ? 63  GLU B CB    1 
ATOM   1209 C CG    . GLU B 1 63 ? -0.726  23.592  -5.913  1.00 21.29 ? 63  GLU B CG    1 
ATOM   1210 C CD    . GLU B 1 63 ? -2.089  24.125  -6.275  1.00 22.03 ? 63  GLU B CD    1 
ATOM   1211 O OE1   . GLU B 1 63 ? -2.356  25.121  -5.563  1.00 23.71 ? 63  GLU B OE1   1 
ATOM   1212 O OE2   . GLU B 1 63 ? -2.849  23.678  -7.120  1.00 22.91 ? 63  GLU B OE2   1 
ATOM   1213 N N     . ILE B 1 64 ? -1.624  20.238  -4.437  1.00 18.02 ? 64  ILE B N     1 
ATOM   1214 C CA    . ILE B 1 64 ? -2.270  19.139  -5.198  1.00 17.79 ? 64  ILE B CA    1 
ATOM   1215 C C     . ILE B 1 64 ? -3.758  19.325  -5.229  1.00 17.67 ? 64  ILE B C     1 
ATOM   1216 O O     . ILE B 1 64 ? -4.311  19.952  -4.334  1.00 17.55 ? 64  ILE B O     1 
ATOM   1217 C CB    . ILE B 1 64 ? -1.769  17.863  -4.410  1.00 18.02 ? 64  ILE B CB    1 
ATOM   1218 C CG1   . ILE B 1 64 ? -0.218  17.782  -4.600  1.00 17.55 ? 64  ILE B CG1   1 
ATOM   1219 C CG2   . ILE B 1 64 ? -2.463  16.524  -4.717  1.00 17.82 ? 64  ILE B CG2   1 
ATOM   1220 C CD1   . ILE B 1 64 ? 0.459   17.362  -3.262  1.00 17.68 ? 64  ILE B CD1   1 
ATOM   1221 N N     . GLU B 1 65 ? -4.367  18.757  -6.244  1.00 18.24 ? 65  GLU B N     1 
ATOM   1222 C CA    . GLU B 1 65 ? -5.819  18.709  -6.478  1.00 17.82 ? 65  GLU B CA    1 
ATOM   1223 C C     . GLU B 1 65 ? -6.048  17.301  -7.087  1.00 18.12 ? 65  GLU B C     1 
ATOM   1224 O O     . GLU B 1 65 ? -5.479  16.935  -8.129  1.00 17.13 ? 65  GLU B O     1 
ATOM   1225 C CB    . GLU B 1 65 ? -6.367  19.735  -7.430  1.00 18.18 ? 65  GLU B CB    1 
ATOM   1226 N N     . VAL B 1 66 ? -6.850  16.548  -6.381  1.00 17.99 ? 66  VAL B N     1 
ATOM   1227 C CA    . VAL B 1 66 ? -7.270  15.195  -6.585  1.00 18.83 ? 66  VAL B CA    1 
ATOM   1228 C C     . VAL B 1 66 ? -8.708  14.943  -6.087  1.00 19.04 ? 66  VAL B C     1 
ATOM   1229 O O     . VAL B 1 66 ? -8.950  15.233  -4.890  1.00 19.14 ? 66  VAL B O     1 
ATOM   1230 C CB    . VAL B 1 66 ? -6.452  14.206  -5.681  1.00 19.16 ? 66  VAL B CB    1 
ATOM   1231 C CG1   . VAL B 1 66 ? -5.333  13.469  -6.340  1.00 19.84 ? 66  VAL B CG1   1 
ATOM   1232 C CG2   . VAL B 1 66 ? -5.983  14.893  -4.409  1.00 18.96 ? 66  VAL B CG2   1 
ATOM   1233 N N     . LEU B 1 67 ? -9.545  14.356  -6.929  1.00 19.00 ? 67  LEU B N     1 
ATOM   1234 C CA    . LEU B 1 67 ? -10.900 14.032  -6.407  1.00 19.27 ? 67  LEU B CA    1 
ATOM   1235 C C     . LEU B 1 67 ? -11.638 15.244  -5.871  1.00 19.33 ? 67  LEU B C     1 
ATOM   1236 O O     . LEU B 1 67 ? -12.320 15.105  -4.836  1.00 20.38 ? 67  LEU B O     1 
ATOM   1237 C CB    . LEU B 1 67 ? -10.616 13.059  -5.227  1.00 18.68 ? 67  LEU B CB    1 
ATOM   1238 C CG    . LEU B 1 67 ? -9.828  11.778  -5.316  1.00 17.73 ? 67  LEU B CG    1 
ATOM   1239 C CD1   . LEU B 1 67 ? -9.758  11.084  -3.955  1.00 17.99 ? 67  LEU B CD1   1 
ATOM   1240 C CD2   . LEU B 1 67 ? -10.529 10.788  -6.236  1.00 17.76 ? 67  LEU B CD2   1 
ATOM   1241 N N     . ASN B 1 68 ? -11.496 16.380  -6.517  1.00 19.67 ? 68  ASN B N     1 
ATOM   1242 C CA    . ASN B 1 68 ? -12.088 17.662  -6.171  1.00 18.95 ? 68  ASN B CA    1 
ATOM   1243 C C     . ASN B 1 68 ? -11.640 18.197  -4.824  1.00 19.16 ? 68  ASN B C     1 
ATOM   1244 O O     . ASN B 1 68 ? -12.556 18.765  -4.197  1.00 20.53 ? 68  ASN B O     1 
ATOM   1245 C CB    . ASN B 1 68 ? -13.603 17.779  -6.212  1.00 17.71 ? 68  ASN B CB    1 
ATOM   1246 C CG    . ASN B 1 68 ? -14.240 17.356  -7.501  1.00 17.60 ? 68  ASN B CG    1 
ATOM   1247 O OD1   . ASN B 1 68 ? -15.053 16.411  -7.397  1.00 17.92 ? 68  ASN B OD1   1 
ATOM   1248 N ND2   . ASN B 1 68 ? -13.928 17.947  -8.638  1.00 16.41 ? 68  ASN B ND2   1 
ATOM   1249 N N     . LYS B 1 69 ? -10.432 18.054  -4.371  1.00 19.75 ? 69  LYS B N     1 
ATOM   1250 C CA    . LYS B 1 69 ? -10.080 18.650  -3.052  1.00 19.92 ? 69  LYS B CA    1 
ATOM   1251 C C     . LYS B 1 69 ? -8.711  19.243  -3.362  1.00 19.86 ? 69  LYS B C     1 
ATOM   1252 O O     . LYS B 1 69 ? -8.162  18.637  -4.289  1.00 20.57 ? 69  LYS B O     1 
ATOM   1253 C CB    . LYS B 1 69 ? -10.108 17.849  -1.811  1.00 20.57 ? 69  LYS B CB    1 
ATOM   1254 C CG    . LYS B 1 69 ? -11.486 17.507  -1.226  1.00 20.91 ? 69  LYS B CG    1 
ATOM   1255 C CD    . LYS B 1 69 ? -12.245 16.570  -2.130  1.00 22.07 ? 69  LYS B CD    1 
ATOM   1256 C CE    . LYS B 1 69 ? -13.612 16.078  -1.623  1.00 22.58 ? 69  LYS B CE    1 
ATOM   1257 N NZ    . LYS B 1 69 ? -14.232 15.272  -2.750  1.00 23.15 ? 69  LYS B NZ    1 
ATOM   1258 N N     . LYS B 1 70 ? -8.317  20.341  -2.769  1.00 19.07 ? 70  LYS B N     1 
ATOM   1259 C CA    . LYS B 1 70 ? -7.023  20.939  -3.043  1.00 18.00 ? 70  LYS B CA    1 
ATOM   1260 C C     . LYS B 1 70 ? -6.291  20.807  -1.705  1.00 17.71 ? 70  LYS B C     1 
ATOM   1261 O O     . LYS B 1 70 ? -6.999  21.111  -0.716  1.00 19.01 ? 70  LYS B O     1 
ATOM   1262 C CB    . LYS B 1 70 ? -6.990  22.396  -3.394  1.00 18.06 ? 70  LYS B CB    1 
ATOM   1263 C CG    . LYS B 1 70 ? -8.205  23.169  -3.769  1.00 18.63 ? 70  LYS B CG    1 
ATOM   1264 C CD    . LYS B 1 70 ? -8.954  23.850  -2.628  1.00 19.06 ? 70  LYS B CD    1 
ATOM   1265 C CE    . LYS B 1 70 ? -9.716  22.975  -1.666  1.00 18.81 ? 70  LYS B CE    1 
ATOM   1266 N NZ    . LYS B 1 70 ? -10.872 22.329  -2.335  1.00 18.06 ? 70  LYS B NZ    1 
ATOM   1267 N N     . VAL B 1 71 ? -5.032  20.423  -1.708  1.00 16.67 ? 71  VAL B N     1 
ATOM   1268 C CA    . VAL B 1 71 ? -4.318  20.275  -0.416  1.00 14.93 ? 71  VAL B CA    1 
ATOM   1269 C C     . VAL B 1 71 ? -2.883  20.669  -0.632  1.00 13.58 ? 71  VAL B C     1 
ATOM   1270 O O     . VAL B 1 71 ? -2.622  20.863  -1.798  1.00 13.80 ? 71  VAL B O     1 
ATOM   1271 C CB    . VAL B 1 71 ? -4.513  18.861  0.141   1.00 15.53 ? 71  VAL B CB    1 
ATOM   1272 N N     . ARG B 1 72 ? -2.069  20.822  0.363   1.00 13.41 ? 72  ARG B N     1 
ATOM   1273 C CA    . ARG B 1 72 ? -0.642  21.195  0.170   1.00 13.32 ? 72  ARG B CA    1 
ATOM   1274 C C     . ARG B 1 72 ? 0.163   20.157  0.944   1.00 13.08 ? 72  ARG B C     1 
ATOM   1275 O O     . ARG B 1 72 ? -0.198  20.021  2.137   1.00 12.73 ? 72  ARG B O     1 
ATOM   1276 C CB    . ARG B 1 72 ? -0.362  22.596  0.715   1.00 13.74 ? 72  ARG B CB    1 
ATOM   1277 C CG    . ARG B 1 72 ? -0.916  23.793  -0.033  1.00 12.93 ? 72  ARG B CG    1 
ATOM   1278 C CD    . ARG B 1 72 ? 0.192   24.526  -0.683  1.00 14.27 ? 72  ARG B CD    1 
ATOM   1279 N NE    . ARG B 1 72 ? -0.226  25.775  -1.320  1.00 14.87 ? 72  ARG B NE    1 
ATOM   1280 C CZ    . ARG B 1 72 ? 0.353   26.251  -2.424  1.00 15.23 ? 72  ARG B CZ    1 
ATOM   1281 N NH1   . ARG B 1 72 ? 1.442   25.744  -3.012  1.00 14.86 ? 72  ARG B NH1   1 
ATOM   1282 N NH2   . ARG B 1 72 ? -0.364  27.208  -3.033  1.00 15.48 ? 72  ARG B NH2   1 
ATOM   1283 N N     . ALA B 1 73 ? 1.139   19.491  0.305   1.00 12.88 ? 73  ALA B N     1 
ATOM   1284 C CA    . ALA B 1 73 ? 1.863   18.481  1.092   1.00 12.05 ? 73  ALA B CA    1 
ATOM   1285 C C     . ALA B 1 73 ? 3.190   18.037  0.550   1.00 12.45 ? 73  ALA B C     1 
ATOM   1286 O O     . ALA B 1 73 ? 3.488   18.308  -0.621  1.00 13.57 ? 73  ALA B O     1 
ATOM   1287 C CB    . ALA B 1 73 ? 0.944   17.235  1.070   1.00 11.91 ? 73  ALA B CB    1 
ATOM   1288 N N     . THR B 1 74 ? 3.977   17.353  1.375   1.00 12.35 ? 74  THR B N     1 
ATOM   1289 C CA    . THR B 1 74 ? 5.279   16.824  0.905   1.00 12.20 ? 74  THR B CA    1 
ATOM   1290 C C     . THR B 1 74 ? 5.039   15.751  -0.161  1.00 11.95 ? 74  THR B C     1 
ATOM   1291 O O     . THR B 1 74 ? 4.099   14.984  -0.226  1.00 11.35 ? 74  THR B O     1 
ATOM   1292 C CB    . THR B 1 74 ? 6.145   16.312  2.087   1.00 11.43 ? 74  THR B CB    1 
ATOM   1293 O OG1   . THR B 1 74 ? 5.880   17.276  3.138   1.00 11.96 ? 74  THR B OG1   1 
ATOM   1294 C CG2   . THR B 1 74 ? 7.611   16.178  1.737   1.00 12.25 ? 74  THR B CG2   1 
ATOM   1295 N N     . ILE B 1 75 ? 5.939   15.738  -1.114  1.00 13.41 ? 75  ILE B N     1 
ATOM   1296 C CA    . ILE B 1 75 ? 5.904   14.830  -2.280  1.00 14.14 ? 75  ILE B CA    1 
ATOM   1297 C C     . ILE B 1 75 ? 7.352   14.516  -2.594  1.00 14.25 ? 75  ILE B C     1 
ATOM   1298 O O     . ILE B 1 75 ? 8.080   15.520  -2.633  1.00 14.52 ? 75  ILE B O     1 
ATOM   1299 C CB    . ILE B 1 75 ? 5.065   15.517  -3.412  1.00 13.91 ? 75  ILE B CB    1 
ATOM   1300 C CG1   . ILE B 1 75 ? 3.599   15.282  -3.006  1.00 14.27 ? 75  ILE B CG1   1 
ATOM   1301 C CG2   . ILE B 1 75 ? 5.437   15.149  -4.841  1.00 13.82 ? 75  ILE B CG2   1 
ATOM   1302 C CD1   . ILE B 1 75 ? 2.563   15.178  -4.157  1.00 15.49 ? 75  ILE B CD1   1 
ATOM   1303 N N     . MET B 1 76 ? 7.616   13.240  -2.724  1.00 14.53 ? 76  MET B N     1 
ATOM   1304 C CA    . MET B 1 76 ? 8.986   12.775  -3.038  1.00 15.40 ? 76  MET B CA    1 
ATOM   1305 C C     . MET B 1 76 ? 9.055   12.426  -4.524  1.00 15.14 ? 76  MET B C     1 
ATOM   1306 O O     . MET B 1 76 ? 8.074   11.957  -5.097  1.00 15.85 ? 76  MET B O     1 
ATOM   1307 C CB    . MET B 1 76 ? 9.390   11.631  -2.154  1.00 16.34 ? 76  MET B CB    1 
ATOM   1308 C CG    . MET B 1 76 ? 9.621   11.987  -0.718  1.00 17.48 ? 76  MET B CG    1 
ATOM   1309 S SD    . MET B 1 76 ? 9.863   10.392  0.155   1.00 20.48 ? 76  MET B SD    1 
ATOM   1310 C CE    . MET B 1 76 ? 10.420  11.075  1.751   1.00 18.97 ? 76  MET B CE    1 
ATOM   1311 N N     . THR B 1 77 ? 10.187  12.632  -5.149  1.00 15.20 ? 77  THR B N     1 
ATOM   1312 C CA    . THR B 1 77 ? 10.374  12.345  -6.583  1.00 14.92 ? 77  THR B CA    1 
ATOM   1313 C C     . THR B 1 77 ? 11.427  11.266  -6.656  1.00 15.04 ? 77  THR B C     1 
ATOM   1314 O O     . THR B 1 77 ? 12.376  11.401  -5.883  1.00 15.13 ? 77  THR B O     1 
ATOM   1315 C CB    . THR B 1 77 ? 10.754  13.692  -7.294  1.00 14.81 ? 77  THR B CB    1 
ATOM   1316 O OG1   . THR B 1 77 ? 9.543   14.537  -7.351  1.00 15.25 ? 77  THR B OG1   1 
ATOM   1317 C CG2   . THR B 1 77 ? 11.323  13.552  -8.696  1.00 15.18 ? 77  THR B CG2   1 
ATOM   1318 N N     . GLY B 1 78 ? 11.263  10.279  -7.508  1.00 15.54 ? 78  GLY B N     1 
ATOM   1319 C CA    . GLY B 1 78 ? 12.211  9.181   -7.671  1.00 16.08 ? 78  GLY B CA    1 
ATOM   1320 C C     . GLY B 1 78 ? 11.687  8.043   -8.528  1.00 16.75 ? 78  GLY B C     1 
ATOM   1321 O O     . GLY B 1 78 ? 10.542  7.986   -9.011  1.00 17.16 ? 78  GLY B O     1 
ATOM   1322 N N     . ASP B 1 79 ? 12.551  7.053   -8.701  1.00 17.78 ? 79  ASP B N     1 
ATOM   1323 C CA    . ASP B 1 79 ? 12.270  5.854   -9.519  1.00 17.82 ? 79  ASP B CA    1 
ATOM   1324 C C     . ASP B 1 79 ? 11.235  4.887   -8.974  1.00 17.02 ? 79  ASP B C     1 
ATOM   1325 O O     . ASP B 1 79 ? 11.609  3.747   -8.650  1.00 17.60 ? 79  ASP B O     1 
ATOM   1326 C CB    . ASP B 1 79 ? 13.566  5.147   -9.914  1.00 17.89 ? 79  ASP B CB    1 
ATOM   1327 C CG    . ASP B 1 79 ? 13.465  4.342   -11.215 1.00 18.06 ? 79  ASP B CG    1 
ATOM   1328 O OD1   . ASP B 1 79 ? 12.481  4.339   -11.980 1.00 17.78 ? 79  ASP B OD1   1 
ATOM   1329 O OD2   . ASP B 1 79 ? 14.518  3.701   -11.433 1.00 16.87 ? 79  ASP B OD2   1 
ATOM   1330 N N     . THR B 1 80 ? 9.997   5.317   -8.917  1.00 16.64 ? 80  THR B N     1 
ATOM   1331 C CA    . THR B 1 80 ? 8.871   4.476   -8.447  1.00 15.71 ? 80  THR B CA    1 
ATOM   1332 C C     . THR B 1 80 ? 8.208   4.096   -9.784  1.00 15.83 ? 80  THR B C     1 
ATOM   1333 O O     . THR B 1 80 ? 8.034   5.027   -10.614 1.00 17.18 ? 80  THR B O     1 
ATOM   1334 C CB    . THR B 1 80 ? 7.848   5.255   -7.544  1.00 15.29 ? 80  THR B CB    1 
ATOM   1335 O OG1   . THR B 1 80 ? 6.796   4.265   -7.208  1.00 15.16 ? 80  THR B OG1   1 
ATOM   1336 C CG2   . THR B 1 80 ? 7.250   6.449   -8.293  1.00 14.24 ? 80  THR B CG2   1 
ATOM   1337 N N     . PRO B 1 81 ? 7.871   2.836   -9.967  1.00 15.47 ? 81  PRO B N     1 
ATOM   1338 C CA    . PRO B 1 81 ? 7.252   2.323   -11.199 1.00 14.77 ? 81  PRO B CA    1 
ATOM   1339 C C     . PRO B 1 81 ? 5.808   2.705   -11.433 1.00 14.96 ? 81  PRO B C     1 
ATOM   1340 O O     . PRO B 1 81 ? 5.165   2.561   -12.516 1.00 15.78 ? 81  PRO B O     1 
ATOM   1341 C CB    . PRO B 1 81 ? 7.250   0.816   -10.972 1.00 14.37 ? 81  PRO B CB    1 
ATOM   1342 C CG    . PRO B 1 81 ? 7.060   0.763   -9.474  1.00 14.81 ? 81  PRO B CG    1 
ATOM   1343 C CD    . PRO B 1 81 ? 8.062   1.786   -8.937  1.00 14.81 ? 81  PRO B CD    1 
ATOM   1344 N N     . ILE B 1 82 ? 5.276   3.199   -10.338 1.00 14.13 ? 82  ILE B N     1 
ATOM   1345 C CA    . ILE B 1 82 ? 3.855   3.635   -10.252 1.00 13.41 ? 82  ILE B CA    1 
ATOM   1346 C C     . ILE B 1 82 ? 3.881   4.805   -9.271  1.00 12.88 ? 82  ILE B C     1 
ATOM   1347 O O     . ILE B 1 82 ? 4.604   4.662   -8.260  1.00 13.13 ? 82  ILE B O     1 
ATOM   1348 C CB    . ILE B 1 82 ? 3.203   2.319   -9.672  1.00 13.49 ? 82  ILE B CB    1 
ATOM   1349 C CG1   . ILE B 1 82 ? 1.661   2.344   -9.727  1.00 13.77 ? 82  ILE B CG1   1 
ATOM   1350 C CG2   . ILE B 1 82 ? 3.760   2.070   -8.243  1.00 13.56 ? 82  ILE B CG2   1 
ATOM   1351 C CD1   . ILE B 1 82 ? 1.151   1.876   -11.119 1.00 14.04 ? 82  ILE B CD1   1 
ATOM   1352 N N     . ASN B 1 83 ? 3.204   5.883   -9.584  1.00 12.08 ? 83  ASN B N     1 
ATOM   1353 C CA    . ASN B 1 83 ? 3.149   7.096   -8.728  1.00 11.09 ? 83  ASN B CA    1 
ATOM   1354 C C     . ASN B 1 83 ? 2.359   6.676   -7.477  1.00 10.13 ? 83  ASN B C     1 
ATOM   1355 O O     . ASN B 1 83 ? 1.359   6.000   -7.699  1.00 9.70  ? 83  ASN B O     1 
ATOM   1356 C CB    . ASN B 1 83 ? 2.446   8.285   -9.398  1.00 10.36 ? 83  ASN B CB    1 
ATOM   1357 C CG    . ASN B 1 83 ? 3.202   8.781   -10.621 1.00 10.18 ? 83  ASN B CG    1 
ATOM   1358 O OD1   . ASN B 1 83 ? 4.437   8.903   -10.482 1.00 9.75  ? 83  ASN B OD1   1 
ATOM   1359 N ND2   . ASN B 1 83 ? 2.433   9.032   -11.684 1.00 8.92  ? 83  ASN B ND2   1 
ATOM   1360 N N     . ILE B 1 84 ? 2.796   7.092   -6.329  1.00 9.96  ? 84  ILE B N     1 
ATOM   1361 C CA    . ILE B 1 84 ? 2.158   6.727   -5.055  1.00 10.48 ? 84  ILE B CA    1 
ATOM   1362 C C     . ILE B 1 84 ? 1.691   7.870   -4.162  1.00 10.06 ? 84  ILE B C     1 
ATOM   1363 O O     . ILE B 1 84 ? 2.449   8.818   -3.921  1.00 11.00 ? 84  ILE B O     1 
ATOM   1364 C CB    . ILE B 1 84 ? 3.185   5.778   -4.272  1.00 10.16 ? 84  ILE B CB    1 
ATOM   1365 C CG1   . ILE B 1 84 ? 3.413   4.573   -5.221  1.00 10.75 ? 84  ILE B CG1   1 
ATOM   1366 C CG2   . ILE B 1 84 ? 2.711   5.316   -2.885  1.00 9.67  ? 84  ILE B CG2   1 
ATOM   1367 C CD1   . ILE B 1 84 ? 4.486   3.560   -4.733  1.00 11.00 ? 84  ILE B CD1   1 
ATOM   1368 N N     . PHE B 1 85 ? 0.491   7.751   -3.672  1.00 9.30  ? 85  PHE B N     1 
ATOM   1369 C CA    . PHE B 1 85 ? -0.208  8.663   -2.752  1.00 9.24  ? 85  PHE B CA    1 
ATOM   1370 C C     . PHE B 1 85 ? -0.385  7.831   -1.470  1.00 8.26  ? 85  PHE B C     1 
ATOM   1371 O O     . PHE B 1 85 ? -1.263  6.965   -1.464  1.00 7.99  ? 85  PHE B O     1 
ATOM   1372 C CB    . PHE B 1 85 ? -1.584  9.166   -3.210  1.00 9.67  ? 85  PHE B CB    1 
ATOM   1373 C CG    . PHE B 1 85 ? -1.466  10.493  -3.918  1.00 11.29 ? 85  PHE B CG    1 
ATOM   1374 C CD1   . PHE B 1 85 ? -0.220  10.906  -4.413  1.00 11.00 ? 85  PHE B CD1   1 
ATOM   1375 C CD2   . PHE B 1 85 ? -2.583  11.313  -4.056  1.00 11.43 ? 85  PHE B CD2   1 
ATOM   1376 C CE1   . PHE B 1 85 ? -0.106  12.123  -5.058  1.00 12.12 ? 85  PHE B CE1   1 
ATOM   1377 C CE2   . PHE B 1 85 ? -2.456  12.544  -4.729  1.00 12.58 ? 85  PHE B CE2   1 
ATOM   1378 C CZ    . PHE B 1 85 ? -1.202  12.977  -5.221  1.00 11.75 ? 85  PHE B CZ    1 
ATOM   1379 N N     . GLY B 1 86 ? 0.445   8.127   -0.529  1.00 7.72  ? 86  GLY B N     1 
ATOM   1380 C CA    . GLY B 1 86 ? 0.573   7.529   0.780   1.00 7.11  ? 86  GLY B CA    1 
ATOM   1381 C C     . GLY B 1 86 ? -0.307  8.206   1.798   1.00 7.58  ? 86  GLY B C     1 
ATOM   1382 O O     . GLY B 1 86 ? -1.091  9.105   1.504   1.00 7.58  ? 86  GLY B O     1 
ATOM   1383 N N     . ARG B 1 87 ? -0.110  7.769   3.027   1.00 8.08  ? 87  ARG B N     1 
ATOM   1384 C CA    . ARG B 1 87 ? -0.872  8.241   4.163   1.00 9.19  ? 87  ARG B CA    1 
ATOM   1385 C C     . ARG B 1 87 ? -0.788  9.735   4.431   1.00 9.81  ? 87  ARG B C     1 
ATOM   1386 O O     . ARG B 1 87 ? -1.728  10.167  5.124   1.00 10.60 ? 87  ARG B O     1 
ATOM   1387 C CB    . ARG B 1 87 ? -0.647  7.446   5.443   1.00 8.48  ? 87  ARG B CB    1 
ATOM   1388 C CG    . ARG B 1 87 ? -1.091  6.009   5.281   1.00 8.85  ? 87  ARG B CG    1 
ATOM   1389 C CD    . ARG B 1 87 ? -0.899  5.224   6.520   1.00 9.19  ? 87  ARG B CD    1 
ATOM   1390 N NE    . ARG B 1 87 ? 0.448   5.354   7.102   1.00 9.26  ? 87  ARG B NE    1 
ATOM   1391 C CZ    . ARG B 1 87 ? 0.815   6.305   7.957   1.00 8.81  ? 87  ARG B CZ    1 
ATOM   1392 N NH1   . ARG B 1 87 ? 0.053   7.295   8.372   1.00 9.51  ? 87  ARG B NH1   1 
ATOM   1393 N NH2   . ARG B 1 87 ? 2.008   6.264   8.547   1.00 9.46  ? 87  ARG B NH2   1 
ATOM   1394 N N     . ASN B 1 88 ? 0.230   10.420  3.951   1.00 10.22 ? 88  ASN B N     1 
ATOM   1395 C CA    . ASN B 1 88 ? 0.334   11.862  4.213   1.00 9.72  ? 88  ASN B CA    1 
ATOM   1396 C C     . ASN B 1 88 ? -0.783  12.542  3.442   1.00 9.34  ? 88  ASN B C     1 
ATOM   1397 O O     . ASN B 1 88 ? -1.369  13.477  4.005   1.00 10.01 ? 88  ASN B O     1 
ATOM   1398 C CB    . ASN B 1 88 ? 1.726   12.399  4.007   1.00 10.17 ? 88  ASN B CB    1 
ATOM   1399 C CG    . ASN B 1 88 ? 2.195   12.475  2.580   1.00 11.24 ? 88  ASN B CG    1 
ATOM   1400 O OD1   . ASN B 1 88 ? 1.845   11.623  1.752   1.00 11.03 ? 88  ASN B OD1   1 
ATOM   1401 N ND2   . ASN B 1 88 ? 2.980   13.553  2.326   1.00 12.15 ? 88  ASN B ND2   1 
ATOM   1402 N N     . ILE B 1 89 ? -1.035  12.101  2.229   1.00 9.46  ? 89  ILE B N     1 
ATOM   1403 C CA    . ILE B 1 89 ? -2.111  12.674  1.410   1.00 9.21  ? 89  ILE B CA    1 
ATOM   1404 C C     . ILE B 1 89 ? -3.477  12.132  1.739   1.00 9.50  ? 89  ILE B C     1 
ATOM   1405 O O     . ILE B 1 89 ? -4.467  12.867  1.514   1.00 9.96  ? 89  ILE B O     1 
ATOM   1406 C CB    . ILE B 1 89 ? -1.798  12.626  -0.117  1.00 9.05  ? 89  ILE B CB    1 
ATOM   1407 C CG1   . ILE B 1 89 ? -0.485  13.435  -0.397  1.00 9.36  ? 89  ILE B CG1   1 
ATOM   1408 C CG2   . ILE B 1 89 ? -2.884  13.248  -1.022  1.00 9.75  ? 89  ILE B CG2   1 
ATOM   1409 C CD1   . ILE B 1 89 ? -0.072  13.457  -1.896  1.00 9.11  ? 89  ILE B CD1   1 
ATOM   1410 N N     . LEU B 1 90 ? -3.618  10.903  2.229   1.00 9.85  ? 90  LEU B N     1 
ATOM   1411 C CA    . LEU B 1 90 ? -4.960  10.350  2.524   1.00 9.13  ? 90  LEU B CA    1 
ATOM   1412 C C     . LEU B 1 90 ? -5.657  11.110  3.656   1.00 8.91  ? 90  LEU B C     1 
ATOM   1413 O O     . LEU B 1 90 ? -6.836  11.466  3.501   1.00 7.16  ? 90  LEU B O     1 
ATOM   1414 C CB    . LEU B 1 90 ? -4.910  8.837   2.670   1.00 10.17 ? 90  LEU B CB    1 
ATOM   1415 C CG    . LEU B 1 90 ? -4.302  8.024   1.532   1.00 10.23 ? 90  LEU B CG    1 
ATOM   1416 C CD1   . LEU B 1 90 ? -4.194  6.570   1.929   1.00 10.92 ? 90  LEU B CD1   1 
ATOM   1417 C CD2   . LEU B 1 90 ? -5.255  8.117   0.329   1.00 11.20 ? 90  LEU B CD2   1 
ATOM   1418 N N     . THR B 1 91 ? -4.892  11.322  4.716   1.00 8.33  ? 91  THR B N     1 
ATOM   1419 C CA    . THR B 1 91 ? -5.456  12.061  5.839   1.00 8.99  ? 91  THR B CA    1 
ATOM   1420 C C     . THR B 1 91 ? -5.694  13.524  5.468   1.00 10.01 ? 91  THR B C     1 
ATOM   1421 O O     . THR B 1 91 ? -6.423  14.265  6.147   1.00 10.96 ? 91  THR B O     1 
ATOM   1422 C CB    . THR B 1 91 ? -4.449  12.014  7.033   1.00 8.71  ? 91  THR B CB    1 
ATOM   1423 O OG1   . THR B 1 91 ? -3.376  12.839  6.544   1.00 9.83  ? 91  THR B OG1   1 
ATOM   1424 C CG2   . THR B 1 91 ? -3.922  10.695  7.589   1.00 9.21  ? 91  THR B CG2   1 
ATOM   1425 N N     . ALA B 1 92 ? -5.066  14.081  4.438   1.00 10.78 ? 92  ALA B N     1 
ATOM   1426 C CA    . ALA B 1 92 ? -5.244  15.487  4.053   1.00 10.96 ? 92  ALA B CA    1 
ATOM   1427 C C     . ALA B 1 92 ? -6.576  15.670  3.333   1.00 11.04 ? 92  ALA B C     1 
ATOM   1428 O O     . ALA B 1 92 ? -7.071  16.790  3.269   1.00 11.98 ? 92  ALA B O     1 
ATOM   1429 C CB    . ALA B 1 92 ? -4.086  16.005  3.214   1.00 10.49 ? 92  ALA B CB    1 
ATOM   1430 N N     . LEU B 1 93 ? -7.156  14.632  2.802   1.00 10.90 ? 93  LEU B N     1 
ATOM   1431 C CA    . LEU B 1 93 ? -8.420  14.671  2.075   1.00 10.39 ? 93  LEU B CA    1 
ATOM   1432 C C     . LEU B 1 93 ? -9.583  14.061  2.861   1.00 10.00 ? 93  LEU B C     1 
ATOM   1433 O O     . LEU B 1 93 ? -10.709 14.121  2.380   1.00 9.87  ? 93  LEU B O     1 
ATOM   1434 C CB    . LEU B 1 93 ? -8.181  13.938  0.764   1.00 9.80  ? 93  LEU B CB    1 
ATOM   1435 C CG    . LEU B 1 93 ? -7.333  14.235  -0.410  1.00 9.35  ? 93  LEU B CG    1 
ATOM   1436 C CD1   . LEU B 1 93 ? -6.943  12.818  -0.961  1.00 10.33 ? 93  LEU B CD1   1 
ATOM   1437 C CD2   . LEU B 1 93 ? -8.051  14.928  -1.548  1.00 8.71  ? 93  LEU B CD2   1 
ATOM   1438 N N     . GLY B 1 94 ? -9.333  13.475  3.985   1.00 10.21 ? 94  GLY B N     1 
ATOM   1439 C CA    . GLY B 1 94 ? -10.227 12.831  4.902   1.00 10.95 ? 94  GLY B CA    1 
ATOM   1440 C C     . GLY B 1 94 ? -10.732 11.467  4.442   1.00 11.84 ? 94  GLY B C     1 
ATOM   1441 O O     . GLY B 1 94 ? -11.920 11.144  4.591   1.00 11.56 ? 94  GLY B O     1 
ATOM   1442 N N     . MET B 1 95 ? -9.836  10.660  3.923   1.00 12.36 ? 95  MET B N     1 
ATOM   1443 C CA    . MET B 1 95 ? -10.161 9.309   3.400   1.00 13.60 ? 95  MET B CA    1 
ATOM   1444 C C     . MET B 1 95 ? -9.925  8.297   4.523   1.00 14.32 ? 95  MET B C     1 
ATOM   1445 O O     . MET B 1 95 ? -9.116  8.569   5.460   1.00 14.82 ? 95  MET B O     1 
ATOM   1446 C CB    . MET B 1 95 ? -9.231  9.147   2.191   1.00 13.82 ? 95  MET B CB    1 
ATOM   1447 C CG    . MET B 1 95 ? -9.831  8.392   1.017   1.00 13.87 ? 95  MET B CG    1 
ATOM   1448 S SD    . MET B 1 95 ? -8.618  8.466   -0.400  1.00 15.00 ? 95  MET B SD    1 
ATOM   1449 C CE    . MET B 1 95 ? -9.910  8.341   -1.662  1.00 14.10 ? 95  MET B CE    1 
ATOM   1450 N N     . SER B 1 96 ? -10.648 7.180   4.470   1.00 14.09 ? 96  SER B N     1 
ATOM   1451 C CA    . SER B 1 96 ? -10.418 6.176   5.540   1.00 13.59 ? 96  SER B CA    1 
ATOM   1452 C C     . SER B 1 96 ? -10.657 4.848   4.839   1.00 13.47 ? 96  SER B C     1 
ATOM   1453 O O     . SER B 1 96 ? -11.258 4.976   3.748   1.00 14.50 ? 96  SER B O     1 
ATOM   1454 C CB    . SER B 1 96 ? -11.373 6.359   6.700   1.00 13.67 ? 96  SER B CB    1 
ATOM   1455 O OG    . SER B 1 96 ? -12.727 6.201   6.264   1.00 13.78 ? 96  SER B OG    1 
ATOM   1456 N N     . LEU B 1 97 ? -10.245 3.791   5.443   1.00 13.35 ? 97  LEU B N     1 
ATOM   1457 C CA    . LEU B 1 97 ? -10.481 2.420   4.939   1.00 14.13 ? 97  LEU B CA    1 
ATOM   1458 C C     . LEU B 1 97 ? -11.651 1.984   5.848   1.00 15.02 ? 97  LEU B C     1 
ATOM   1459 O O     . LEU B 1 97 ? -11.427 2.282   7.038   1.00 16.42 ? 97  LEU B O     1 
ATOM   1460 C CB    . LEU B 1 97 ? -9.303  1.574   5.378   1.00 13.86 ? 97  LEU B CB    1 
ATOM   1461 C CG    . LEU B 1 97 ? -8.652  0.410   4.716   1.00 13.60 ? 97  LEU B CG    1 
ATOM   1462 C CD1   . LEU B 1 97 ? -9.437  -0.236  3.580   1.00 13.46 ? 97  LEU B CD1   1 
ATOM   1463 C CD2   . LEU B 1 97 ? -7.316  0.944   4.219   1.00 14.80 ? 97  LEU B CD2   1 
ATOM   1464 N N     . ASN B 1 98 ? -12.736 1.414   5.451   1.00 16.68 ? 98  ASN B N     1 
ATOM   1465 C CA    . ASN B 1 98 ? -13.847 0.993   6.325   1.00 17.73 ? 98  ASN B CA    1 
ATOM   1466 C C     . ASN B 1 98 ? -14.170 -0.465  6.026   1.00 17.80 ? 98  ASN B C     1 
ATOM   1467 O O     . ASN B 1 98 ? -13.645 -1.048  5.058   1.00 18.80 ? 98  ASN B O     1 
ATOM   1468 C CB    . ASN B 1 98 ? -15.084 1.876   6.150   1.00 18.86 ? 98  ASN B CB    1 
ATOM   1469 C CG    . ASN B 1 98 ? -14.758 3.337   5.908   1.00 20.02 ? 98  ASN B CG    1 
ATOM   1470 O OD1   . ASN B 1 98 ? -14.204 3.718   4.852   1.00 21.25 ? 98  ASN B OD1   1 
ATOM   1471 N ND2   . ASN B 1 98 ? -15.081 4.268   6.788   1.00 20.64 ? 98  ASN B ND2   1 
ATOM   1472 N N     . LEU B 1 99 ? -15.014 -1.084  6.799   1.00 18.49 ? 99  LEU B N     1 
ATOM   1473 C CA    . LEU B 1 99 ? -15.423 -2.496  6.594   1.00 18.55 ? 99  LEU B CA    1 
ATOM   1474 C C     . LEU B 1 99 ? -16.946 -2.590  6.690   1.00 18.59 ? 99  LEU B C     1 
ATOM   1475 O O     . LEU B 1 99 ? -17.357 -2.172  7.797   1.00 19.40 ? 99  LEU B O     1 
ATOM   1476 C CB    . LEU B 1 99 ? -14.590 -3.454  7.402   1.00 18.36 ? 99  LEU B CB    1 
ATOM   1477 C CG    . LEU B 1 99 ? -14.980 -4.878  7.758   1.00 18.70 ? 99  LEU B CG    1 
ATOM   1478 C CD1   . LEU B 1 99 ? -15.818 -5.594  6.707   1.00 18.51 ? 99  LEU B CD1   1 
ATOM   1479 C CD2   . LEU B 1 99 ? -13.660 -5.648  7.923   1.00 18.19 ? 99  LEU B CD2   1 
HETATM 1480 C C     . 1ZK C 2 .  ? 6.766   2.371   3.625   0.50 18.24 ? 100 1ZK B C     1 
HETATM 1481 C CA    . 1ZK C 2 .  ? 7.780   1.979   4.708   0.50 18.78 ? 100 1ZK B CA    1 
HETATM 1482 C C1    . 1ZK C 2 .  ? 8.243   -0.043  6.071   0.50 20.36 ? 100 1ZK B C1    1 
HETATM 1483 C C2    . 1ZK C 2 .  ? 7.621   -0.325  7.301   0.50 20.84 ? 100 1ZK B C2    1 
HETATM 1484 C C3    . 1ZK C 2 .  ? 8.312   -1.050  8.288   0.50 21.17 ? 100 1ZK B C3    1 
HETATM 1485 C C4    . 1ZK C 2 .  ? 9.612   -1.497  8.047   0.50 20.95 ? 100 1ZK B C4    1 
HETATM 1486 C C4A   . 1ZK C 2 .  ? 10.223  -1.227  6.817   0.50 21.01 ? 100 1ZK B C4A   1 
HETATM 1487 C C5    . 1ZK C 2 .  ? 11.537  -1.680  6.594   0.50 21.13 ? 100 1ZK B C5    1 
HETATM 1488 C C6    . 1ZK C 2 .  ? 12.162  -1.398  5.368   0.50 21.20 ? 100 1ZK B C6    1 
HETATM 1489 C C7    . 1ZK C 2 .  ? 11.470  -0.676  4.378   0.50 21.10 ? 100 1ZK B C7    1 
HETATM 1490 C C8    . 1ZK C 2 .  ? 10.156  -0.243  4.615   0.50 20.98 ? 100 1ZK B C8    1 
HETATM 1491 C C1A   . 1ZK C 2 .  ? 9.531   -0.508  5.837   0.50 20.67 ? 100 1ZK B C1A   1 
HETATM 1492 O O     . 1ZK C 2 .  ? 5.808   3.133   3.857   0.50 17.86 ? 100 1ZK B O     1 
HETATM 1493 O O1    . 1ZK C 2 .  ? 7.532   0.653   5.155   0.50 19.90 ? 100 1ZK B O1    1 
HETATM 1494 N N     . 1ZK C 2 .  ? 7.005   1.852   2.437   0.50 17.21 ? 100 1ZK B N     1 
HETATM 1495 C CA1   . 1ZK C 2 .  ? 6.191   2.101   1.231   0.50 15.97 ? 100 1ZK B CA1   1 
HETATM 1496 C C9    . 1ZK C 2 .  ? 6.030   0.754   0.539   0.50 15.41 ? 100 1ZK B C9    1 
HETATM 1497 O O2    . 1ZK C 2 .  ? 6.950   0.321   -0.185  0.50 14.98 ? 100 1ZK B O2    1 
HETATM 1498 C CB    . 1ZK C 2 .  ? 6.970   3.089   0.303   0.50 16.40 ? 100 1ZK B CB    1 
HETATM 1499 C CG    . 1ZK C 2 .  ? 7.350   4.305   1.101   0.50 16.52 ? 100 1ZK B CG    1 
HETATM 1500 N ND1   . 1ZK C 2 .  ? 8.370   4.351   2.004   0.50 16.82 ? 100 1ZK B ND1   1 
HETATM 1501 C CD2   . 1ZK C 2 .  ? 6.780   5.532   1.159   0.50 16.82 ? 100 1ZK B CD2   1 
HETATM 1502 C CE1   . 1ZK C 2 .  ? 8.418   5.537   2.587   0.50 16.83 ? 100 1ZK B CE1   1 
HETATM 1503 N NE2   . 1ZK C 2 .  ? 7.452   6.270   2.082   0.50 16.62 ? 100 1ZK B NE2   1 
HETATM 1504 N N1    . 1ZK C 2 .  ? 4.895   0.118   0.812   0.50 14.15 ? 100 1ZK B N1    1 
HETATM 1505 C CA2   . 1ZK C 2 .  ? 4.625   -1.214  0.232   0.50 13.48 ? 100 1ZK B CA2   1 
HETATM 1506 C CB1   . 1ZK C 2 .  ? 4.653   -2.304  1.116   0.50 13.46 ? 100 1ZK B CB1   1 
HETATM 1507 C CG1   . 1ZK C 2 .  ? 5.595   -2.194  2.315   0.50 13.27 ? 100 1ZK B CG1   1 
HETATM 1508 C CD1   . 1ZK C 2 .  ? 6.470   -3.463  2.419   0.50 13.10 ? 100 1ZK B CD1   1 
HETATM 1509 C CD21  . 1ZK C 2 .  ? 4.712   -2.061  3.581   0.50 12.81 ? 100 1ZK B CD21  1 
HETATM 1510 C CE11  . 1ZK C 2 .  ? 7.396   -3.291  3.648   0.50 12.81 ? 100 1ZK B CE11  1 
HETATM 1511 C CE2   . 1ZK C 2 .  ? 5.500   -2.123  4.875   0.50 12.80 ? 100 1ZK B CE2   1 
HETATM 1512 C CZ    . 1ZK C 2 .  ? 6.498   -3.273  4.906   0.50 13.36 ? 100 1ZK B CZ    1 
HETATM 1513 C CH    . 1ZK C 2 .  ? 3.414   -1.166  -0.700  0.50 13.45 ? 100 1ZK B CH    1 
HETATM 1514 O OH    . 1ZK C 2 .  ? 2.220   -1.134  -0.408  0.50 12.60 ? 100 1ZK B OH    1 
HETATM 1515 C CB11  . 1ZK C 2 .  ? 3.852   -0.443  -1.976  0.50 13.49 ? 100 1ZK B CB11  1 
HETATM 1516 C "CA'" . 1ZK C 2 .  ? 3.258   -1.183  -3.174  0.50 13.67 ? 100 1ZK B "CA'" 1 
HETATM 1517 C "CB'" . 1ZK C 2 .  ? 3.653   -0.380  -4.366  0.50 13.55 ? 100 1ZK B "CB'" 1 
HETATM 1518 C CG11  . 1ZK C 2 .  ? 5.131   0.039   -4.513  0.50 13.82 ? 100 1ZK B CG11  1 
HETATM 1519 C CG2   . 1ZK C 2 .  ? 3.177   -0.977  -5.682  0.50 13.58 ? 100 1ZK B CG2   1 
HETATM 1520 O OB1   . 1ZK C 2 .  ? 3.372   0.912   -1.881  0.50 13.10 ? 100 1ZK B OB1   1 
HETATM 1521 C CC    . 1ZK C 2 .  ? 3.843   -2.608  -3.291  0.50 14.17 ? 100 1ZK B CC    1 
HETATM 1522 O O3    . 1ZK C 2 .  ? 4.856   -3.045  -2.710  0.50 14.52 ? 100 1ZK B O3    1 
HETATM 1523 N N2    . 1ZK C 2 .  ? 3.124   -3.344  -4.109  0.50 13.87 ? 100 1ZK B N2    1 
HETATM 1524 C CA3   . 1ZK C 2 .  ? 3.294   -4.696  -4.591  0.50 14.04 ? 100 1ZK B CA3   1 
HETATM 1525 C CD    . 1ZK C 2 .  ? 2.486   -4.743  -5.901  0.50 14.49 ? 100 1ZK B CD    1 
HETATM 1526 O O4    . 1ZK C 2 .  ? 1.319   -5.133  -6.010  0.50 14.20 ? 100 1ZK B O4    1 
HETATM 1527 C CB2   . 1ZK C 2 .  ? 3.208   -5.879  -3.609  0.50 14.08 ? 100 1ZK B CB2   1 
HETATM 1528 C CG12  . 1ZK C 2 .  ? 2.722   -7.144  -4.364  0.50 13.97 ? 100 1ZK B CG12  1 
HETATM 1529 C CG21  . 1ZK C 2 .  ? 2.474   -5.675  -2.277  0.50 13.77 ? 100 1ZK B CG21  1 
HETATM 1530 C CD11  . 1ZK C 2 .  ? 3.522   -7.440  -5.659  0.50 14.44 ? 100 1ZK B CD11  1 
HETATM 1531 N N3    . 1ZK C 2 .  ? 3.185   -4.266  -6.918  0.50 14.84 ? 100 1ZK B N3    1 
HETATM 1532 C CM    . 1ZK C 2 .  ? 2.751   -4.126  -8.303  0.50 15.42 ? 100 1ZK B CM    1 
HETATM 1533 C C21   . 1ZK C 2 .  ? 3.921   -3.900  -9.203  0.50 16.51 ? 100 1ZK B C21   1 
HETATM 1534 C C31   . 1ZK C 2 .  ? 5.241   -3.979  -8.737  0.50 16.91 ? 100 1ZK B C31   1 
HETATM 1535 C C41   . 1ZK C 2 .  ? 6.304   -3.797  -9.628  0.50 17.02 ? 100 1ZK B C41   1 
HETATM 1536 C C51   . 1ZK C 2 .  ? 6.024   -3.520  -10.976 0.50 17.27 ? 100 1ZK B C51   1 
HETATM 1537 C C61   . 1ZK C 2 .  ? 4.685   -3.458  -11.392 0.50 17.00 ? 100 1ZK B C61   1 
HETATM 1538 N N11   . 1ZK C 2 .  ? 3.699   -3.639  -10.502 0.50 16.98 ? 100 1ZK B N11   1 
HETATM 1539 O O     . HOH D 3 .  ? -0.749  -2.558  -6.302  0.94 6.80  ? 400 HOH A O     1 
HETATM 1540 O O     . HOH D 3 .  ? -7.129  9.223   8.032   1.00 9.32  ? 401 HOH A O     1 
HETATM 1541 O O     . HOH D 3 .  ? 5.198   -21.349 5.340   0.83 19.38 ? 402 HOH A O     1 
HETATM 1542 O O     . HOH D 3 .  ? 7.026   -17.339 -10.887 0.88 21.24 ? 403 HOH A O     1 
HETATM 1543 O O     . HOH D 3 .  ? -8.381  -22.151 -6.210  0.64 23.02 ? 404 HOH A O     1 
HETATM 1544 O O     . HOH D 3 .  ? -10.299 -13.794 -3.164  0.89 11.28 ? 405 HOH A O     1 
HETATM 1545 O O     . HOH D 3 .  ? -15.509 -7.001  -1.984  0.84 11.84 ? 406 HOH A O     1 
HETATM 1546 O O     . HOH D 3 .  ? -14.542 -4.312  -1.816  1.00 11.35 ? 407 HOH A O     1 
HETATM 1547 O O     . HOH D 3 .  ? -16.579 9.876   0.011   0.89 19.41 ? 408 HOH A O     1 
HETATM 1548 O O     . HOH D 3 .  ? -8.697  9.900   13.290  0.61 20.33 ? 417 HOH A O     1 
HETATM 1549 O O     . HOH D 3 .  ? -5.431  -9.151  -5.253  0.81 20.82 ? 418 HOH A O     1 
HETATM 1550 O O     . HOH D 3 .  ? -1.260  -13.395 -1.629  0.94 9.07  ? 419 HOH A O     1 
HETATM 1551 O O     . HOH D 3 .  ? 14.757  -12.574 -2.134  0.88 13.45 ? 420 HOH A O     1 
HETATM 1552 O O     . HOH D 3 .  ? 3.091   -0.968  12.969  0.73 32.94 ? 422 HOH A O     1 
HETATM 1553 O O     . HOH D 3 .  ? -8.536  -9.195  13.367  0.63 20.82 ? 423 HOH A O     1 
HETATM 1554 O O     . HOH D 3 .  ? 0.950   -8.171  -8.928  0.76 9.97  ? 424 HOH A O     1 
HETATM 1555 O O     . HOH D 3 .  ? -0.412  -26.001 2.442   0.96 23.47 ? 425 HOH A O     1 
HETATM 1556 O O     . HOH D 3 .  ? -1.148  -24.677 -3.060  0.84 20.10 ? 426 HOH A O     1 
HETATM 1557 O O     . HOH D 3 .  ? 2.829   -12.074 -8.248  0.86 18.50 ? 427 HOH A O     1 
HETATM 1558 O O     . HOH D 3 .  ? 6.989   -11.034 -10.522 0.76 13.29 ? 428 HOH A O     1 
HETATM 1559 O O     . HOH D 3 .  ? 5.103   -7.807  -8.591  0.81 15.14 ? 429 HOH A O     1 
HETATM 1560 O O     . HOH D 3 .  ? -4.900  -7.044  19.847  0.48 25.46 ? 436 HOH A O     1 
HETATM 1561 O O     . HOH D 3 .  ? 1.565   -7.043  -12.139 0.82 17.41 ? 437 HOH A O     1 
HETATM 1562 O O     . HOH D 3 .  ? -16.205 -6.547  11.482  0.79 21.98 ? 438 HOH A O     1 
HETATM 1563 O O     . HOH E 3 .  ? -10.523 -0.014  -6.670  1.00 13.36 ? 409 HOH B O     1 
HETATM 1564 O O     . HOH E 3 .  ? -10.032 2.348   -9.347  0.83 19.86 ? 410 HOH B O     1 
HETATM 1565 O O     . HOH E 3 .  ? -5.811  -3.906  -11.280 0.96 25.57 ? 411 HOH B O     1 
HETATM 1566 O O     . HOH E 3 .  ? -4.910  22.485  -9.386  0.77 21.61 ? 412 HOH B O     1 
HETATM 1567 O O     . HOH E 3 .  ? 12.818  16.280  -9.662  0.98 15.15 ? 413 HOH B O     1 
HETATM 1568 O O     . HOH E 3 .  ? 15.146  7.043   -6.851  0.83 12.98 ? 414 HOH B O     1 
HETATM 1569 O O     . HOH E 3 .  ? 2.343   16.360  3.985   1.00 10.02 ? 415 HOH B O     1 
HETATM 1570 O O     . HOH E 3 .  ? 6.274   12.225  1.378   0.89 14.50 ? 421 HOH B O     1 
HETATM 1571 O O     . HOH E 3 .  ? -17.387 14.494  -4.467  0.86 17.70 ? 430 HOH B O     1 
HETATM 1572 O O     . HOH E 3 .  ? 1.073   5.863   -11.890 0.75 12.17 ? 431 HOH B O     1 
HETATM 1573 O O     . HOH E 3 .  ? 0.497   2.710   5.993   0.74 8.68  ? 432 HOH B O     1 
HETATM 1574 O O     . HOH E 3 .  ? 2.209   9.871   6.343   0.59 15.34 ? 433 HOH B O     1 
HETATM 1575 O O     . HOH E 3 .  ? 21.189  9.468   -6.760  0.71 22.71 ? 434 HOH B O     1 
HETATM 1576 O O     . HOH E 3 .  ? 7.649   -2.252  -1.918  0.99 20.06 ? 435 HOH B O     1 
HETATM 1577 O O     . HOH E 3 .  ? 6.788   19.132  -11.561 0.76 20.40 ? 439 HOH B O     1 
HETATM 1578 O O     . HOH E 3 .  ? -6.213  7.742   -14.381 0.78 18.84 ? 440 HOH B O     1 
HETATM 1579 O O     . HOH E 3 .  ? 8.632   25.052  -11.029 0.80 21.52 ? 441 HOH B O     1 
# 
